data_9GZM
#
_entry.id   9GZM
#
_cell.length_a   1.00
_cell.length_b   1.00
_cell.length_c   1.00
_cell.angle_alpha   90.00
_cell.angle_beta   90.00
_cell.angle_gamma   90.00
#
_symmetry.space_group_name_H-M   'P 1'
#
loop_
_entity.id
_entity.type
_entity.pdbx_description
1 polymer 'DNA-directed RNA polymerase, mitochondrial'
2 polymer 'Non-template strand DNA (56-MER)'
3 polymer 'Template strand DNA (56-MER)'
4 polymer 'Dimethyladenosine transferase 2, mitochondrial'
5 polymer "RNA (5'-D(*(GTP))-R(P*A)-3')"
6 polymer 'Transcription factor A, mitochondrial'
7 non-polymer "GUANOSINE-5'-TRIPHOSPHATE"
8 non-polymer 'MAGNESIUM ION'
#
loop_
_entity_poly.entity_id
_entity_poly.type
_entity_poly.pdbx_seq_one_letter_code
_entity_poly.pdbx_strand_id
1 'polypeptide(L)'
;SASPQEQDQDRRKDWGHVELLEVLQARVRQLQAESVSEVVVNRVDVARLPECGSGDGSLQPPRKVQMGAKDATPVPCGRW
AKILEKDKRTQQMRMQRLKAKLQMPFQSGEFKALTRRLQVEPRLLSKQMAGCLEDCTRQAPESPWEEQLARLLQEAPGKL
SLDVEQAPSGQHSQAQLSGQQQRLLAFFKCCLLTDQLPLAHHLLVVHHGQRQKRKLLTLDMYNAVMLGWARQGAFKELVY
VLFMVKDAGLTPDLLSYAAALQCMGRQDQDAGTIERCLEQMSQEGLKLQALFTAVLLSEEDRATVLKAVHKVKPTFSLPP
QLPPPVNTSKLLRDVYAKDGRVSYPKLHLPLKTLQCLFEKQLHMELASRVCVVSVEKPTLPSKEVKHARKTLKTLRDQWE
KALCRALRETKNRLEREVYEGRFSLYPFLCLLDEREVVRMLLQVLQALPAQGESFTTLARELSARTFSRHVVQRQRVSGQ
VQALQNHYRKYLCLLASDAEVPEPCLPRQYWEELGAPEALREQPWPLPVQMELGKLLAEMLVQATQMPCSLDKPHRSSRL
VPVLYHVYSFRNVQQIGILKPHPAYVQLLEKAAEPTLTFEAVDVPMLCPPLPWTSPHSGAFLLSPTKLMRTVEGATQHQE
LLETCPPTALHGALDALTQLGNCAWRVNGRVLDLVLQLFQAKGCPQLGVPAPPSEAPQPPEAHLPHSAAPARKAELRREL
AHCQKVAREMHSLRAEALYRLSLAQHLRDRVFWLPHNMDFRGRTYPCPPHFNHLGSDVARALLEFAQGRPLGPHGLDWLK
IHLVNLTGLKKREPLRKRLAFAEEVMDDILDSADQPLTGRKWWMGAEEPWQTLACCMEVANAVRASDPAAYVSHLPVHQD
GSCNGLQHYAALGRDSVGAASVNLEPSDVPQDVYSGVAAQVEVFRRQDAQRGMRVAQVLEGFITRKVVKQTVMTVVYGVT
RYGGRLQIEKRLRELSDFPQEFVWEASHYLVRQVFKSLQEMFSGTRAIQHWLTESARLISHMGSVVEWVTPLGVPVIQPY
RLDSKVKQIGGGIQSITYTHNGDISRKPNTRKQKNGFPPNFIHSLDSSHMMLTALHCYRKGLTFVSVHDCYWTHAADVSV
MNQVCREQFVRLHSEPILQDLSRFLVKRFCSEPQKILEASQLKETLQAVPKPGAFDLEQVKRSTYFFS
;
A
2 'polydeoxyribonucleotide'
;(DA)(DT)(DG)(DT)(DG)(DT)(DT)(DA)(DG)(DT)(DT)(DG)(DG)(DG)(DG)(DG)(DG)(DT)(DG)(DA)
(DC)(DT)(DG)(DT)(DT)(DA)(DA)(DA)(DA)(DG)(DT)(DG)(DC)(DA)(DT)(DA)(DC)(DC)(DG)(DA)
(DA)(DC)(DA)(DA)(DA)(DG)(DA)(DT)(DA)(DA)(DA)(DA)(DT)(DT)(DT)(DG)
;
N
3 'polydeoxyribonucleotide'
;(DC)(DA)(DA)(DA)(DT)(DT)(DT)(DT)(DA)(DT)(DC)(DT)(DC)(DC)(DA)(DG)(DG)(DC)(DG)(DG)
(DT)(DA)(DT)(DG)(DC)(DA)(DC)(DT)(DT)(DT)(DT)(DA)(DA)(DC)(DA)(DG)(DT)(DC)(DA)(DC)
(DC)(DC)(DC)(DC)(DC)(DA)(DA)(DC)(DT)(DA)(DA)(DC)(DA)(DC)(DA)(DT)
;
T
4 'polypeptide(L)'
;PPRKASKASLDFKRYVTDRRLAETLAQIYLGKPSRPPHLLLECNPGPGILTQALLEAGAKVVALESDKTFIPHLESLGKN
LDGKLRVIHCDFFKLDPRSGGVIKPPAMSSRGLFKNLGIEAVPWTADIPLKVVGMFPSRGEKRALWKLAYDLYSCTSIYK
FGRIEVNMFIGEKEFQKLMADPGNPDLYHVLSVIWQLACEIKVLHMEPWSSFDIYTRKGPLENPKRRELLDQLQQKLYLI
QMIPRQNLFTKNLTPMNYNIFFHLLKHCFGRRSATVIDHLRSLTPLDARDILMQIGKQEDEKVVNMHPQDFKTLFETIER
SKDCAYKWLYDETLEDR
;
B
5 'polyribonucleotide' (GTP)A R
6 'polypeptide(L)'
;MSYYHHHHHHDYDIPTTENLYFQGAMGSSVLASCPKKPVSSYLRFSKEQLPIFKAQNPDAKTTELIRRIAQRWRELPDSK
KKIYQDAYRAEWQVYKEEISRFKEQLTPSQIMSLEKEIMDKHLKRKAMTKKKELTLLGKPKRPRSAYNVYVAERFQEAKG
DSPQEKLKTVKENWKNLSDSEKELYIQHAKEDETRYHNEMKSWEEQMIEVGRKDLLRRTIKKQRKYGAEE
;
C
#
loop_
_chem_comp.id
_chem_comp.type
_chem_comp.name
_chem_comp.formula
A RNA linking ADENOSINE-5'-MONOPHOSPHATE 'C10 H14 N5 O7 P'
DA DNA linking 2'-DEOXYADENOSINE-5'-MONOPHOSPHATE 'C10 H14 N5 O6 P'
DC DNA linking 2'-DEOXYCYTIDINE-5'-MONOPHOSPHATE 'C9 H14 N3 O7 P'
DG DNA linking 2'-DEOXYGUANOSINE-5'-MONOPHOSPHATE 'C10 H14 N5 O7 P'
DT DNA linking THYMIDINE-5'-MONOPHOSPHATE 'C10 H15 N2 O8 P'
GTP non-polymer GUANOSINE-5'-TRIPHOSPHATE 'C10 H16 N5 O14 P3'
MG non-polymer 'MAGNESIUM ION' 'Mg 2'
#
# COMPACT_ATOMS: atom_id res chain seq x y z
N TRP A 80 20.79 17.77 65.99
CA TRP A 80 20.44 16.52 65.34
C TRP A 80 21.68 15.76 64.88
N ALA A 81 22.21 14.92 65.77
CA ALA A 81 23.37 14.10 65.40
C ALA A 81 23.02 13.12 64.30
N LYS A 82 21.75 12.67 64.26
CA LYS A 82 21.31 11.78 63.20
C LYS A 82 21.42 12.46 61.83
N ILE A 83 21.03 13.73 61.77
CA ILE A 83 21.13 14.47 60.51
C ILE A 83 22.59 14.57 60.09
N LEU A 84 23.49 14.83 61.04
CA LEU A 84 24.91 14.94 60.72
C LEU A 84 25.47 13.63 60.20
N GLU A 85 25.13 12.51 60.85
CA GLU A 85 25.64 11.23 60.39
C GLU A 85 25.06 10.86 59.03
N LYS A 86 23.78 11.20 58.80
CA LYS A 86 23.20 10.98 57.47
C LYS A 86 23.94 11.79 56.42
N ASP A 87 24.25 13.06 56.72
CA ASP A 87 24.96 13.90 55.77
C ASP A 87 26.34 13.35 55.46
N LYS A 88 27.08 12.92 56.49
CA LYS A 88 28.43 12.40 56.25
C LYS A 88 28.38 11.10 55.47
N ARG A 89 27.39 10.24 55.75
CA ARG A 89 27.26 9.01 54.99
C ARG A 89 26.91 9.28 53.53
N THR A 90 26.02 10.26 53.28
CA THR A 90 25.70 10.61 51.90
C THR A 90 26.92 11.18 51.18
N GLN A 91 27.71 12.00 51.87
CA GLN A 91 28.93 12.54 51.26
C GLN A 91 29.90 11.42 50.91
N GLN A 92 30.07 10.46 51.83
CA GLN A 92 30.96 9.33 51.57
C GLN A 92 30.47 8.49 50.39
N MET A 93 29.15 8.25 50.33
CA MET A 93 28.60 7.48 49.21
C MET A 93 28.77 8.22 47.89
N ARG A 94 28.58 9.54 47.90
CA ARG A 94 28.79 10.33 46.69
C ARG A 94 30.25 10.26 46.23
N MET A 95 31.18 10.39 47.16
CA MET A 95 32.60 10.28 46.81
C MET A 95 32.93 8.90 46.27
N GLN A 96 32.38 7.86 46.89
CA GLN A 96 32.62 6.49 46.43
C GLN A 96 32.09 6.30 45.01
N ARG A 97 30.88 6.78 44.75
CA ARG A 97 30.30 6.64 43.41
C ARG A 97 31.10 7.42 42.38
N LEU A 98 31.54 8.63 42.73
CA LEU A 98 32.34 9.41 41.80
C LEU A 98 33.65 8.73 41.48
N LYS A 99 34.33 8.19 42.51
CA LYS A 99 35.59 7.49 42.29
C LYS A 99 35.37 6.24 41.43
N ALA A 100 34.30 5.50 41.71
CA ALA A 100 34.02 4.29 40.94
C ALA A 100 33.75 4.61 39.48
N LYS A 101 32.96 5.65 39.23
CA LYS A 101 32.68 6.05 37.86
C LYS A 101 33.93 6.54 37.14
N LEU A 102 34.78 7.30 37.85
CA LEU A 102 36.01 7.77 37.23
C LEU A 102 36.95 6.61 36.90
N GLN A 103 37.02 5.61 37.77
CA GLN A 103 37.89 4.46 37.55
C GLN A 103 37.24 3.40 36.67
N MET A 104 35.97 3.07 36.92
CA MET A 104 35.28 2.02 36.16
C MET A 104 34.00 2.56 35.54
N THR A 115 23.79 1.80 35.11
CA THR A 115 24.28 3.02 34.49
C THR A 115 24.39 2.87 32.97
N ARG A 116 24.12 3.95 32.25
CA ARG A 116 24.19 3.96 30.78
C ARG A 116 25.12 5.08 30.35
N ARG A 117 26.26 4.71 29.76
CA ARG A 117 27.26 5.64 29.30
C ARG A 117 27.68 5.28 27.88
N LEU A 118 27.87 6.30 27.04
CA LEU A 118 28.28 6.07 25.67
C LEU A 118 29.71 5.54 25.62
N GLN A 119 29.93 4.53 24.79
CA GLN A 119 31.23 3.87 24.69
C GLN A 119 31.96 4.38 23.46
N VAL A 120 33.19 4.87 23.66
CA VAL A 120 33.99 5.46 22.60
C VAL A 120 35.17 4.56 22.23
N GLU A 121 35.97 4.17 23.21
CA GLU A 121 37.15 3.37 22.92
C GLU A 121 36.75 1.97 22.50
N PRO A 122 37.16 1.51 21.32
CA PRO A 122 36.74 0.18 20.84
C PRO A 122 37.53 -0.95 21.50
N ARG A 123 37.01 -2.16 21.33
CA ARG A 123 37.68 -3.38 21.77
C ARG A 123 37.98 -4.21 20.52
N LEU A 124 39.26 -4.44 20.25
CA LEU A 124 39.70 -5.09 19.03
C LEU A 124 40.10 -6.54 19.29
N LEU A 125 39.81 -7.40 18.32
CA LEU A 125 40.11 -8.82 18.46
C LEU A 125 41.62 -9.07 18.37
N SER A 126 42.29 -8.46 17.40
CA SER A 126 43.71 -8.68 17.19
C SER A 126 44.50 -8.18 18.38
N LYS A 127 45.30 -9.07 18.98
CA LYS A 127 46.06 -8.71 20.17
C LYS A 127 47.07 -7.62 19.89
N GLN A 128 47.74 -7.70 18.73
CA GLN A 128 48.71 -6.66 18.37
C GLN A 128 48.04 -5.30 18.24
N MET A 129 46.87 -5.26 17.62
CA MET A 129 46.17 -3.98 17.45
C MET A 129 45.67 -3.44 18.78
N ALA A 130 45.21 -4.33 19.67
CA ALA A 130 44.78 -3.88 21.00
C ALA A 130 45.96 -3.29 21.77
N GLY A 131 47.11 -3.96 21.73
CA GLY A 131 48.29 -3.41 22.37
C GLY A 131 48.72 -2.09 21.75
N CYS A 132 48.59 -1.98 20.43
CA CYS A 132 48.93 -0.73 19.76
C CYS A 132 48.02 0.40 20.22
N LEU A 133 46.72 0.13 20.33
CA LEU A 133 45.78 1.13 20.80
C LEU A 133 46.10 1.54 22.24
N GLU A 134 46.41 0.56 23.09
CA GLU A 134 46.74 0.85 24.48
C GLU A 134 47.98 1.74 24.57
N ASP A 135 49.03 1.39 23.83
CA ASP A 135 50.27 2.15 23.94
C ASP A 135 50.14 3.53 23.29
N CYS A 136 49.33 3.65 22.24
CA CYS A 136 49.08 4.96 21.66
C CYS A 136 48.28 5.84 22.62
N THR A 137 47.30 5.26 23.32
CA THR A 137 46.54 6.03 24.29
C THR A 137 47.41 6.47 25.46
N ARG A 138 48.30 5.59 25.93
CA ARG A 138 49.11 5.88 27.10
C ARG A 138 50.49 6.46 26.74
N GLN A 139 50.74 6.77 25.47
CA GLN A 139 52.06 7.23 25.06
C GLN A 139 52.39 8.58 25.66
N ALA A 140 51.51 9.56 25.50
CA ALA A 140 51.76 10.92 25.94
C ALA A 140 50.46 11.70 25.86
N PRO A 141 50.33 12.77 26.66
CA PRO A 141 49.14 13.63 26.49
C PRO A 141 49.04 14.23 25.09
N GLU A 142 50.17 14.59 24.49
CA GLU A 142 50.19 15.03 23.10
C GLU A 142 50.50 13.84 22.19
N SER A 143 49.61 12.86 22.25
CA SER A 143 49.81 11.61 21.55
C SER A 143 49.82 11.83 20.04
N PRO A 144 50.72 11.16 19.32
CA PRO A 144 50.82 11.35 17.86
C PRO A 144 49.64 10.74 17.11
N TRP A 145 48.46 11.32 17.31
CA TRP A 145 47.29 10.94 16.51
C TRP A 145 47.52 11.26 15.04
N GLU A 146 48.11 12.41 14.75
CA GLU A 146 48.34 12.83 13.38
C GLU A 146 49.29 11.88 12.67
N GLU A 147 50.35 11.45 13.35
CA GLU A 147 51.28 10.50 12.74
C GLU A 147 50.71 9.09 12.69
N GLN A 148 49.88 8.71 13.66
CA GLN A 148 49.20 7.43 13.59
C GLN A 148 48.25 7.36 12.41
N LEU A 149 47.70 8.50 12.00
CA LEU A 149 46.90 8.55 10.79
C LEU A 149 47.68 8.04 9.59
N ALA A 150 48.87 8.59 9.36
CA ALA A 150 49.71 8.12 8.26
C ALA A 150 50.17 6.69 8.48
N ARG A 151 50.41 6.32 9.74
CA ARG A 151 50.84 4.96 10.04
C ARG A 151 49.79 3.93 9.61
N LEU A 152 48.51 4.22 9.85
CA LEU A 152 47.46 3.30 9.42
C LEU A 152 47.24 3.36 7.92
N LEU A 153 47.23 4.56 7.33
CA LEU A 153 46.98 4.66 5.90
C LEU A 153 48.17 4.22 5.05
N GLN A 154 49.33 3.97 5.67
CA GLN A 154 50.52 3.61 4.91
C GLN A 154 50.36 2.27 4.21
N GLU A 155 49.86 1.26 4.91
CA GLU A 155 49.86 -0.10 4.37
C GLU A 155 49.00 -0.20 3.11
N ALA A 156 47.67 -0.04 3.27
CA ALA A 156 46.68 -0.06 2.20
C ALA A 156 46.98 -1.10 1.14
N PRO A 157 46.86 -2.40 1.45
CA PRO A 157 47.21 -3.44 0.48
C PRO A 157 46.18 -3.57 -0.65
N ALA A 175 27.08 -8.38 -3.47
CA ALA A 175 25.73 -8.43 -4.03
C ALA A 175 24.81 -7.46 -3.30
N GLN A 176 23.51 -7.75 -3.34
CA GLN A 176 22.54 -6.93 -2.63
C GLN A 176 22.70 -7.10 -1.12
N LEU A 177 22.57 -6.00 -0.39
CA LEU A 177 22.72 -6.02 1.05
C LEU A 177 21.50 -6.63 1.71
N SER A 178 21.69 -7.10 2.94
CA SER A 178 20.59 -7.64 3.72
C SER A 178 19.69 -6.53 4.22
N GLY A 179 18.53 -6.92 4.75
CA GLY A 179 17.63 -5.92 5.32
C GLY A 179 18.26 -5.20 6.51
N GLN A 180 18.89 -5.95 7.41
CA GLN A 180 19.52 -5.33 8.57
C GLN A 180 20.67 -4.42 8.16
N GLN A 181 21.46 -4.84 7.15
CA GLN A 181 22.54 -3.99 6.67
C GLN A 181 22.02 -2.68 6.10
N GLN A 182 20.96 -2.75 5.31
CA GLN A 182 20.35 -1.53 4.76
C GLN A 182 19.83 -0.64 5.87
N ARG A 183 19.18 -1.23 6.88
CA ARG A 183 18.65 -0.42 7.97
C ARG A 183 19.76 0.25 8.76
N LEU A 184 20.87 -0.47 9.00
CA LEU A 184 22.00 0.14 9.71
C LEU A 184 22.63 1.26 8.90
N LEU A 185 22.78 1.06 7.58
CA LEU A 185 23.35 2.12 6.75
C LEU A 185 22.46 3.36 6.76
N ALA A 186 21.15 3.17 6.65
CA ALA A 186 20.23 4.30 6.73
C ALA A 186 20.31 4.97 8.09
N PHE A 187 20.45 4.18 9.15
CA PHE A 187 20.60 4.73 10.49
C PHE A 187 21.83 5.62 10.60
N PHE A 188 22.97 5.14 10.08
CA PHE A 188 24.19 5.93 10.15
C PHE A 188 24.08 7.22 9.34
N LYS A 189 23.53 7.16 8.13
CA LYS A 189 23.40 8.40 7.35
C LYS A 189 22.40 9.36 7.98
N CYS A 190 21.32 8.86 8.56
CA CYS A 190 20.36 9.75 9.22
C CYS A 190 20.96 10.37 10.47
N CYS A 191 21.80 9.63 11.19
CA CYS A 191 22.52 10.24 12.31
C CYS A 191 23.48 11.31 11.83
N LEU A 192 24.10 11.08 10.66
CA LEU A 192 24.95 12.11 10.06
C LEU A 192 24.15 13.37 9.77
N LEU A 193 22.97 13.23 9.18
CA LEU A 193 22.14 14.41 8.89
C LEU A 193 21.68 15.10 10.17
N THR A 194 21.30 14.33 11.18
CA THR A 194 20.66 14.85 12.38
C THR A 194 21.67 15.43 13.38
N ASP A 195 22.96 15.15 13.21
CA ASP A 195 24.02 15.60 14.13
C ASP A 195 23.89 14.96 15.50
N GLN A 196 23.86 13.62 15.52
CA GLN A 196 23.88 12.83 16.74
C GLN A 196 24.96 11.75 16.59
N LEU A 197 26.15 12.18 16.17
CA LEU A 197 27.29 11.31 15.90
C LEU A 197 27.70 10.41 17.05
N PRO A 198 27.68 10.88 18.33
CA PRO A 198 28.03 9.97 19.43
C PRO A 198 27.23 8.68 19.41
N LEU A 199 25.95 8.77 19.07
CA LEU A 199 25.11 7.57 19.01
C LEU A 199 25.58 6.63 17.90
N ALA A 200 25.93 7.17 16.73
CA ALA A 200 26.44 6.34 15.65
C ALA A 200 27.73 5.66 16.05
N HIS A 201 28.64 6.40 16.68
CA HIS A 201 29.91 5.81 17.14
C HIS A 201 29.66 4.71 18.16
N HIS A 202 28.76 4.95 19.11
CA HIS A 202 28.46 3.95 20.13
C HIS A 202 27.88 2.69 19.51
N LEU A 203 26.93 2.84 18.59
CA LEU A 203 26.36 1.68 17.93
C LEU A 203 27.42 0.93 17.13
N LEU A 204 28.32 1.66 16.47
CA LEU A 204 29.36 1.01 15.68
C LEU A 204 30.29 0.20 16.57
N VAL A 205 30.73 0.76 17.69
CA VAL A 205 31.64 0.02 18.55
C VAL A 205 30.93 -1.16 19.21
N VAL A 206 29.66 -1.00 19.56
CA VAL A 206 28.91 -2.11 20.15
C VAL A 206 28.78 -3.25 19.16
N HIS A 207 28.47 -2.94 17.90
CA HIS A 207 28.40 -3.98 16.88
C HIS A 207 29.78 -4.58 16.60
N HIS A 208 30.83 -3.78 16.76
CA HIS A 208 32.18 -4.28 16.57
C HIS A 208 32.57 -5.22 17.70
N GLY A 209 31.90 -5.12 18.85
CA GLY A 209 32.21 -6.00 19.96
C GLY A 209 31.90 -7.45 19.67
N GLN A 210 30.62 -7.78 19.49
CA GLN A 210 30.20 -9.16 19.29
C GLN A 210 30.64 -9.68 17.92
N ARG A 211 30.90 -10.99 17.85
CA ARG A 211 31.38 -11.58 16.61
C ARG A 211 30.29 -11.62 15.54
N GLN A 212 29.09 -12.07 15.93
CA GLN A 212 28.01 -12.17 14.95
C GLN A 212 27.60 -10.81 14.42
N LYS A 213 27.53 -9.80 15.30
CA LYS A 213 27.18 -8.47 14.86
C LYS A 213 28.31 -7.82 14.08
N ARG A 214 29.54 -8.30 14.26
CA ARG A 214 30.67 -7.78 13.49
C ARG A 214 30.55 -8.10 12.01
N LYS A 215 29.85 -9.19 11.66
CA LYS A 215 29.79 -9.63 10.28
C LYS A 215 29.00 -8.66 9.40
N LEU A 216 27.99 -8.00 9.97
CA LEU A 216 27.10 -7.17 9.17
C LEU A 216 27.82 -5.93 8.64
N LEU A 217 28.74 -5.36 9.44
CA LEU A 217 29.36 -4.09 9.08
C LEU A 217 30.15 -4.21 7.78
N THR A 218 30.02 -3.18 6.94
CA THR A 218 30.76 -3.12 5.68
C THR A 218 31.62 -1.87 5.61
N LEU A 219 32.22 -1.60 4.46
CA LEU A 219 33.12 -0.45 4.34
C LEU A 219 32.35 0.87 4.37
N ASP A 220 31.15 0.91 3.80
CA ASP A 220 30.41 2.16 3.69
C ASP A 220 30.07 2.74 5.04
N MET A 221 29.73 1.87 6.01
CA MET A 221 29.38 2.36 7.35
C MET A 221 30.57 3.04 8.01
N TYR A 222 31.74 2.40 7.95
CA TYR A 222 32.94 3.02 8.50
C TYR A 222 33.27 4.31 7.77
N ASN A 223 33.10 4.33 6.45
CA ASN A 223 33.37 5.54 5.69
C ASN A 223 32.45 6.68 6.13
N ALA A 224 31.17 6.38 6.33
CA ALA A 224 30.22 7.40 6.76
C ALA A 224 30.57 7.94 8.14
N VAL A 225 30.92 7.06 9.08
CA VAL A 225 31.27 7.54 10.42
C VAL A 225 32.57 8.34 10.39
N MET A 226 33.53 7.92 9.56
CA MET A 226 34.76 8.68 9.42
C MET A 226 34.50 10.07 8.86
N LEU A 227 33.63 10.16 7.84
CA LEU A 227 33.27 11.45 7.28
C LEU A 227 32.59 12.33 8.33
N GLY A 228 31.69 11.74 9.11
CA GLY A 228 31.05 12.50 10.17
C GLY A 228 32.05 13.07 11.16
N TRP A 229 32.99 12.23 11.61
CA TRP A 229 33.99 12.70 12.56
C TRP A 229 34.92 13.72 11.93
N ALA A 230 35.18 13.60 10.63
CA ALA A 230 36.07 14.54 9.95
C ALA A 230 35.42 15.91 9.81
N ARG A 231 34.10 15.94 9.63
CA ARG A 231 33.42 17.23 9.46
C ARG A 231 33.59 18.12 10.69
N GLN A 232 33.84 17.51 11.85
CA GLN A 232 34.15 18.29 13.05
C GLN A 232 35.64 18.43 13.30
N GLY A 233 36.48 17.76 12.50
CA GLY A 233 37.92 17.90 12.62
C GLY A 233 38.59 17.05 13.68
N ALA A 234 37.86 16.17 14.35
CA ALA A 234 38.44 15.38 15.43
C ALA A 234 39.43 14.35 14.88
N PHE A 235 40.52 14.12 15.61
CA PHE A 235 41.49 13.11 15.26
C PHE A 235 41.35 11.81 16.07
N LYS A 236 41.05 11.90 17.36
CA LYS A 236 41.04 10.70 18.19
C LYS A 236 39.98 9.70 17.73
N GLU A 237 38.77 10.17 17.51
CA GLU A 237 37.69 9.28 17.08
C GLU A 237 37.93 8.77 15.67
N LEU A 238 38.46 9.61 14.79
CA LEU A 238 38.80 9.16 13.45
C LEU A 238 39.85 8.07 13.48
N VAL A 239 40.86 8.21 14.36
CA VAL A 239 41.88 7.17 14.51
C VAL A 239 41.27 5.90 15.06
N TYR A 240 40.32 6.03 15.99
CA TYR A 240 39.64 4.84 16.51
C TYR A 240 38.90 4.10 15.40
N VAL A 241 38.17 4.84 14.56
CA VAL A 241 37.44 4.21 13.46
C VAL A 241 38.41 3.59 12.47
N LEU A 242 39.57 4.22 12.27
CA LEU A 242 40.59 3.62 11.41
C LEU A 242 41.09 2.30 12.00
N PHE A 243 41.30 2.26 13.32
CA PHE A 243 41.67 1.00 13.96
C PHE A 243 40.61 -0.06 13.71
N MET A 244 39.35 0.30 13.84
CA MET A 244 38.28 -0.68 13.61
C MET A 244 38.27 -1.17 12.17
N VAL A 245 38.42 -0.25 11.20
CA VAL A 245 38.34 -0.64 9.80
C VAL A 245 39.54 -1.48 9.41
N LYS A 246 40.69 -1.24 10.04
CA LYS A 246 41.86 -2.05 9.75
C LYS A 246 41.76 -3.43 10.40
N ASP A 247 41.17 -3.50 11.61
CA ASP A 247 40.99 -4.78 12.26
C ASP A 247 39.97 -5.63 11.52
N ALA A 248 38.97 -4.99 10.91
CA ALA A 248 37.98 -5.73 10.14
C ALA A 248 38.57 -6.37 8.89
N GLY A 249 39.79 -6.00 8.50
CA GLY A 249 40.41 -6.54 7.31
C GLY A 249 40.11 -5.78 6.04
N LEU A 250 39.34 -4.69 6.12
CA LEU A 250 39.03 -3.92 4.94
C LEU A 250 40.20 -3.02 4.55
N THR A 251 40.18 -2.58 3.30
CA THR A 251 41.22 -1.71 2.76
C THR A 251 40.67 -0.32 2.53
N PRO A 252 41.33 0.72 3.03
CA PRO A 252 40.84 2.08 2.82
C PRO A 252 40.78 2.45 1.35
N ASP A 253 39.79 3.27 0.99
CA ASP A 253 39.51 3.64 -0.38
C ASP A 253 39.67 5.16 -0.55
N LEU A 254 39.22 5.66 -1.70
CA LEU A 254 39.34 7.09 -1.99
C LEU A 254 38.58 7.93 -0.97
N LEU A 255 37.37 7.47 -0.58
CA LEU A 255 36.56 8.25 0.36
C LEU A 255 37.25 8.40 1.71
N SER A 256 37.93 7.36 2.19
CA SER A 256 38.64 7.45 3.46
C SER A 256 39.73 8.51 3.40
N TYR A 257 40.51 8.52 2.31
CA TYR A 257 41.57 9.50 2.16
C TYR A 257 40.99 10.91 2.02
N ALA A 258 39.87 11.05 1.32
CA ALA A 258 39.22 12.36 1.22
C ALA A 258 38.76 12.85 2.59
N ALA A 259 38.20 11.95 3.41
CA ALA A 259 37.80 12.34 4.75
C ALA A 259 39.00 12.76 5.59
N ALA A 260 40.11 12.03 5.48
CA ALA A 260 41.32 12.39 6.21
C ALA A 260 41.81 13.77 5.78
N LEU A 261 41.82 14.04 4.47
CA LEU A 261 42.27 15.32 3.98
C LEU A 261 41.35 16.46 4.44
N GLN A 262 40.05 16.21 4.44
CA GLN A 262 39.12 17.23 4.92
C GLN A 262 39.36 17.53 6.40
N CYS A 263 39.59 16.49 7.21
CA CYS A 263 39.88 16.71 8.62
C CYS A 263 41.15 17.54 8.81
N MET A 264 42.21 17.17 8.08
CA MET A 264 43.46 17.91 8.20
C MET A 264 43.31 19.36 7.75
N GLY A 265 42.55 19.59 6.69
CA GLY A 265 42.31 20.95 6.24
C GLY A 265 41.52 21.77 7.25
N ARG A 266 40.49 21.17 7.86
CA ARG A 266 39.71 21.89 8.85
C ARG A 266 40.54 22.23 10.08
N GLN A 267 41.39 21.31 10.53
CA GLN A 267 42.18 21.61 11.71
C GLN A 267 43.35 22.53 11.45
N ASP A 268 43.56 22.96 10.19
CA ASP A 268 44.63 23.88 9.83
C ASP A 268 45.99 23.31 10.22
N GLN A 269 46.16 22.02 9.94
CA GLN A 269 47.38 21.30 10.26
C GLN A 269 48.50 21.69 9.29
N ASP A 270 49.74 21.51 9.73
CA ASP A 270 50.89 21.93 8.93
C ASP A 270 51.01 21.10 7.66
N ALA A 271 52.00 21.45 6.83
CA ALA A 271 52.11 20.86 5.51
C ALA A 271 52.73 19.46 5.53
N GLY A 272 53.40 19.08 6.61
CA GLY A 272 54.15 17.83 6.60
C GLY A 272 53.26 16.60 6.49
N THR A 273 52.31 16.46 7.42
CA THR A 273 51.43 15.30 7.37
C THR A 273 50.58 15.29 6.11
N ILE A 274 50.12 16.48 5.68
CA ILE A 274 49.32 16.57 4.47
C ILE A 274 50.12 16.06 3.28
N GLU A 275 51.34 16.54 3.11
CA GLU A 275 52.13 16.12 1.96
C GLU A 275 52.44 14.64 2.03
N ARG A 276 52.73 14.13 3.24
CA ARG A 276 53.02 12.70 3.41
C ARG A 276 51.85 11.84 2.93
N CYS A 277 50.64 12.15 3.44
CA CYS A 277 49.45 11.46 2.96
C CYS A 277 49.31 11.63 1.45
N LEU A 278 49.75 12.77 0.92
CA LEU A 278 49.64 12.97 -0.52
C LEU A 278 50.48 11.98 -1.31
N GLU A 279 51.76 11.80 -0.96
CA GLU A 279 52.54 10.87 -1.79
C GLU A 279 52.05 9.45 -1.54
N GLN A 280 51.61 9.14 -0.32
CA GLN A 280 51.10 7.81 -0.07
C GLN A 280 49.91 7.49 -0.97
N MET A 281 48.94 8.41 -1.04
CA MET A 281 47.76 8.18 -1.87
C MET A 281 48.15 8.16 -3.35
N SER A 282 49.13 8.98 -3.74
CA SER A 282 49.57 8.99 -5.13
C SER A 282 50.21 7.66 -5.53
N GLN A 283 51.08 7.11 -4.68
CA GLN A 283 51.74 5.85 -4.97
C GLN A 283 50.81 4.66 -4.86
N GLU A 284 49.73 4.77 -4.08
CA GLU A 284 48.80 3.65 -3.97
C GLU A 284 47.88 3.52 -5.17
N GLY A 285 48.05 4.34 -6.20
CA GLY A 285 47.28 4.24 -7.41
C GLY A 285 46.07 5.14 -7.50
N LEU A 286 45.87 6.03 -6.52
CA LEU A 286 44.70 6.91 -6.53
C LEU A 286 45.02 8.24 -7.19
N LYS A 287 43.98 8.95 -7.59
CA LYS A 287 44.11 10.21 -8.30
C LYS A 287 43.31 11.29 -7.58
N LEU A 288 43.88 12.49 -7.48
CA LEU A 288 43.15 13.60 -6.86
C LEU A 288 41.92 13.98 -7.67
N GLN A 289 42.03 13.88 -9.00
CA GLN A 289 40.90 14.22 -9.87
C GLN A 289 39.70 13.33 -9.59
N ALA A 290 39.94 12.04 -9.36
CA ALA A 290 38.87 11.15 -8.96
C ALA A 290 38.35 11.51 -7.56
N LEU A 291 39.25 11.99 -6.70
CA LEU A 291 38.84 12.37 -5.35
C LEU A 291 37.89 13.57 -5.38
N PHE A 292 38.07 14.47 -6.34
CA PHE A 292 37.24 15.66 -6.43
C PHE A 292 35.97 15.47 -7.24
N THR A 293 35.68 14.25 -7.67
CA THR A 293 34.44 13.95 -8.39
C THR A 293 33.58 12.91 -7.68
N ALA A 294 33.88 12.61 -6.43
CA ALA A 294 33.09 11.63 -5.69
C ALA A 294 31.66 12.13 -5.49
N VAL A 295 30.71 11.21 -5.61
CA VAL A 295 29.29 11.59 -5.55
C VAL A 295 28.92 12.06 -4.15
N LEU A 296 29.31 11.30 -3.13
CA LEU A 296 28.93 11.60 -1.75
C LEU A 296 29.96 12.53 -1.10
N LEU A 297 29.99 13.76 -1.61
CA LEU A 297 30.87 14.80 -1.08
C LEU A 297 30.17 16.15 -1.25
N SER A 298 29.82 16.78 -0.14
CA SER A 298 29.19 18.09 -0.20
C SER A 298 30.17 19.14 -0.69
N GLU A 299 29.62 20.28 -1.11
CA GLU A 299 30.47 21.34 -1.67
C GLU A 299 31.42 21.91 -0.62
N GLU A 300 30.95 22.00 0.64
CA GLU A 300 31.83 22.45 1.72
C GLU A 300 32.99 21.49 1.90
N ASP A 301 32.72 20.18 1.81
CA ASP A 301 33.79 19.19 1.91
C ASP A 301 34.83 19.38 0.81
N ARG A 302 34.38 19.60 -0.42
CA ARG A 302 35.31 19.80 -1.52
C ARG A 302 36.10 21.09 -1.36
N ALA A 303 35.46 22.14 -0.84
CA ALA A 303 36.18 23.39 -0.59
C ALA A 303 37.27 23.19 0.44
N THR A 304 36.96 22.50 1.54
CA THR A 304 37.98 22.24 2.55
C THR A 304 39.11 21.36 2.04
N VAL A 305 38.78 20.32 1.26
CA VAL A 305 39.82 19.49 0.67
C VAL A 305 40.68 20.30 -0.28
N LEU A 306 40.08 21.20 -1.05
CA LEU A 306 40.84 22.05 -1.95
C LEU A 306 41.80 22.94 -1.18
N LYS A 307 41.33 23.53 -0.07
CA LYS A 307 42.21 24.35 0.76
C LYS A 307 43.38 23.52 1.29
N ALA A 308 43.08 22.32 1.79
CA ALA A 308 44.12 21.47 2.35
C ALA A 308 45.16 21.10 1.29
N VAL A 309 44.70 20.75 0.09
CA VAL A 309 45.63 20.38 -0.98
C VAL A 309 46.46 21.59 -1.41
N HIS A 310 45.82 22.75 -1.54
CA HIS A 310 46.54 23.94 -1.99
C HIS A 310 47.51 24.44 -0.93
N LYS A 311 47.36 24.00 0.31
CA LYS A 311 48.38 24.30 1.31
C LYS A 311 49.72 23.69 0.92
N VAL A 312 49.71 22.48 0.34
CA VAL A 312 50.93 21.83 -0.10
C VAL A 312 51.25 22.24 -1.54
N LYS A 313 50.35 21.90 -2.47
CA LYS A 313 50.57 22.24 -3.87
C LYS A 313 49.61 23.34 -4.28
N PRO A 314 50.06 24.61 -4.36
CA PRO A 314 49.13 25.68 -4.75
C PRO A 314 48.82 25.68 -6.22
N THR A 315 49.67 25.05 -7.05
CA THR A 315 49.49 25.12 -8.49
C THR A 315 48.34 24.21 -8.96
N PHE A 316 47.98 23.22 -8.15
CA PHE A 316 46.94 22.28 -8.54
C PHE A 316 45.61 23.00 -8.72
N SER A 317 44.93 22.69 -9.83
CA SER A 317 43.67 23.35 -10.16
C SER A 317 42.70 22.33 -10.74
N LEU A 318 41.41 22.58 -10.51
CA LEU A 318 40.38 21.69 -11.02
C LEU A 318 40.23 21.88 -12.53
N PRO A 319 39.75 20.86 -13.24
CA PRO A 319 39.54 21.00 -14.69
C PRO A 319 38.54 22.09 -14.99
N PRO A 320 38.76 22.84 -16.08
CA PRO A 320 37.87 23.96 -16.40
C PRO A 320 36.53 23.48 -16.96
N GLN A 321 35.56 24.39 -16.92
CA GLN A 321 34.24 24.11 -17.45
C GLN A 321 34.25 24.19 -18.98
N LEU A 322 33.34 23.45 -19.59
CA LEU A 322 33.21 23.37 -21.04
C LEU A 322 31.77 23.64 -21.45
N PRO A 323 31.55 24.14 -22.66
CA PRO A 323 30.18 24.36 -23.13
C PRO A 323 29.42 23.05 -23.21
N PRO A 324 28.14 23.06 -22.85
CA PRO A 324 27.36 21.82 -22.90
C PRO A 324 27.30 21.28 -24.31
N PRO A 325 27.32 19.95 -24.46
CA PRO A 325 27.17 19.36 -25.79
C PRO A 325 25.74 19.43 -26.27
N VAL A 326 25.57 19.27 -27.58
CA VAL A 326 24.27 19.30 -28.24
C VAL A 326 23.99 17.94 -28.84
N ASN A 327 22.71 17.56 -28.86
CA ASN A 327 22.30 16.30 -29.46
C ASN A 327 22.53 16.33 -30.96
N THR A 328 22.99 15.21 -31.51
CA THR A 328 23.30 15.10 -32.93
C THR A 328 22.56 13.95 -33.61
N SER A 329 21.47 13.47 -33.02
CA SER A 329 20.71 12.39 -33.65
C SER A 329 20.07 12.88 -34.94
N LYS A 330 19.75 11.93 -35.82
CA LYS A 330 19.17 12.28 -37.11
C LYS A 330 17.81 12.94 -36.94
N LEU A 331 16.97 12.40 -36.06
CA LEU A 331 15.62 12.92 -35.92
C LEU A 331 15.59 14.30 -35.28
N LEU A 332 16.49 14.53 -34.32
CA LEU A 332 16.48 15.75 -33.51
C LEU A 332 17.50 16.78 -33.99
N ARG A 333 18.09 16.60 -35.17
CA ARG A 333 19.11 17.53 -35.64
C ARG A 333 18.53 18.93 -35.87
N ASP A 334 17.33 19.00 -36.48
CA ASP A 334 16.77 20.29 -36.84
C ASP A 334 16.32 21.07 -35.60
N VAL A 335 15.91 20.36 -34.55
CA VAL A 335 15.41 21.04 -33.35
C VAL A 335 16.53 21.86 -32.70
N TYR A 336 17.73 21.30 -32.62
CA TYR A 336 18.85 21.95 -31.96
C TYR A 336 19.79 22.66 -32.92
N ALA A 337 19.50 22.66 -34.21
CA ALA A 337 20.33 23.39 -35.16
C ALA A 337 20.20 24.89 -34.94
N LYS A 338 21.32 25.60 -35.06
CA LYS A 338 21.35 27.04 -34.84
C LYS A 338 21.15 27.86 -36.11
N ASP A 339 20.97 27.20 -37.25
CA ASP A 339 20.78 27.88 -38.52
C ASP A 339 19.30 27.80 -38.92
N GLY A 340 18.68 28.95 -39.07
CA GLY A 340 17.28 29.01 -39.45
C GLY A 340 16.59 30.17 -38.77
N ARG A 341 15.31 30.32 -39.08
CA ARG A 341 14.47 31.37 -38.52
C ARG A 341 13.62 30.76 -37.41
N VAL A 342 13.72 31.33 -36.22
CA VAL A 342 13.01 30.83 -35.04
C VAL A 342 12.15 31.95 -34.47
N SER A 343 10.90 31.63 -34.16
CA SER A 343 9.96 32.56 -33.54
C SER A 343 9.33 31.87 -32.33
N TYR A 344 10.03 31.94 -31.20
CA TYR A 344 9.57 31.23 -30.01
C TYR A 344 8.43 32.00 -29.34
N PRO A 345 7.45 31.31 -28.75
CA PRO A 345 6.37 32.00 -28.06
C PRO A 345 6.86 32.70 -26.80
N LYS A 346 6.15 33.76 -26.42
CA LYS A 346 6.44 34.50 -25.20
C LYS A 346 5.14 34.78 -24.47
N LEU A 347 5.18 34.68 -23.14
CA LEU A 347 4.00 34.91 -22.33
C LEU A 347 3.56 36.38 -22.41
N HIS A 348 2.27 36.60 -22.15
CA HIS A 348 1.73 37.96 -22.25
C HIS A 348 1.94 38.75 -20.96
N LEU A 349 2.31 38.07 -19.88
CA LEU A 349 2.42 38.75 -18.60
C LEU A 349 3.72 39.56 -18.53
N PRO A 350 3.72 40.69 -17.83
CA PRO A 350 4.96 41.43 -17.61
C PRO A 350 5.84 40.73 -16.58
N LEU A 351 7.02 41.32 -16.35
CA LEU A 351 8.00 40.67 -15.49
C LEU A 351 7.63 40.76 -14.02
N LYS A 352 7.15 41.93 -13.58
CA LYS A 352 6.88 42.13 -12.16
C LYS A 352 5.80 41.18 -11.66
N THR A 353 4.74 41.00 -12.45
CA THR A 353 3.68 40.09 -12.06
C THR A 353 4.19 38.65 -12.00
N LEU A 354 5.05 38.27 -12.95
CA LEU A 354 5.65 36.94 -12.93
C LEU A 354 6.53 36.72 -11.72
N GLN A 355 7.22 37.75 -11.25
CA GLN A 355 8.02 37.59 -10.02
C GLN A 355 7.11 37.47 -8.80
N CYS A 356 6.04 38.27 -8.74
CA CYS A 356 5.12 38.16 -7.62
C CYS A 356 4.46 36.80 -7.56
N LEU A 357 4.11 36.25 -8.73
CA LEU A 357 3.52 34.91 -8.77
C LEU A 357 4.49 33.86 -8.25
N PHE A 358 5.77 33.99 -8.61
CA PHE A 358 6.78 33.07 -8.10
C PHE A 358 6.90 33.17 -6.59
N GLU A 359 6.86 34.40 -6.05
CA GLU A 359 6.89 34.56 -4.61
C GLU A 359 5.70 33.89 -3.94
N LYS A 360 4.51 34.03 -4.53
CA LYS A 360 3.32 33.40 -3.97
C LYS A 360 3.42 31.88 -4.00
N GLN A 361 3.93 31.32 -5.10
CA GLN A 361 4.07 29.86 -5.17
C GLN A 361 5.11 29.36 -4.18
N LEU A 362 6.21 30.10 -4.00
CA LEU A 362 7.19 29.70 -2.99
C LEU A 362 6.57 29.72 -1.59
N HIS A 363 5.78 30.75 -1.29
CA HIS A 363 5.11 30.80 0.01
C HIS A 363 4.17 29.60 0.19
N MET A 364 3.41 29.26 -0.86
CA MET A 364 2.50 28.13 -0.76
C MET A 364 3.24 26.82 -0.54
N GLU A 365 4.34 26.61 -1.25
CA GLU A 365 5.07 25.35 -1.09
C GLU A 365 5.80 25.28 0.24
N LEU A 366 6.27 26.41 0.77
CA LEU A 366 6.86 26.39 2.10
C LEU A 366 5.81 26.11 3.18
N ALA A 367 4.60 26.64 3.00
CA ALA A 367 3.53 26.35 3.96
C ALA A 367 3.13 24.89 3.91
N SER A 368 3.25 24.25 2.75
CA SER A 368 2.98 22.85 2.44
C SER A 368 1.49 22.54 2.36
N ARG A 369 0.62 23.50 2.64
CA ARG A 369 -0.83 23.31 2.58
C ARG A 369 -1.47 24.52 1.93
N VAL A 370 -2.61 24.28 1.26
CA VAL A 370 -3.43 25.35 0.70
C VAL A 370 -4.88 25.09 1.09
N CYS A 371 -5.58 26.15 1.49
CA CYS A 371 -6.95 26.05 1.96
C CYS A 371 -7.87 26.80 1.02
N VAL A 372 -8.95 26.15 0.60
CA VAL A 372 -9.90 26.74 -0.33
C VAL A 372 -11.29 26.71 0.29
N VAL A 373 -12.13 27.64 -0.14
CA VAL A 373 -13.49 27.73 0.38
C VAL A 373 -14.37 26.72 -0.34
N SER A 374 -15.27 26.10 0.41
CA SER A 374 -16.15 25.09 -0.17
C SER A 374 -17.16 25.73 -1.10
N VAL A 375 -17.69 24.92 -2.01
CA VAL A 375 -18.70 25.36 -2.96
C VAL A 375 -20.08 24.81 -2.61
N GLU A 376 -20.20 24.05 -1.53
CA GLU A 376 -21.47 23.51 -1.10
C GLU A 376 -22.43 24.63 -0.74
N LYS A 377 -23.72 24.28 -0.67
CA LYS A 377 -24.74 25.26 -0.34
C LYS A 377 -24.50 25.79 1.08
N PRO A 378 -24.42 27.10 1.27
CA PRO A 378 -24.23 27.64 2.62
C PRO A 378 -25.38 27.29 3.54
N THR A 379 -25.06 27.06 4.80
CA THR A 379 -26.04 26.70 5.82
C THR A 379 -26.10 27.79 6.88
N LEU A 380 -27.31 28.22 7.22
CA LEU A 380 -27.49 29.27 8.21
C LEU A 380 -27.02 28.79 9.58
N PRO A 381 -26.47 29.69 10.39
CA PRO A 381 -25.91 29.29 11.69
C PRO A 381 -26.97 29.03 12.74
N SER A 382 -27.53 27.82 12.77
CA SER A 382 -28.46 27.44 13.82
C SER A 382 -27.70 27.14 15.11
N LYS A 383 -28.46 26.88 16.17
CA LYS A 383 -27.83 26.57 17.46
C LYS A 383 -27.04 25.27 17.39
N GLU A 384 -27.58 24.27 16.70
CA GLU A 384 -26.92 22.96 16.64
C GLU A 384 -25.57 23.06 15.95
N VAL A 385 -25.49 23.84 14.87
CA VAL A 385 -24.23 24.00 14.16
C VAL A 385 -23.18 24.64 15.06
N LYS A 386 -23.55 25.68 15.79
CA LYS A 386 -22.60 26.34 16.68
C LYS A 386 -22.14 25.40 17.80
N HIS A 387 -23.08 24.64 18.38
CA HIS A 387 -22.70 23.69 19.43
C HIS A 387 -21.75 22.63 18.89
N ALA A 388 -22.05 22.11 17.69
CA ALA A 388 -21.18 21.11 17.08
C ALA A 388 -19.79 21.67 16.82
N ARG A 389 -19.72 22.92 16.34
CA ARG A 389 -18.42 23.53 16.07
C ARG A 389 -17.61 23.72 17.35
N LYS A 390 -18.27 24.15 18.43
CA LYS A 390 -17.56 24.29 19.70
C LYS A 390 -17.02 22.94 20.17
N THR A 391 -17.85 21.90 20.11
CA THR A 391 -17.40 20.57 20.54
C THR A 391 -16.24 20.10 19.69
N LEU A 392 -16.31 20.32 18.38
CA LEU A 392 -15.25 19.88 17.48
C LEU A 392 -13.93 20.60 17.77
N LYS A 393 -14.00 21.90 18.03
CA LYS A 393 -12.79 22.65 18.37
C LYS A 393 -12.16 22.13 19.65
N THR A 394 -12.98 21.89 20.68
CA THR A 394 -12.45 21.38 21.94
C THR A 394 -11.77 20.02 21.73
N LEU A 395 -12.43 19.15 20.95
CA LEU A 395 -11.85 17.84 20.67
C LEU A 395 -10.52 17.97 19.96
N ARG A 396 -10.42 18.89 18.99
CA ARG A 396 -9.18 19.06 18.25
C ARG A 396 -8.05 19.50 19.17
N ASP A 397 -8.33 20.43 20.08
CA ASP A 397 -7.28 20.86 21.02
C ASP A 397 -6.80 19.70 21.89
N GLN A 398 -7.74 18.91 22.44
CA GLN A 398 -7.33 17.79 23.28
C GLN A 398 -6.52 16.78 22.50
N TRP A 399 -6.93 16.50 21.25
CA TRP A 399 -6.17 15.57 20.43
C TRP A 399 -4.76 16.06 20.16
N GLU A 400 -4.61 17.36 19.93
CA GLU A 400 -3.28 17.90 19.69
C GLU A 400 -2.37 17.70 20.90
N LYS A 401 -2.87 18.01 22.10
CA LYS A 401 -2.06 17.82 23.29
C LYS A 401 -1.70 16.35 23.50
N ALA A 402 -2.66 15.46 23.30
CA ALA A 402 -2.39 14.03 23.48
C ALA A 402 -1.34 13.54 22.48
N LEU A 403 -1.43 13.99 21.24
CA LEU A 403 -0.44 13.61 20.23
C LEU A 403 0.95 14.07 20.63
N CYS A 404 1.07 15.30 21.13
CA CYS A 404 2.39 15.79 21.56
C CYS A 404 2.96 14.89 22.65
N ARG A 405 2.16 14.60 23.67
CA ARG A 405 2.66 13.79 24.79
C ARG A 405 3.07 12.39 24.33
N ALA A 406 2.25 11.77 23.47
CA ALA A 406 2.58 10.44 22.98
C ALA A 406 3.87 10.44 22.17
N LEU A 407 4.06 11.47 21.34
CA LEU A 407 5.29 11.56 20.56
C LEU A 407 6.51 11.67 21.46
N ARG A 408 6.42 12.49 22.52
CA ARG A 408 7.55 12.61 23.44
C ARG A 408 7.88 11.27 24.09
N GLU A 409 6.86 10.56 24.57
CA GLU A 409 7.11 9.29 25.24
C GLU A 409 7.72 8.27 24.28
N THR A 410 7.22 8.22 23.04
CA THR A 410 7.76 7.28 22.07
C THR A 410 9.22 7.60 21.75
N LYS A 411 9.56 8.88 21.62
CA LYS A 411 10.96 9.24 21.39
C LYS A 411 11.84 8.77 22.54
N ASN A 412 11.39 8.97 23.78
CA ASN A 412 12.19 8.51 24.91
C ASN A 412 12.41 7.00 24.88
N ARG A 413 11.34 6.25 24.61
CA ARG A 413 11.48 4.80 24.58
C ARG A 413 12.43 4.34 23.48
N LEU A 414 12.33 4.93 22.29
CA LEU A 414 13.20 4.53 21.19
C LEU A 414 14.65 4.88 21.48
N GLU A 415 14.90 6.03 22.13
CA GLU A 415 16.26 6.38 22.51
C GLU A 415 16.83 5.36 23.50
N ARG A 416 16.03 5.00 24.51
CA ARG A 416 16.48 4.01 25.48
C ARG A 416 16.78 2.68 24.80
N GLU A 417 16.04 2.34 23.75
CA GLU A 417 16.32 1.12 23.00
C GLU A 417 17.70 1.18 22.35
N VAL A 418 18.08 2.34 21.80
CA VAL A 418 19.39 2.46 21.16
C VAL A 418 20.50 2.38 22.20
N TYR A 419 20.30 2.98 23.38
CA TYR A 419 21.33 2.90 24.41
C TYR A 419 21.68 1.48 24.83
N GLU A 420 20.93 0.48 24.35
CA GLU A 420 21.26 -0.93 24.59
C GLU A 420 21.91 -1.59 23.39
N GLY A 421 22.25 -0.84 22.35
CA GLY A 421 22.94 -1.40 21.20
C GLY A 421 22.06 -2.00 20.13
N ARG A 422 20.78 -1.66 20.09
CA ARG A 422 19.85 -2.19 19.11
C ARG A 422 19.35 -1.06 18.20
N PHE A 423 19.15 -1.38 16.93
CA PHE A 423 18.69 -0.39 15.95
C PHE A 423 17.26 0.02 16.26
N SER A 424 16.95 1.29 16.00
CA SER A 424 15.61 1.82 16.19
C SER A 424 15.38 2.92 15.17
N LEU A 425 14.32 3.71 15.38
CA LEU A 425 13.96 4.81 14.50
C LEU A 425 14.06 6.17 15.17
N TYR A 426 14.90 6.30 16.19
CA TYR A 426 15.04 7.57 16.88
C TYR A 426 15.56 8.69 15.98
N PRO A 427 16.63 8.53 15.20
CA PRO A 427 17.05 9.63 14.33
C PRO A 427 15.99 10.04 13.31
N PHE A 428 15.22 9.08 12.80
CA PHE A 428 14.17 9.42 11.84
C PHE A 428 13.08 10.27 12.50
N LEU A 429 12.76 9.98 13.76
CA LEU A 429 11.80 10.81 14.48
C LEU A 429 12.37 12.19 14.77
N CYS A 430 13.67 12.30 15.02
CA CYS A 430 14.25 13.59 15.35
C CYS A 430 14.41 14.52 14.14
N LEU A 431 14.12 14.04 12.92
CA LEU A 431 14.35 14.86 11.73
C LEU A 431 13.45 16.09 11.69
N LEU A 432 12.18 15.92 12.03
CA LEU A 432 11.21 17.01 11.95
C LEU A 432 10.84 17.51 13.34
N ASP A 433 10.39 18.75 13.40
CA ASP A 433 9.91 19.32 14.65
C ASP A 433 8.63 18.62 15.08
N GLU A 434 8.39 18.63 16.40
CA GLU A 434 7.22 17.92 16.94
C GLU A 434 5.92 18.54 16.44
N ARG A 435 5.88 19.86 16.32
CA ARG A 435 4.66 20.52 15.88
C ARG A 435 4.29 20.12 14.45
N GLU A 436 5.29 19.97 13.58
CA GLU A 436 5.01 19.54 12.21
C GLU A 436 4.41 18.15 12.18
N VAL A 437 4.95 17.23 13.00
CA VAL A 437 4.42 15.88 13.04
C VAL A 437 2.99 15.88 13.58
N VAL A 438 2.74 16.67 14.62
CA VAL A 438 1.39 16.73 15.19
C VAL A 438 0.40 17.27 14.16
N ARG A 439 0.78 18.32 13.45
CA ARG A 439 -0.12 18.90 12.45
C ARG A 439 -0.35 17.94 11.29
N MET A 440 0.69 17.21 10.87
CA MET A 440 0.51 16.22 9.83
C MET A 440 -0.46 15.13 10.25
N LEU A 441 -0.30 14.63 11.48
CA LEU A 441 -1.20 13.59 11.97
C LEU A 441 -2.64 14.10 12.06
N LEU A 442 -2.82 15.34 12.53
CA LEU A 442 -4.16 15.88 12.61
C LEU A 442 -4.80 16.04 11.23
N GLN A 443 -4.02 16.50 10.24
CA GLN A 443 -4.55 16.60 8.88
C GLN A 443 -4.95 15.23 8.33
N VAL A 444 -4.12 14.21 8.58
CA VAL A 444 -4.44 12.88 8.11
C VAL A 444 -5.73 12.38 8.77
N LEU A 445 -5.88 12.64 10.07
CA LEU A 445 -7.11 12.27 10.76
C LEU A 445 -8.32 12.96 10.15
N GLN A 446 -8.18 14.25 9.84
CA GLN A 446 -9.30 14.98 9.24
C GLN A 446 -9.65 14.46 7.86
N ALA A 447 -8.66 13.96 7.12
CA ALA A 447 -8.89 13.50 5.76
C ALA A 447 -9.42 12.08 5.67
N LEU A 448 -9.60 11.41 6.80
CA LEU A 448 -10.05 10.02 6.77
C LEU A 448 -11.51 9.93 6.34
N PRO A 449 -11.85 9.11 5.35
CA PRO A 449 -13.25 8.94 4.97
C PRO A 449 -14.02 8.15 6.02
N ALA A 450 -15.34 8.27 5.95
CA ALA A 450 -16.20 7.61 6.93
C ALA A 450 -16.13 6.09 6.81
N GLN A 451 -15.88 5.56 5.60
CA GLN A 451 -15.84 4.11 5.43
C GLN A 451 -14.54 3.53 5.96
N GLY A 452 -13.53 4.38 6.17
CA GLY A 452 -12.25 3.94 6.69
C GLY A 452 -11.25 3.66 5.59
N GLU A 453 -10.02 3.41 6.01
CA GLU A 453 -8.92 3.12 5.10
C GLU A 453 -8.10 1.96 5.62
N SER A 454 -7.48 1.23 4.69
CA SER A 454 -6.66 0.08 5.06
C SER A 454 -5.44 0.52 5.85
N PHE A 455 -4.94 -0.39 6.69
CA PHE A 455 -3.80 -0.07 7.55
C PHE A 455 -2.53 0.13 6.71
N THR A 456 -2.32 -0.70 5.70
CA THR A 456 -1.12 -0.57 4.88
C THR A 456 -1.13 0.73 4.08
N THR A 457 -2.30 1.15 3.61
CA THR A 457 -2.39 2.41 2.90
C THR A 457 -2.04 3.59 3.80
N LEU A 458 -2.52 3.57 5.05
CA LEU A 458 -2.10 4.59 5.99
C LEU A 458 -0.60 4.53 6.24
N ALA A 459 0.02 3.37 6.13
CA ALA A 459 1.48 3.27 6.32
C ALA A 459 2.25 3.92 5.16
N ARG A 460 1.89 3.63 3.92
CA ARG A 460 2.53 4.23 2.73
C ARG A 460 2.30 5.74 2.76
N GLU A 461 1.13 6.20 3.21
CA GLU A 461 0.78 7.64 3.18
C GLU A 461 1.52 8.42 4.26
N LEU A 462 1.58 7.92 5.50
CA LEU A 462 2.23 8.72 6.54
C LEU A 462 3.74 8.79 6.32
N SER A 463 4.32 7.76 5.69
CA SER A 463 5.74 7.80 5.41
C SER A 463 6.06 8.72 4.23
N ALA A 464 5.17 8.75 3.23
CA ALA A 464 5.41 9.58 2.06
C ALA A 464 5.37 11.06 2.41
N ARG A 465 4.46 11.45 3.31
CA ARG A 465 4.34 12.86 3.66
C ARG A 465 5.49 13.31 4.55
N THR A 466 6.12 12.38 5.26
CA THR A 466 7.26 12.74 6.11
C THR A 466 8.49 13.03 5.27
N PHE A 467 8.71 12.25 4.21
CA PHE A 467 9.89 12.46 3.37
C PHE A 467 9.86 13.81 2.67
N SER A 468 8.68 14.20 2.16
CA SER A 468 8.58 15.47 1.45
C SER A 468 8.88 16.65 2.35
N ARG A 469 8.35 16.66 3.58
CA ARG A 469 8.63 17.75 4.51
C ARG A 469 10.10 17.75 4.92
N HIS A 470 10.69 16.57 5.06
CA HIS A 470 12.11 16.48 5.36
C HIS A 470 12.93 17.11 4.24
N VAL A 471 12.59 16.82 2.99
CA VAL A 471 13.32 17.38 1.86
C VAL A 471 13.17 18.90 1.82
N VAL A 472 11.93 19.40 2.02
CA VAL A 472 11.73 20.84 2.00
C VAL A 472 12.48 21.52 3.13
N GLN A 473 12.50 20.93 4.33
CA GLN A 473 13.25 21.49 5.43
C GLN A 473 14.74 21.51 5.15
N ARG A 474 15.27 20.44 4.55
CA ARG A 474 16.68 20.40 4.19
C ARG A 474 17.02 21.53 3.22
N GLN A 475 16.19 21.72 2.20
CA GLN A 475 16.44 22.79 1.24
C GLN A 475 16.36 24.16 1.91
N ARG A 476 15.39 24.35 2.81
CA ARG A 476 15.24 25.63 3.47
C ARG A 476 16.44 25.96 4.35
N VAL A 477 16.92 24.99 5.13
CA VAL A 477 18.06 25.22 6.02
C VAL A 477 19.36 25.37 5.25
N SER A 478 19.59 24.53 4.24
CA SER A 478 20.88 24.50 3.56
C SER A 478 21.18 25.79 2.81
N GLY A 479 20.18 26.61 2.54
CA GLY A 479 20.38 27.86 1.83
C GLY A 479 20.21 27.80 0.33
N GLN A 480 19.62 26.73 -0.20
CA GLN A 480 19.41 26.66 -1.64
C GLN A 480 18.22 27.52 -2.07
N VAL A 481 17.37 27.91 -1.12
CA VAL A 481 16.15 28.64 -1.46
C VAL A 481 16.49 30.01 -2.04
N GLN A 482 17.42 30.72 -1.41
CA GLN A 482 17.79 32.05 -1.89
C GLN A 482 18.45 31.99 -3.26
N ALA A 483 19.32 30.98 -3.47
CA ALA A 483 19.93 30.81 -4.78
C ALA A 483 18.87 30.51 -5.84
N LEU A 484 17.89 29.68 -5.51
CA LEU A 484 16.80 29.41 -6.44
C LEU A 484 16.01 30.67 -6.74
N GLN A 485 15.75 31.49 -5.72
CA GLN A 485 15.04 32.75 -5.94
C GLN A 485 15.77 33.64 -6.92
N ASN A 486 17.07 33.85 -6.68
CA ASN A 486 17.84 34.73 -7.56
C ASN A 486 17.89 34.18 -8.98
N HIS A 487 18.18 32.88 -9.12
CA HIS A 487 18.32 32.30 -10.45
C HIS A 487 17.00 32.31 -11.20
N TYR A 488 15.89 32.08 -10.51
CA TYR A 488 14.59 32.10 -11.17
C TYR A 488 14.16 33.50 -11.55
N ARG A 489 14.46 34.49 -10.69
CA ARG A 489 14.15 35.87 -11.03
C ARG A 489 14.93 36.33 -12.25
N LYS A 490 16.19 35.92 -12.38
CA LYS A 490 16.93 36.22 -13.59
C LYS A 490 16.50 35.38 -14.79
N TYR A 491 15.97 34.18 -14.53
CA TYR A 491 15.51 33.30 -15.61
C TYR A 491 14.23 33.79 -16.25
N LEU A 492 13.35 34.41 -15.47
CA LEU A 492 12.05 34.83 -15.99
C LEU A 492 12.15 35.89 -17.08
N CYS A 493 13.34 36.43 -17.34
CA CYS A 493 13.48 37.44 -18.40
C CYS A 493 13.22 36.85 -19.77
N LEU A 494 13.34 35.53 -19.91
CA LEU A 494 13.12 34.90 -21.21
C LEU A 494 11.63 34.84 -21.53
N LEU A 495 10.79 34.62 -20.53
CA LEU A 495 9.37 34.34 -20.72
C LEU A 495 8.48 35.55 -20.45
N ALA A 496 9.02 36.76 -20.54
CA ALA A 496 8.25 37.97 -20.32
C ALA A 496 8.09 38.73 -21.62
N SER A 497 6.90 39.29 -21.83
CA SER A 497 6.64 39.98 -23.09
C SER A 497 7.50 41.23 -23.25
N ASP A 498 7.67 42.02 -22.19
CA ASP A 498 8.43 43.25 -22.29
C ASP A 498 9.93 42.98 -22.29
N ALA A 499 10.40 42.02 -21.50
CA ALA A 499 11.82 41.75 -21.38
C ALA A 499 12.34 41.04 -22.64
N GLU A 500 13.66 41.11 -22.83
CA GLU A 500 14.31 40.51 -23.99
C GLU A 500 15.58 39.80 -23.55
N VAL A 501 16.00 38.84 -24.39
CA VAL A 501 17.20 38.05 -24.15
C VAL A 501 18.19 38.37 -25.27
N PRO A 502 19.50 38.38 -25.01
CA PRO A 502 20.45 38.66 -26.10
C PRO A 502 20.35 37.69 -27.26
N GLU A 503 20.09 36.40 -26.99
CA GLU A 503 19.97 35.41 -28.03
C GLU A 503 18.89 34.41 -27.62
N PRO A 504 17.81 34.28 -28.40
CA PRO A 504 16.73 33.36 -28.02
C PRO A 504 17.19 31.91 -28.04
N CYS A 505 16.62 31.12 -27.15
CA CYS A 505 16.97 29.71 -27.02
C CYS A 505 15.89 28.99 -26.24
N LEU A 506 16.03 27.67 -26.15
CA LEU A 506 15.07 26.87 -25.41
C LEU A 506 15.17 27.18 -23.91
N PRO A 507 14.07 27.03 -23.18
CA PRO A 507 14.11 27.40 -21.75
C PRO A 507 15.17 26.68 -20.95
N ARG A 508 15.37 25.38 -21.19
CA ARG A 508 16.39 24.64 -20.46
C ARG A 508 17.78 25.14 -20.82
N GLN A 509 18.01 25.47 -22.09
CA GLN A 509 19.31 25.98 -22.49
C GLN A 509 19.63 27.29 -21.80
N TYR A 510 18.66 28.19 -21.68
CA TYR A 510 18.88 29.44 -20.96
C TYR A 510 19.12 29.18 -19.47
N TRP A 511 18.32 28.28 -18.89
CA TRP A 511 18.49 27.94 -17.48
C TRP A 511 19.91 27.48 -17.20
N GLU A 512 20.47 26.64 -18.07
CA GLU A 512 21.84 26.20 -17.88
C GLU A 512 22.84 27.29 -18.27
N GLU A 513 22.47 28.16 -19.21
CA GLU A 513 23.37 29.21 -19.66
C GLU A 513 23.69 30.20 -18.54
N LEU A 514 22.68 30.57 -17.76
CA LEU A 514 22.95 31.43 -16.61
C LEU A 514 23.88 30.77 -15.60
N GLY A 515 23.90 29.45 -15.55
CA GLY A 515 24.67 28.73 -14.56
C GLY A 515 23.77 28.27 -13.43
N ALA A 516 23.35 27.01 -13.48
CA ALA A 516 22.36 26.54 -12.54
C ALA A 516 22.98 26.33 -11.15
N PRO A 517 22.23 26.62 -10.10
CA PRO A 517 22.68 26.21 -8.76
C PRO A 517 22.83 24.70 -8.69
N GLU A 518 23.86 24.26 -7.99
CA GLU A 518 24.13 22.83 -7.92
C GLU A 518 23.08 22.18 -7.02
N ALA A 519 22.16 21.44 -7.62
CA ALA A 519 20.97 20.94 -6.93
C ALA A 519 21.32 19.64 -6.21
N LEU A 520 21.31 19.69 -4.87
CA LEU A 520 21.50 18.51 -4.03
C LEU A 520 20.24 18.30 -3.20
N ARG A 521 19.59 17.17 -3.40
N ARG A 521 19.59 17.17 -3.41
CA ARG A 521 18.46 16.75 -2.58
CA ARG A 521 18.46 16.77 -2.56
C ARG A 521 18.85 15.49 -1.80
C ARG A 521 18.85 15.53 -1.77
N GLU A 522 17.91 14.98 -1.01
CA GLU A 522 18.20 13.82 -0.17
C GLU A 522 17.96 12.50 -0.88
N GLN A 523 18.37 11.41 -0.26
CA GLN A 523 18.32 10.07 -0.84
C GLN A 523 17.15 9.30 -0.23
N PRO A 524 16.36 8.59 -1.04
CA PRO A 524 15.21 7.87 -0.49
C PRO A 524 15.62 6.82 0.53
N TRP A 525 14.80 6.65 1.55
CA TRP A 525 15.02 5.63 2.55
C TRP A 525 14.71 4.26 1.97
N PRO A 526 15.26 3.20 2.53
CA PRO A 526 14.91 1.84 2.11
C PRO A 526 13.46 1.54 2.47
N LEU A 527 12.88 0.58 1.75
CA LEU A 527 11.48 0.24 1.95
C LEU A 527 11.16 -0.22 3.37
N PRO A 528 11.96 -1.07 4.03
CA PRO A 528 11.62 -1.46 5.42
C PRO A 528 11.48 -0.29 6.38
N VAL A 529 12.40 0.68 6.29
CA VAL A 529 12.30 1.86 7.14
C VAL A 529 11.06 2.67 6.79
N GLN A 530 10.77 2.81 5.49
CA GLN A 530 9.59 3.55 5.07
C GLN A 530 8.32 2.96 5.65
N MET A 531 8.20 1.64 5.63
CA MET A 531 7.01 1.00 6.19
C MET A 531 6.96 1.03 7.71
N GLU A 532 8.11 0.84 8.38
CA GLU A 532 8.11 0.87 9.85
C GLU A 532 7.73 2.25 10.37
N LEU A 533 8.22 3.31 9.73
CA LEU A 533 7.88 4.67 10.18
C LEU A 533 6.39 4.93 10.05
N GLY A 534 5.79 4.53 8.93
CA GLY A 534 4.37 4.71 8.75
C GLY A 534 3.56 3.91 9.76
N LYS A 535 3.98 2.67 10.01
CA LYS A 535 3.30 1.85 11.01
C LYS A 535 3.34 2.51 12.38
N LEU A 536 4.51 3.01 12.79
CA LEU A 536 4.64 3.63 14.09
C LEU A 536 3.76 4.88 14.19
N LEU A 537 3.74 5.69 13.14
CA LEU A 537 2.91 6.90 13.17
C LEU A 537 1.42 6.55 13.22
N ALA A 538 0.98 5.55 12.46
CA ALA A 538 -0.42 5.16 12.50
C ALA A 538 -0.82 4.64 13.87
N GLU A 539 0.05 3.83 14.49
CA GLU A 539 -0.25 3.34 15.83
C GLU A 539 -0.32 4.48 16.83
N MET A 540 0.59 5.46 16.71
CA MET A 540 0.54 6.63 17.58
C MET A 540 -0.78 7.37 17.44
N LEU A 541 -1.23 7.55 16.20
CA LEU A 541 -2.50 8.23 15.96
C LEU A 541 -3.66 7.44 16.56
N VAL A 542 -3.62 6.11 16.45
CA VAL A 542 -4.72 5.31 16.96
C VAL A 542 -4.81 5.39 18.48
N GLN A 543 -3.70 5.19 19.19
CA GLN A 543 -3.77 5.14 20.65
C GLN A 543 -3.89 6.53 21.26
N ALA A 544 -3.38 7.56 20.59
CA ALA A 544 -3.34 8.88 21.23
C ALA A 544 -4.74 9.50 21.33
N THR A 545 -5.56 9.37 20.29
CA THR A 545 -6.82 10.10 20.22
C THR A 545 -7.89 9.42 21.06
N GLN A 546 -8.71 10.23 21.74
CA GLN A 546 -9.84 9.77 22.52
C GLN A 546 -10.95 10.80 22.47
N MET A 547 -12.18 10.34 22.66
CA MET A 547 -13.35 11.19 22.51
C MET A 547 -14.45 10.68 23.41
N PRO A 548 -15.35 11.56 23.87
CA PRO A 548 -16.40 11.14 24.81
C PRO A 548 -17.38 10.18 24.16
N CYS A 549 -18.04 9.38 25.00
CA CYS A 549 -18.98 8.38 24.50
C CYS A 549 -20.25 9.03 23.96
N SER A 550 -20.79 10.02 24.67
CA SER A 550 -22.05 10.67 24.30
C SER A 550 -21.73 12.09 23.83
N LEU A 551 -21.89 12.33 22.53
CA LEU A 551 -21.49 13.61 21.95
C LEU A 551 -22.60 14.64 22.06
N ASP A 552 -23.81 14.28 21.63
CA ASP A 552 -24.93 15.22 21.65
C ASP A 552 -25.25 15.63 23.08
N LYS A 553 -25.15 14.69 24.01
CA LYS A 553 -25.39 14.98 25.42
C LYS A 553 -24.09 15.37 26.10
N PRO A 554 -23.92 16.61 26.55
CA PRO A 554 -22.67 16.97 27.25
C PRO A 554 -22.58 16.33 28.63
N HIS A 555 -21.67 15.37 28.77
CA HIS A 555 -21.21 14.87 30.07
C HIS A 555 -22.32 14.21 30.88
N ARG A 556 -23.04 13.29 30.26
CA ARG A 556 -23.82 12.34 31.05
C ARG A 556 -22.95 11.19 31.55
N SER A 557 -22.01 10.73 30.72
CA SER A 557 -21.09 9.70 31.15
C SER A 557 -19.66 10.15 30.85
N SER A 558 -18.74 9.76 31.73
CA SER A 558 -17.35 10.20 31.64
C SER A 558 -16.45 9.17 30.99
N ARG A 559 -16.97 8.01 30.60
CA ARG A 559 -16.14 7.02 29.92
C ARG A 559 -15.76 7.52 28.54
N LEU A 560 -14.51 7.32 28.17
CA LEU A 560 -13.96 7.81 26.91
C LEU A 560 -13.69 6.64 25.98
N VAL A 561 -14.11 6.77 24.73
CA VAL A 561 -13.94 5.71 23.74
C VAL A 561 -12.98 6.18 22.66
N PRO A 562 -12.20 5.27 22.06
CA PRO A 562 -11.26 5.69 21.01
C PRO A 562 -11.97 6.24 19.79
N VAL A 563 -11.34 7.22 19.14
CA VAL A 563 -11.85 7.76 17.90
C VAL A 563 -11.70 6.77 16.76
N LEU A 564 -10.56 6.11 16.66
CA LEU A 564 -10.27 5.18 15.58
C LEU A 564 -10.22 3.75 16.11
N TYR A 565 -10.80 2.83 15.34
CA TYR A 565 -10.87 1.42 15.73
C TYR A 565 -10.11 0.59 14.71
N HIS A 566 -9.86 -0.66 15.07
CA HIS A 566 -9.12 -1.61 14.23
C HIS A 566 -9.99 -2.84 14.02
N VAL A 567 -10.60 -2.93 12.85
CA VAL A 567 -11.48 -4.06 12.52
C VAL A 567 -10.87 -4.85 11.38
N TYR A 568 -11.27 -6.11 11.28
CA TYR A 568 -10.84 -7.01 10.21
C TYR A 568 -11.91 -7.04 9.13
N SER A 569 -11.48 -6.93 7.87
CA SER A 569 -12.36 -7.09 6.72
C SER A 569 -11.95 -8.33 5.97
N PHE A 570 -12.93 -9.20 5.74
CA PHE A 570 -12.64 -10.53 5.14
C PHE A 570 -13.01 -10.58 3.67
N ARG A 571 -12.04 -10.85 2.81
CA ARG A 571 -12.23 -11.03 1.38
C ARG A 571 -11.94 -12.48 1.04
N ASN A 572 -12.99 -13.25 0.76
CA ASN A 572 -12.88 -14.68 0.45
C ASN A 572 -12.21 -15.33 1.67
N VAL A 573 -11.14 -16.11 1.49
CA VAL A 573 -10.45 -16.68 2.64
C VAL A 573 -9.60 -15.64 3.34
N GLN A 574 -9.12 -14.64 2.60
CA GLN A 574 -8.18 -13.67 3.16
C GLN A 574 -8.87 -12.73 4.13
N GLN A 575 -8.10 -12.19 5.07
CA GLN A 575 -8.57 -11.17 6.00
C GLN A 575 -7.64 -9.97 5.91
N ILE A 576 -8.21 -8.77 5.95
CA ILE A 576 -7.45 -7.53 5.88
C ILE A 576 -7.83 -6.67 7.08
N GLY A 577 -6.88 -5.86 7.53
CA GLY A 577 -7.07 -4.95 8.65
C GLY A 577 -7.50 -3.58 8.16
N ILE A 578 -8.55 -3.05 8.78
CA ILE A 578 -9.16 -1.78 8.39
C ILE A 578 -9.27 -0.90 9.61
N LEU A 579 -9.00 0.40 9.43
CA LEU A 579 -9.20 1.40 10.47
C LEU A 579 -10.44 2.21 10.15
N LYS A 580 -11.40 2.22 11.07
CA LYS A 580 -12.69 2.83 10.83
C LYS A 580 -13.00 3.89 11.88
N PRO A 581 -13.45 5.08 11.48
CA PRO A 581 -13.78 6.11 12.45
C PRO A 581 -15.02 5.78 13.26
N HIS A 582 -15.08 6.35 14.46
CA HIS A 582 -16.26 6.19 15.31
C HIS A 582 -17.46 6.85 14.64
N PRO A 583 -18.61 6.20 14.61
CA PRO A 583 -19.76 6.77 13.89
C PRO A 583 -20.22 8.12 14.43
N ALA A 584 -20.16 8.33 15.74
CA ALA A 584 -20.59 9.61 16.30
C ALA A 584 -19.69 10.74 15.83
N TYR A 585 -18.39 10.47 15.64
CA TYR A 585 -17.49 11.48 15.11
C TYR A 585 -17.86 11.85 13.68
N VAL A 586 -18.26 10.86 12.87
CA VAL A 586 -18.70 11.15 11.51
C VAL A 586 -19.96 12.00 11.53
N GLN A 587 -20.90 11.67 12.42
CA GLN A 587 -22.10 12.48 12.53
C GLN A 587 -21.78 13.91 12.96
N LEU A 588 -20.83 14.07 13.89
CA LEU A 588 -20.42 15.40 14.32
C LEU A 588 -19.81 16.19 13.18
N LEU A 589 -18.96 15.54 12.38
CA LEU A 589 -18.36 16.22 11.23
C LEU A 589 -19.43 16.65 10.24
N GLU A 590 -20.41 15.78 9.99
CA GLU A 590 -21.49 16.14 9.07
C GLU A 590 -22.31 17.30 9.61
N LYS A 591 -22.59 17.30 10.91
CA LYS A 591 -23.41 18.36 11.49
C LYS A 591 -22.69 19.70 11.50
N ALA A 592 -21.38 19.69 11.76
CA ALA A 592 -20.64 20.95 11.83
C ALA A 592 -20.64 21.67 10.49
N ALA A 593 -20.35 20.95 9.41
CA ALA A 593 -20.36 21.50 8.05
C ALA A 593 -19.46 22.72 7.93
N GLU A 594 -18.16 22.51 8.11
CA GLU A 594 -17.20 23.59 7.97
C GLU A 594 -17.03 23.97 6.50
N PRO A 595 -16.81 25.24 6.21
CA PRO A 595 -16.75 25.68 4.81
C PRO A 595 -15.36 25.65 4.20
N THR A 596 -14.40 25.01 4.86
CA THR A 596 -13.01 25.07 4.42
C THR A 596 -12.51 23.68 4.07
N LEU A 597 -11.85 23.57 2.92
CA LEU A 597 -11.19 22.35 2.47
C LEU A 597 -9.68 22.54 2.52
N THR A 598 -8.96 21.43 2.57
CA THR A 598 -7.51 21.45 2.64
C THR A 598 -6.94 20.54 1.55
N PHE A 599 -6.00 21.08 0.78
CA PHE A 599 -5.31 20.35 -0.27
C PHE A 599 -3.82 20.35 0.00
N GLU A 600 -3.15 19.27 -0.41
CA GLU A 600 -1.70 19.25 -0.37
C GLU A 600 -1.14 20.08 -1.52
N ALA A 601 -0.04 20.79 -1.24
CA ALA A 601 0.50 21.74 -2.21
C ALA A 601 0.89 21.06 -3.51
N VAL A 602 1.19 19.76 -3.47
CA VAL A 602 1.50 19.01 -4.69
C VAL A 602 0.28 18.81 -5.58
N ASP A 603 -0.91 18.70 -4.99
CA ASP A 603 -2.13 18.37 -5.72
C ASP A 603 -2.81 19.59 -6.33
N VAL A 604 -2.25 20.78 -6.17
CA VAL A 604 -2.87 22.01 -6.66
C VAL A 604 -2.00 22.60 -7.76
N PRO A 605 -2.58 23.06 -8.87
CA PRO A 605 -1.78 23.58 -9.98
C PRO A 605 -0.91 24.76 -9.55
N MET A 606 0.28 24.84 -10.15
CA MET A 606 1.24 25.87 -9.79
C MET A 606 0.74 27.24 -10.22
N LEU A 607 1.08 28.27 -9.45
CA LEU A 607 0.75 29.64 -9.78
C LEU A 607 1.83 30.34 -10.58
N CYS A 608 2.99 29.72 -10.74
CA CYS A 608 4.14 30.28 -11.42
C CYS A 608 4.62 29.27 -12.45
N PRO A 609 5.34 29.73 -13.49
CA PRO A 609 5.80 28.80 -14.53
C PRO A 609 6.63 27.68 -13.94
N PRO A 610 6.42 26.45 -14.39
CA PRO A 610 7.11 25.31 -13.76
C PRO A 610 8.61 25.33 -14.00
N LEU A 611 9.33 24.72 -13.08
CA LEU A 611 10.78 24.65 -13.16
C LEU A 611 11.19 23.75 -14.33
N PRO A 612 12.14 24.17 -15.17
CA PRO A 612 12.50 23.37 -16.34
C PRO A 612 13.14 22.05 -15.95
N TRP A 613 12.92 21.04 -16.79
CA TRP A 613 13.54 19.74 -16.60
C TRP A 613 14.96 19.78 -17.17
N THR A 614 15.96 19.78 -16.29
CA THR A 614 17.35 19.78 -16.71
C THR A 614 18.04 18.43 -16.53
N SER A 615 17.54 17.59 -15.63
CA SER A 615 18.13 16.29 -15.36
C SER A 615 17.05 15.41 -14.75
N PRO A 616 17.23 14.09 -14.76
CA PRO A 616 16.23 13.21 -14.15
C PRO A 616 16.00 13.46 -12.67
N HIS A 617 16.73 14.38 -12.05
CA HIS A 617 16.62 14.65 -10.62
C HIS A 617 16.04 16.02 -10.31
N SER A 618 15.88 16.89 -11.30
CA SER A 618 15.44 18.26 -11.07
C SER A 618 14.35 18.64 -12.06
N GLY A 619 13.33 19.32 -11.59
CA GLY A 619 12.29 19.85 -12.45
C GLY A 619 10.96 19.89 -11.73
N ALA A 620 9.93 20.25 -12.50
CA ALA A 620 8.52 20.23 -12.07
C ALA A 620 8.36 21.21 -10.91
N PHE A 621 7.95 20.77 -9.72
CA PHE A 621 7.73 21.69 -8.62
C PHE A 621 9.05 22.28 -8.16
N LEU A 622 8.97 23.47 -7.55
CA LEU A 622 10.18 24.18 -7.14
C LEU A 622 10.95 23.41 -6.07
N LEU A 623 10.28 23.05 -4.96
CA LEU A 623 11.01 22.44 -3.82
C LEU A 623 10.59 20.98 -3.62
N SER A 624 9.31 20.65 -3.79
CA SER A 624 8.82 19.28 -3.52
C SER A 624 9.49 18.26 -4.42
N PRO A 625 9.80 17.03 -3.94
CA PRO A 625 10.35 15.97 -4.79
C PRO A 625 9.40 15.44 -5.88
N THR A 626 9.91 15.20 -7.09
CA THR A 626 9.08 14.65 -8.21
C THR A 626 9.90 13.61 -8.98
N LYS A 627 9.24 12.65 -9.64
CA LYS A 627 9.96 11.56 -10.36
C LYS A 627 9.71 11.70 -11.86
N LEU A 628 10.76 11.58 -12.69
CA LEU A 628 10.59 11.65 -14.16
C LEU A 628 9.72 10.50 -14.66
N MET A 629 9.96 9.29 -14.16
CA MET A 629 9.09 8.14 -14.54
C MET A 629 8.36 7.64 -13.31
N ARG A 630 7.02 7.72 -13.31
CA ARG A 630 6.21 7.31 -12.13
C ARG A 630 6.30 5.80 -11.95
N THR A 631 6.49 5.33 -10.72
CA THR A 631 6.61 3.88 -10.42
C THR A 631 6.28 3.65 -8.96
N VAL A 632 6.22 2.39 -8.53
CA VAL A 632 5.98 2.07 -7.10
C VAL A 632 7.20 2.52 -6.31
N GLU A 633 7.08 2.72 -4.99
CA GLU A 633 8.18 3.34 -4.21
C GLU A 633 9.52 2.60 -4.25
N GLY A 634 9.53 1.29 -4.03
CA GLY A 634 10.83 0.59 -3.97
C GLY A 634 11.58 0.53 -5.29
N ALA A 635 10.88 0.34 -6.41
CA ALA A 635 11.52 0.14 -7.73
C ALA A 635 12.55 1.22 -8.08
N THR A 636 13.69 0.81 -8.62
CA THR A 636 14.75 1.74 -8.99
C THR A 636 15.42 1.44 -10.33
N GLN A 637 14.99 0.39 -11.05
CA GLN A 637 15.67 0.04 -12.30
C GLN A 637 15.51 1.13 -13.35
N HIS A 638 14.33 1.72 -13.47
CA HIS A 638 14.11 2.75 -14.48
C HIS A 638 15.06 3.93 -14.28
N GLN A 639 15.21 4.37 -13.03
CA GLN A 639 16.11 5.48 -12.74
C GLN A 639 17.56 5.12 -13.05
N GLU A 640 17.96 3.89 -12.74
CA GLU A 640 19.34 3.49 -13.02
C GLU A 640 19.62 3.47 -14.51
N LEU A 641 18.68 2.94 -15.31
CA LEU A 641 18.87 2.98 -16.76
C LEU A 641 18.88 4.40 -17.28
N LEU A 642 18.08 5.29 -16.69
CA LEU A 642 18.12 6.69 -17.11
C LEU A 642 19.47 7.33 -16.80
N GLU A 643 20.06 6.99 -15.66
CA GLU A 643 21.32 7.60 -15.27
C GLU A 643 22.49 7.04 -16.07
N THR A 644 22.48 5.75 -16.38
CA THR A 644 23.61 5.13 -17.06
C THR A 644 23.71 5.48 -18.54
N CYS A 645 22.67 6.06 -19.13
CA CYS A 645 22.71 6.44 -20.53
C CYS A 645 23.59 7.67 -20.74
N PRO A 646 24.01 7.95 -21.97
CA PRO A 646 24.75 9.18 -22.24
C PRO A 646 23.93 10.40 -21.88
N PRO A 647 24.56 11.46 -21.36
CA PRO A 647 23.80 12.61 -20.89
C PRO A 647 22.97 13.30 -21.97
N THR A 648 23.38 13.19 -23.23
CA THR A 648 22.71 13.90 -24.31
C THR A 648 21.57 13.12 -24.93
N ALA A 649 21.22 11.95 -24.38
CA ALA A 649 20.15 11.16 -24.97
C ALA A 649 18.78 11.74 -24.66
N LEU A 650 18.56 12.18 -23.41
CA LEU A 650 17.23 12.56 -22.95
C LEU A 650 16.88 14.02 -23.20
N HIS A 651 17.66 14.74 -24.00
CA HIS A 651 17.38 16.15 -24.21
C HIS A 651 16.04 16.36 -24.89
N GLY A 652 15.70 15.50 -25.86
CA GLY A 652 14.42 15.64 -26.53
C GLY A 652 13.25 15.44 -25.58
N ALA A 653 13.31 14.40 -24.74
CA ALA A 653 12.23 14.15 -23.81
C ALA A 653 12.10 15.27 -22.79
N LEU A 654 13.22 15.73 -22.23
CA LEU A 654 13.17 16.79 -21.25
C LEU A 654 12.62 18.08 -21.86
N ASP A 655 13.05 18.40 -23.09
CA ASP A 655 12.56 19.61 -23.75
C ASP A 655 11.08 19.52 -24.05
N ALA A 656 10.61 18.34 -24.49
CA ALA A 656 9.17 18.19 -24.75
C ALA A 656 8.36 18.35 -23.48
N LEU A 657 8.83 17.76 -22.38
CA LEU A 657 8.11 17.91 -21.11
C LEU A 657 8.10 19.35 -20.65
N THR A 658 9.22 20.06 -20.81
CA THR A 658 9.27 21.46 -20.42
C THR A 658 8.34 22.31 -21.29
N GLN A 659 8.29 22.02 -22.60
CA GLN A 659 7.39 22.75 -23.49
C GLN A 659 5.94 22.54 -23.09
N LEU A 660 5.57 21.30 -22.76
CA LEU A 660 4.21 21.05 -22.33
C LEU A 660 3.92 21.71 -20.98
N GLY A 661 4.93 21.83 -20.12
CA GLY A 661 4.72 22.45 -18.83
C GLY A 661 4.42 23.93 -18.90
N ASN A 662 5.09 24.65 -19.80
CA ASN A 662 4.94 26.10 -19.92
C ASN A 662 3.79 26.46 -20.86
N CYS A 663 2.57 26.19 -20.40
CA CYS A 663 1.36 26.57 -21.12
C CYS A 663 0.38 27.17 -20.13
N ALA A 664 -0.01 28.42 -20.35
CA ALA A 664 -0.87 29.15 -19.43
C ALA A 664 -2.33 28.75 -19.66
N TRP A 665 -3.04 28.47 -18.57
CA TRP A 665 -4.43 28.03 -18.63
C TRP A 665 -5.34 29.10 -18.06
N ARG A 666 -6.64 28.83 -18.10
CA ARG A 666 -7.65 29.71 -17.51
C ARG A 666 -8.96 28.94 -17.47
N VAL A 667 -9.91 29.45 -16.68
CA VAL A 667 -11.20 28.80 -16.49
C VAL A 667 -12.28 29.56 -17.24
N ASN A 668 -13.32 28.83 -17.64
CA ASN A 668 -14.43 29.40 -18.39
C ASN A 668 -15.50 29.89 -17.41
N GLY A 669 -15.76 31.19 -17.39
CA GLY A 669 -16.64 31.75 -16.39
C GLY A 669 -18.09 31.30 -16.54
N ARG A 670 -18.60 31.32 -17.77
CA ARG A 670 -20.02 31.03 -17.97
C ARG A 670 -20.34 29.56 -17.69
N VAL A 671 -19.51 28.65 -18.17
CA VAL A 671 -19.72 27.24 -17.91
C VAL A 671 -19.62 26.96 -16.42
N LEU A 672 -18.68 27.60 -15.73
CA LEU A 672 -18.56 27.43 -14.29
C LEU A 672 -19.81 27.92 -13.57
N ASP A 673 -20.35 29.07 -13.99
CA ASP A 673 -21.55 29.60 -13.36
C ASP A 673 -22.73 28.64 -13.54
N LEU A 674 -22.91 28.14 -14.77
CA LEU A 674 -24.02 27.20 -15.01
C LEU A 674 -23.84 25.91 -14.22
N VAL A 675 -22.61 25.39 -14.16
CA VAL A 675 -22.37 24.15 -13.43
C VAL A 675 -22.62 24.36 -11.94
N LEU A 676 -22.31 25.53 -11.41
CA LEU A 676 -22.64 25.74 -9.97
C LEU A 676 -24.16 25.73 -9.79
N GLN A 677 -24.93 26.29 -10.72
CA GLN A 677 -26.39 26.39 -10.52
C GLN A 677 -27.00 24.99 -10.41
N LEU A 678 -26.63 24.08 -11.32
CA LEU A 678 -27.17 22.69 -11.29
C LEU A 678 -26.67 21.95 -10.05
N PHE A 679 -25.40 22.08 -9.69
CA PHE A 679 -24.82 21.33 -8.54
C PHE A 679 -25.48 21.72 -7.23
N GLN A 680 -25.74 23.01 -7.03
CA GLN A 680 -26.25 23.47 -5.71
C GLN A 680 -27.78 23.40 -5.65
N ALA A 681 -28.45 23.01 -6.73
CA ALA A 681 -29.92 23.04 -6.73
C ALA A 681 -30.51 21.70 -7.19
N LYS A 682 -30.37 20.63 -6.39
CA LYS A 682 -31.00 19.31 -6.67
C LYS A 682 -30.23 18.50 -7.71
N GLY A 683 -29.19 19.06 -8.32
CA GLY A 683 -28.33 18.28 -9.24
C GLY A 683 -28.95 18.07 -10.60
N CYS A 684 -28.18 17.56 -11.56
CA CYS A 684 -28.73 17.18 -12.88
C CYS A 684 -27.95 15.93 -13.31
N PRO A 685 -28.16 14.71 -12.74
CA PRO A 685 -27.27 13.58 -13.05
C PRO A 685 -27.23 13.23 -14.53
N GLN A 686 -28.24 13.63 -15.32
CA GLN A 686 -28.21 13.36 -16.74
C GLN A 686 -27.04 14.08 -17.42
N LEU A 687 -26.73 15.30 -16.96
CA LEU A 687 -25.68 16.11 -17.53
C LEU A 687 -24.33 15.89 -16.86
N GLY A 688 -24.21 14.91 -15.97
CA GLY A 688 -22.96 14.64 -15.30
C GLY A 688 -22.76 15.35 -13.98
N VAL A 689 -23.68 16.21 -13.57
CA VAL A 689 -23.60 16.89 -12.28
C VAL A 689 -24.29 16.01 -11.24
N PRO A 690 -23.56 15.46 -10.27
CA PRO A 690 -24.17 14.53 -9.31
C PRO A 690 -25.24 15.21 -8.46
N ALA A 691 -26.21 14.42 -8.01
CA ALA A 691 -27.34 14.96 -7.23
C ALA A 691 -26.97 15.03 -5.75
N PRO A 692 -27.67 15.84 -4.92
CA PRO A 692 -27.41 15.86 -3.48
C PRO A 692 -27.87 14.53 -2.88
N PRO A 693 -27.25 14.04 -1.78
CA PRO A 693 -27.70 12.81 -1.15
C PRO A 693 -29.07 13.01 -0.48
N SER A 694 -29.48 14.27 -0.22
CA SER A 694 -30.81 14.51 0.32
C SER A 694 -31.88 13.92 -0.58
N GLU A 695 -31.70 14.04 -1.89
CA GLU A 695 -32.58 13.37 -2.85
C GLU A 695 -32.10 11.94 -3.02
N ALA A 696 -32.80 11.00 -2.41
CA ALA A 696 -32.43 9.60 -2.43
C ALA A 696 -33.63 8.74 -2.82
N PRO A 697 -33.39 7.60 -3.47
CA PRO A 697 -34.53 6.73 -3.83
C PRO A 697 -35.34 6.26 -2.64
N GLN A 698 -34.67 5.95 -1.52
CA GLN A 698 -35.29 5.48 -0.27
C GLN A 698 -36.58 4.69 -0.45
N LYS A 713 -39.92 -10.82 6.67
CA LYS A 713 -38.87 -9.90 7.13
C LYS A 713 -37.70 -9.87 6.16
N ALA A 714 -37.54 -10.95 5.39
CA ALA A 714 -36.43 -11.05 4.45
C ALA A 714 -36.63 -10.19 3.21
N GLU A 715 -37.82 -9.61 3.03
CA GLU A 715 -38.09 -8.81 1.84
C GLU A 715 -37.67 -7.35 2.03
N LEU A 716 -37.82 -6.83 3.25
CA LEU A 716 -37.47 -5.43 3.51
C LEU A 716 -35.98 -5.18 3.34
N ARG A 717 -35.15 -6.13 3.77
CA ARG A 717 -33.71 -5.97 3.65
C ARG A 717 -33.28 -5.89 2.20
N ARG A 718 -33.92 -6.65 1.32
CA ARG A 718 -33.58 -6.63 -0.09
C ARG A 718 -33.88 -5.30 -0.77
N GLU A 719 -34.66 -4.43 -0.13
CA GLU A 719 -34.85 -3.06 -0.59
C GLU A 719 -33.94 -2.07 0.12
N LEU A 720 -33.79 -2.23 1.44
CA LEU A 720 -32.96 -1.30 2.20
C LEU A 720 -31.51 -1.35 1.75
N ALA A 721 -31.00 -2.56 1.48
CA ALA A 721 -29.61 -2.69 1.03
C ALA A 721 -29.40 -1.99 -0.30
N HIS A 722 -30.32 -2.17 -1.24
CA HIS A 722 -30.20 -1.52 -2.55
C HIS A 722 -30.23 -0.01 -2.41
N CYS A 723 -31.17 0.50 -1.60
CA CYS A 723 -31.26 1.95 -1.40
C CYS A 723 -29.97 2.50 -0.79
N GLN A 724 -29.43 1.81 0.20
CA GLN A 724 -28.19 2.26 0.84
C GLN A 724 -27.02 2.23 -0.13
N LYS A 725 -26.95 1.20 -0.98
CA LYS A 725 -25.87 1.13 -1.96
C LYS A 725 -25.94 2.28 -2.95
N VAL A 726 -27.15 2.58 -3.44
CA VAL A 726 -27.31 3.70 -4.36
C VAL A 726 -26.92 5.01 -3.69
N ALA A 727 -27.33 5.19 -2.43
CA ALA A 727 -26.97 6.40 -1.71
C ALA A 727 -25.47 6.52 -1.55
N ARG A 728 -24.78 5.41 -1.25
CA ARG A 728 -23.33 5.45 -1.09
C ARG A 728 -22.64 5.85 -2.39
N GLU A 729 -23.06 5.26 -3.51
CA GLU A 729 -22.43 5.62 -4.79
C GLU A 729 -22.66 7.08 -5.14
N MET A 730 -23.90 7.57 -4.93
CA MET A 730 -24.18 8.97 -5.20
C MET A 730 -23.33 9.89 -4.31
N HIS A 731 -23.17 9.52 -3.04
CA HIS A 731 -22.37 10.33 -2.13
C HIS A 731 -20.90 10.40 -2.58
N SER A 732 -20.34 9.26 -3.00
CA SER A 732 -18.95 9.27 -3.45
C SER A 732 -18.79 10.15 -4.68
N LEU A 733 -19.70 10.02 -5.65
CA LEU A 733 -19.61 10.86 -6.85
C LEU A 733 -19.72 12.33 -6.50
N ARG A 734 -20.64 12.68 -5.58
CA ARG A 734 -20.80 14.07 -5.20
C ARG A 734 -19.55 14.60 -4.50
N ALA A 735 -18.90 13.76 -3.69
CA ALA A 735 -17.67 14.21 -3.03
C ALA A 735 -16.58 14.52 -4.04
N GLU A 736 -16.41 13.64 -5.04
CA GLU A 736 -15.39 13.91 -6.05
C GLU A 736 -15.70 15.19 -6.83
N ALA A 737 -16.98 15.36 -7.21
CA ALA A 737 -17.38 16.57 -7.92
C ALA A 737 -17.16 17.82 -7.06
N LEU A 738 -17.42 17.70 -5.75
CA LEU A 738 -17.20 18.83 -4.85
C LEU A 738 -15.73 19.22 -4.83
N TYR A 739 -14.83 18.23 -4.78
CA TYR A 739 -13.40 18.54 -4.82
C TYR A 739 -13.06 19.30 -6.10
N ARG A 740 -13.47 18.79 -7.25
CA ARG A 740 -13.10 19.44 -8.50
C ARG A 740 -13.68 20.85 -8.60
N LEU A 741 -14.94 21.03 -8.21
CA LEU A 741 -15.58 22.34 -8.38
C LEU A 741 -15.03 23.36 -7.38
N SER A 742 -14.72 22.94 -6.15
CA SER A 742 -14.08 23.86 -5.22
C SER A 742 -12.74 24.32 -5.74
N LEU A 743 -11.93 23.38 -6.25
CA LEU A 743 -10.64 23.77 -6.81
C LEU A 743 -10.83 24.71 -8.00
N ALA A 744 -11.82 24.43 -8.85
CA ALA A 744 -12.05 25.26 -10.03
C ALA A 744 -12.47 26.67 -9.65
N GLN A 745 -13.32 26.80 -8.63
CA GLN A 745 -13.71 28.14 -8.19
C GLN A 745 -12.54 28.90 -7.58
N HIS A 746 -11.68 28.20 -6.83
CA HIS A 746 -10.56 28.89 -6.22
C HIS A 746 -9.61 29.50 -7.25
N LEU A 747 -9.58 28.97 -8.46
CA LEU A 747 -8.72 29.46 -9.54
C LEU A 747 -9.50 30.26 -10.58
N ARG A 748 -10.47 31.06 -10.15
CA ARG A 748 -11.40 31.68 -11.09
C ARG A 748 -10.73 32.81 -11.88
N ASP A 749 -9.98 33.68 -11.21
CA ASP A 749 -9.39 34.85 -11.82
C ASP A 749 -7.87 34.80 -11.85
N ARG A 750 -7.31 33.59 -11.92
CA ARG A 750 -5.87 33.41 -11.87
C ARG A 750 -5.41 32.61 -13.09
N VAL A 751 -4.12 32.70 -13.37
CA VAL A 751 -3.48 31.93 -14.43
C VAL A 751 -2.60 30.89 -13.77
N PHE A 752 -2.77 29.62 -14.14
CA PHE A 752 -2.07 28.52 -13.50
C PHE A 752 -1.41 27.64 -14.56
N TRP A 753 -0.38 26.91 -14.13
CA TRP A 753 0.40 26.05 -15.00
C TRP A 753 0.38 24.62 -14.45
N LEU A 754 0.40 23.64 -15.36
CA LEU A 754 0.38 22.23 -14.97
C LEU A 754 1.66 21.54 -15.42
N PRO A 755 2.49 21.06 -14.51
CA PRO A 755 3.70 20.33 -14.92
C PRO A 755 3.39 18.97 -15.54
N HIS A 756 4.43 18.21 -15.88
CA HIS A 756 4.27 16.94 -16.58
C HIS A 756 5.36 15.97 -16.17
N ASN A 757 5.09 14.67 -16.38
CA ASN A 757 6.09 13.63 -16.25
C ASN A 757 5.64 12.42 -17.06
N MET A 758 6.43 11.35 -17.01
CA MET A 758 6.20 10.17 -17.85
C MET A 758 5.95 8.94 -17.00
N ASP A 759 5.25 7.97 -17.60
CA ASP A 759 5.24 6.61 -17.10
C ASP A 759 6.46 5.88 -17.70
N PHE A 760 6.61 4.59 -17.36
CA PHE A 760 7.87 3.93 -17.67
C PHE A 760 8.01 3.65 -19.17
N ARG A 761 6.97 3.95 -19.95
CA ARG A 761 7.07 3.75 -21.39
C ARG A 761 7.42 5.06 -22.10
N GLY A 762 6.86 6.17 -21.67
CA GLY A 762 7.19 7.45 -22.25
C GLY A 762 6.02 8.40 -22.41
N ARG A 763 4.81 7.89 -22.23
CA ARG A 763 3.63 8.74 -22.37
C ARG A 763 3.56 9.74 -21.22
N THR A 764 3.10 10.95 -21.54
CA THR A 764 3.15 12.09 -20.64
C THR A 764 1.82 12.26 -19.92
N TYR A 765 1.89 12.52 -18.61
CA TYR A 765 0.70 12.72 -17.78
C TYR A 765 0.89 13.98 -16.94
N PRO A 766 -0.14 14.80 -16.78
CA PRO A 766 -0.03 15.94 -15.86
C PRO A 766 0.11 15.46 -14.42
N CYS A 767 0.82 16.25 -13.61
CA CYS A 767 1.04 15.84 -12.22
C CYS A 767 -0.18 16.09 -11.33
N PRO A 768 -0.78 17.28 -11.30
CA PRO A 768 -1.93 17.50 -10.40
C PRO A 768 -3.11 16.61 -10.77
N PRO A 769 -3.54 15.73 -9.86
CA PRO A 769 -4.57 14.74 -10.20
C PRO A 769 -5.99 15.29 -10.29
N HIS A 770 -6.38 16.15 -9.34
CA HIS A 770 -7.78 16.50 -9.20
C HIS A 770 -8.31 17.28 -10.41
N PHE A 771 -7.63 18.35 -10.80
CA PHE A 771 -8.14 19.29 -11.79
C PHE A 771 -7.12 19.47 -12.90
N ASN A 772 -7.25 18.69 -13.96
CA ASN A 772 -6.44 18.80 -15.15
C ASN A 772 -7.34 18.62 -16.37
N HIS A 773 -6.74 18.49 -17.55
CA HIS A 773 -7.51 18.42 -18.79
C HIS A 773 -7.67 17.00 -19.31
N LEU A 774 -7.39 15.98 -18.50
CA LEU A 774 -7.67 14.60 -18.87
C LEU A 774 -9.02 14.10 -18.36
N GLY A 775 -9.80 14.96 -17.71
CA GLY A 775 -11.02 14.54 -17.06
C GLY A 775 -12.20 14.40 -18.00
N SER A 776 -13.40 14.47 -17.43
CA SER A 776 -14.63 14.29 -18.18
C SER A 776 -14.98 15.59 -18.91
N ASP A 777 -16.20 15.67 -19.43
CA ASP A 777 -16.60 16.85 -20.22
C ASP A 777 -16.61 18.11 -19.37
N VAL A 778 -16.92 17.99 -18.08
CA VAL A 778 -16.91 19.16 -17.21
C VAL A 778 -15.49 19.73 -17.11
N ALA A 779 -14.50 18.87 -16.87
CA ALA A 779 -13.12 19.29 -16.76
C ALA A 779 -12.58 19.86 -18.07
N ARG A 780 -12.89 19.20 -19.19
CA ARG A 780 -12.40 19.70 -20.47
C ARG A 780 -13.16 20.91 -20.97
N ALA A 781 -14.32 21.21 -20.37
CA ALA A 781 -15.10 22.37 -20.76
C ALA A 781 -14.79 23.59 -19.90
N LEU A 782 -14.37 23.38 -18.65
CA LEU A 782 -14.05 24.50 -17.79
C LEU A 782 -12.74 25.19 -18.20
N LEU A 783 -11.85 24.50 -18.91
CA LEU A 783 -10.52 25.00 -19.19
C LEU A 783 -10.46 25.65 -20.56
N GLU A 784 -9.58 26.65 -20.70
CA GLU A 784 -9.33 27.29 -21.98
C GLU A 784 -7.98 28.01 -21.92
N PHE A 785 -7.39 28.23 -23.10
CA PHE A 785 -6.08 28.87 -23.17
C PHE A 785 -6.15 30.30 -22.65
N ALA A 786 -5.08 30.72 -21.96
CA ALA A 786 -5.02 32.11 -21.49
C ALA A 786 -4.68 33.08 -22.62
N GLN A 787 -3.80 32.70 -23.53
CA GLN A 787 -3.45 33.56 -24.64
C GLN A 787 -4.36 33.30 -25.84
N GLY A 788 -4.76 34.38 -26.51
CA GLY A 788 -5.65 34.30 -27.64
C GLY A 788 -4.93 34.52 -28.96
N ARG A 789 -5.68 34.37 -30.05
CA ARG A 789 -5.15 34.51 -31.39
C ARG A 789 -6.29 34.93 -32.31
N PRO A 790 -6.03 35.83 -33.26
CA PRO A 790 -7.07 36.15 -34.25
C PRO A 790 -7.49 34.91 -35.03
N LEU A 791 -8.80 34.85 -35.33
CA LEU A 791 -9.31 33.69 -36.06
C LEU A 791 -8.74 33.64 -37.47
N GLY A 792 -8.58 34.79 -38.11
CA GLY A 792 -8.07 34.83 -39.47
C GLY A 792 -9.09 34.35 -40.46
N PRO A 793 -8.63 33.82 -41.60
CA PRO A 793 -9.57 33.39 -42.64
C PRO A 793 -10.31 32.09 -42.31
N HIS A 794 -9.62 31.10 -41.74
CA HIS A 794 -10.19 29.77 -41.58
C HIS A 794 -10.56 29.43 -40.15
N GLY A 795 -10.40 30.36 -39.21
CA GLY A 795 -10.67 30.06 -37.81
C GLY A 795 -12.13 29.73 -37.56
N LEU A 796 -13.05 30.48 -38.17
CA LEU A 796 -14.47 30.24 -37.97
C LEU A 796 -14.88 28.88 -38.54
N ASP A 797 -14.34 28.53 -39.71
CA ASP A 797 -14.64 27.23 -40.29
C ASP A 797 -14.13 26.10 -39.41
N TRP A 798 -12.91 26.26 -38.87
CA TRP A 798 -12.39 25.22 -37.99
C TRP A 798 -13.22 25.11 -36.72
N LEU A 799 -13.70 26.24 -36.19
CA LEU A 799 -14.58 26.21 -35.04
C LEU A 799 -15.88 25.47 -35.33
N LYS A 800 -16.50 25.72 -36.49
CA LYS A 800 -17.71 25.00 -36.86
C LYS A 800 -17.48 23.50 -37.01
N ILE A 801 -16.38 23.11 -37.66
CA ILE A 801 -16.10 21.69 -37.81
C ILE A 801 -15.82 21.05 -36.45
N HIS A 802 -15.14 21.77 -35.55
CA HIS A 802 -14.94 21.25 -34.20
C HIS A 802 -16.26 21.07 -33.47
N LEU A 803 -17.18 22.02 -33.63
CA LEU A 803 -18.50 21.88 -33.00
C LEU A 803 -19.21 20.64 -33.52
N VAL A 804 -19.16 20.41 -34.83
CA VAL A 804 -19.82 19.25 -35.41
C VAL A 804 -19.17 17.96 -34.91
N ASN A 805 -17.84 17.95 -34.81
CA ASN A 805 -17.15 16.77 -34.28
C ASN A 805 -17.55 16.50 -32.84
N LEU A 806 -17.67 17.55 -32.02
CA LEU A 806 -18.09 17.37 -30.64
C LEU A 806 -19.53 16.86 -30.57
N THR A 807 -20.38 17.28 -31.51
CA THR A 807 -21.76 16.83 -31.51
C THR A 807 -21.86 15.32 -31.71
N GLY A 808 -21.03 14.77 -32.59
CA GLY A 808 -21.02 13.35 -32.84
C GLY A 808 -22.07 12.86 -33.81
N LEU A 809 -22.94 13.73 -34.31
CA LEU A 809 -23.95 13.33 -35.27
C LEU A 809 -23.31 12.90 -36.59
N LYS A 810 -22.32 13.64 -37.07
CA LYS A 810 -21.66 13.36 -38.33
C LYS A 810 -20.25 12.88 -38.03
N LYS A 811 -20.01 11.58 -38.23
CA LYS A 811 -18.69 11.01 -37.99
C LYS A 811 -18.12 10.27 -39.20
N ARG A 812 -18.94 9.94 -40.21
CA ARG A 812 -18.47 9.31 -41.42
C ARG A 812 -18.61 10.24 -42.63
N GLU A 813 -18.76 11.54 -42.40
CA GLU A 813 -18.99 12.51 -43.44
C GLU A 813 -17.73 13.33 -43.70
N PRO A 814 -17.52 13.77 -44.95
CA PRO A 814 -16.37 14.62 -45.24
C PRO A 814 -16.51 15.98 -44.59
N LEU A 815 -15.42 16.75 -44.65
CA LEU A 815 -15.40 18.05 -43.99
C LEU A 815 -16.43 19.00 -44.59
N ARG A 816 -16.64 18.93 -45.89
CA ARG A 816 -17.63 19.80 -46.54
C ARG A 816 -19.01 19.56 -45.97
N LYS A 817 -19.38 18.30 -45.78
CA LYS A 817 -20.71 17.99 -45.26
C LYS A 817 -20.84 18.39 -43.80
N ARG A 818 -19.76 18.25 -43.02
CA ARG A 818 -19.81 18.71 -41.64
C ARG A 818 -20.00 20.22 -41.57
N LEU A 819 -19.30 20.97 -42.42
CA LEU A 819 -19.48 22.41 -42.45
C LEU A 819 -20.88 22.79 -42.90
N ALA A 820 -21.42 22.09 -43.90
CA ALA A 820 -22.77 22.36 -44.36
C ALA A 820 -23.80 22.09 -43.27
N PHE A 821 -23.65 20.98 -42.55
CA PHE A 821 -24.56 20.69 -41.44
C PHE A 821 -24.44 21.73 -40.35
N ALA A 822 -23.22 22.21 -40.09
CA ALA A 822 -23.05 23.29 -39.13
C ALA A 822 -23.80 24.54 -39.57
N GLU A 823 -23.76 24.85 -40.87
CA GLU A 823 -24.48 26.02 -41.37
C GLU A 823 -25.99 25.82 -41.31
N GLU A 824 -26.44 24.57 -41.41
CA GLU A 824 -27.88 24.30 -41.40
C GLU A 824 -28.51 24.58 -40.03
N VAL A 825 -27.79 24.30 -38.94
CA VAL A 825 -28.38 24.34 -37.61
C VAL A 825 -27.87 25.53 -36.82
N MET A 826 -27.53 26.62 -37.53
CA MET A 826 -26.97 27.79 -36.87
C MET A 826 -27.96 28.38 -35.87
N ASP A 827 -29.26 28.30 -36.16
CA ASP A 827 -30.26 28.84 -35.25
C ASP A 827 -30.24 28.13 -33.91
N ASP A 828 -30.09 26.80 -33.92
CA ASP A 828 -30.01 26.05 -32.67
C ASP A 828 -28.78 26.43 -31.87
N ILE A 829 -27.65 26.60 -32.54
CA ILE A 829 -26.42 27.02 -31.86
C ILE A 829 -26.62 28.37 -31.19
N LEU A 830 -27.19 29.33 -31.93
CA LEU A 830 -27.40 30.66 -31.37
C LEU A 830 -28.36 30.62 -30.20
N ASP A 831 -29.45 29.85 -30.31
CA ASP A 831 -30.41 29.75 -29.22
C ASP A 831 -29.77 29.14 -27.98
N SER A 832 -28.99 28.08 -28.15
CA SER A 832 -28.34 27.44 -27.01
C SER A 832 -27.31 28.36 -26.38
N ALA A 833 -26.64 29.19 -27.19
CA ALA A 833 -25.69 30.14 -26.63
C ALA A 833 -26.40 31.26 -25.88
N ASP A 834 -27.58 31.65 -26.31
CA ASP A 834 -28.27 32.77 -25.68
C ASP A 834 -28.96 32.36 -24.38
N GLN A 835 -29.80 31.33 -24.44
CA GLN A 835 -30.54 30.83 -23.27
C GLN A 835 -30.21 29.35 -23.08
N PRO A 836 -29.18 29.05 -22.29
CA PRO A 836 -28.75 27.64 -22.16
C PRO A 836 -29.76 26.77 -21.43
N LEU A 837 -30.21 27.18 -20.25
CA LEU A 837 -31.00 26.32 -19.39
C LEU A 837 -32.50 26.57 -19.47
N THR A 838 -32.95 27.56 -20.23
CA THR A 838 -34.36 27.89 -20.32
C THR A 838 -34.85 28.06 -21.76
N GLY A 839 -34.15 27.50 -22.73
CA GLY A 839 -34.53 27.65 -24.12
C GLY A 839 -34.96 26.36 -24.78
N ARG A 840 -34.62 26.19 -26.05
CA ARG A 840 -34.96 24.95 -26.75
C ARG A 840 -34.10 23.78 -26.28
N LYS A 841 -32.95 24.07 -25.65
CA LYS A 841 -32.11 23.05 -25.04
C LYS A 841 -31.60 22.03 -26.06
N TRP A 842 -31.05 22.53 -27.17
CA TRP A 842 -30.53 21.62 -28.19
C TRP A 842 -29.19 21.02 -27.77
N TRP A 843 -28.44 21.73 -26.92
CA TRP A 843 -27.06 21.33 -26.66
C TRP A 843 -26.97 20.07 -25.82
N MET A 844 -28.04 19.72 -25.08
CA MET A 844 -27.95 18.53 -24.25
C MET A 844 -28.07 17.23 -25.03
N GLY A 845 -28.39 17.29 -26.32
CA GLY A 845 -28.48 16.10 -27.13
C GLY A 845 -27.16 15.63 -27.72
N ALA A 846 -26.06 16.32 -27.44
CA ALA A 846 -24.78 15.96 -28.03
C ALA A 846 -24.10 14.86 -27.24
N GLU A 847 -23.10 14.24 -27.86
CA GLU A 847 -22.33 13.20 -27.19
C GLU A 847 -21.53 13.78 -26.02
N GLU A 848 -20.98 14.97 -26.20
CA GLU A 848 -20.31 15.70 -25.12
C GLU A 848 -21.03 17.03 -24.90
N PRO A 849 -22.00 17.09 -24.00
CA PRO A 849 -22.88 18.28 -23.95
C PRO A 849 -22.18 19.54 -23.47
N TRP A 850 -21.34 19.44 -22.44
CA TRP A 850 -20.78 20.65 -21.84
C TRP A 850 -19.77 21.32 -22.77
N GLN A 851 -18.92 20.53 -23.44
CA GLN A 851 -18.00 21.12 -24.41
C GLN A 851 -18.75 21.76 -25.56
N THR A 852 -19.84 21.11 -26.00
CA THR A 852 -20.63 21.64 -27.11
C THR A 852 -21.21 23.01 -26.76
N LEU A 853 -21.62 23.18 -25.50
CA LEU A 853 -22.15 24.48 -25.08
C LEU A 853 -21.08 25.58 -25.19
N ALA A 854 -19.86 25.29 -24.73
CA ALA A 854 -18.79 26.28 -24.80
C ALA A 854 -18.44 26.60 -26.25
N CYS A 855 -18.39 25.58 -27.11
CA CYS A 855 -18.13 25.84 -28.52
C CYS A 855 -19.24 26.67 -29.14
N CYS A 856 -20.50 26.41 -28.74
CA CYS A 856 -21.61 27.20 -29.26
C CYS A 856 -21.50 28.66 -28.83
N MET A 857 -21.12 28.90 -27.57
CA MET A 857 -20.94 30.28 -27.13
C MET A 857 -19.82 30.97 -27.90
N GLU A 858 -18.71 30.26 -28.13
CA GLU A 858 -17.62 30.83 -28.90
C GLU A 858 -18.07 31.19 -30.31
N VAL A 859 -18.80 30.28 -30.96
CA VAL A 859 -19.26 30.51 -32.33
C VAL A 859 -20.24 31.68 -32.39
N ALA A 860 -21.16 31.76 -31.42
CA ALA A 860 -22.12 32.86 -31.40
C ALA A 860 -21.42 34.20 -31.23
N ASN A 861 -20.45 34.26 -30.31
CA ASN A 861 -19.71 35.51 -30.13
C ASN A 861 -18.94 35.88 -31.39
N ALA A 862 -18.34 34.88 -32.06
CA ALA A 862 -17.61 35.16 -33.28
C ALA A 862 -18.53 35.69 -34.39
N VAL A 863 -19.70 35.07 -34.54
CA VAL A 863 -20.60 35.45 -35.63
C VAL A 863 -21.21 36.83 -35.38
N ARG A 864 -21.66 37.10 -34.15
CA ARG A 864 -22.34 38.37 -33.89
C ARG A 864 -21.42 39.57 -33.88
N ALA A 865 -20.11 39.36 -33.89
CA ALA A 865 -19.17 40.48 -33.89
C ALA A 865 -19.16 41.17 -35.26
N SER A 866 -18.59 42.37 -35.28
CA SER A 866 -18.52 43.16 -36.52
C SER A 866 -17.71 42.44 -37.58
N ASP A 867 -16.43 42.19 -37.31
CA ASP A 867 -15.57 41.46 -38.24
C ASP A 867 -15.16 40.14 -37.60
N PRO A 868 -15.72 39.01 -38.04
CA PRO A 868 -15.31 37.73 -37.43
C PRO A 868 -13.87 37.37 -37.69
N ALA A 869 -13.24 37.96 -38.71
CA ALA A 869 -11.87 37.60 -39.04
C ALA A 869 -10.88 38.05 -37.99
N ALA A 870 -11.24 39.06 -37.18
CA ALA A 870 -10.34 39.60 -36.17
C ALA A 870 -10.68 39.14 -34.77
N TYR A 871 -11.62 38.21 -34.61
CA TYR A 871 -12.01 37.77 -33.27
C TYR A 871 -10.87 37.02 -32.60
N VAL A 872 -10.76 37.17 -31.28
CA VAL A 872 -9.70 36.55 -30.50
C VAL A 872 -10.29 35.36 -29.76
N SER A 873 -9.87 34.15 -30.13
CA SER A 873 -10.43 32.92 -29.59
C SER A 873 -9.42 32.26 -28.65
N HIS A 874 -9.87 31.93 -27.45
CA HIS A 874 -9.05 31.28 -26.43
C HIS A 874 -9.31 29.77 -26.35
N LEU A 875 -10.09 29.22 -27.26
CA LEU A 875 -10.62 27.87 -27.12
C LEU A 875 -9.81 26.88 -27.94
N PRO A 876 -9.27 25.83 -27.33
CA PRO A 876 -8.48 24.85 -28.09
C PRO A 876 -9.36 24.06 -29.06
N VAL A 877 -8.72 23.56 -30.12
CA VAL A 877 -9.37 22.74 -31.14
C VAL A 877 -8.69 21.38 -31.17
N HIS A 878 -9.46 20.31 -31.08
CA HIS A 878 -8.85 18.97 -30.95
C HIS A 878 -8.77 18.28 -32.31
N GLN A 879 -7.60 17.76 -32.69
CA GLN A 879 -7.49 16.93 -33.91
C GLN A 879 -7.02 15.56 -33.40
N ASP A 880 -7.69 14.46 -33.75
CA ASP A 880 -7.40 13.13 -33.16
C ASP A 880 -7.12 12.13 -34.27
N GLY A 881 -6.53 10.98 -33.97
CA GLY A 881 -6.11 10.03 -35.02
C GLY A 881 -6.86 8.73 -35.01
N SER A 882 -7.28 8.28 -36.19
CA SER A 882 -8.11 7.07 -36.27
C SER A 882 -7.28 5.79 -36.21
N CYS A 883 -7.67 4.83 -35.38
CA CYS A 883 -6.99 3.51 -35.32
C CYS A 883 -5.49 3.72 -35.16
N ASN A 884 -5.06 4.48 -34.14
CA ASN A 884 -3.63 4.83 -34.03
C ASN A 884 -2.77 3.57 -33.95
N GLY A 885 -3.16 2.57 -33.18
CA GLY A 885 -2.28 1.40 -33.04
C GLY A 885 -2.10 0.72 -34.38
N LEU A 886 -3.18 0.56 -35.14
CA LEU A 886 -3.13 -0.11 -36.46
C LEU A 886 -2.44 0.80 -37.47
N GLN A 887 -2.40 2.11 -37.21
CA GLN A 887 -1.72 3.07 -38.10
C GLN A 887 -0.22 2.89 -37.90
N HIS A 888 0.21 2.54 -36.69
CA HIS A 888 1.63 2.28 -36.46
C HIS A 888 2.00 0.87 -36.92
N TYR A 889 1.11 -0.10 -36.72
CA TYR A 889 1.39 -1.44 -37.20
C TYR A 889 1.54 -1.47 -38.72
N ALA A 890 0.65 -0.79 -39.43
CA ALA A 890 0.73 -0.73 -40.89
C ALA A 890 1.93 0.06 -41.38
N ALA A 891 2.36 1.08 -40.64
CA ALA A 891 3.59 1.77 -40.99
C ALA A 891 4.82 0.89 -40.78
N LEU A 892 4.85 0.12 -39.70
CA LEU A 892 5.98 -0.78 -39.46
C LEU A 892 6.03 -1.89 -40.51
N GLY A 893 4.87 -2.46 -40.85
CA GLY A 893 4.81 -3.53 -41.82
C GLY A 893 4.75 -3.11 -43.27
N ARG A 894 4.50 -1.83 -43.56
CA ARG A 894 4.38 -1.33 -44.92
C ARG A 894 3.35 -2.13 -45.72
N ASP A 895 2.24 -2.45 -45.05
CA ASP A 895 1.17 -3.24 -45.66
C ASP A 895 0.19 -2.31 -46.36
N SER A 896 0.17 -2.38 -47.70
CA SER A 896 -0.70 -1.48 -48.46
C SER A 896 -2.17 -1.74 -48.15
N VAL A 897 -2.56 -3.01 -48.03
CA VAL A 897 -3.94 -3.34 -47.72
C VAL A 897 -4.32 -2.77 -46.36
N GLY A 898 -3.45 -2.96 -45.36
CA GLY A 898 -3.70 -2.38 -44.06
C GLY A 898 -3.63 -0.86 -44.07
N ALA A 899 -2.69 -0.30 -44.84
CA ALA A 899 -2.51 1.15 -44.87
C ALA A 899 -3.74 1.85 -45.42
N ALA A 900 -4.32 1.31 -46.50
CA ALA A 900 -5.46 1.97 -47.11
C ALA A 900 -6.68 1.97 -46.17
N SER A 901 -6.75 1.00 -45.27
CA SER A 901 -7.92 0.87 -44.40
C SER A 901 -7.89 1.89 -43.26
N VAL A 902 -6.69 2.28 -42.81
CA VAL A 902 -6.55 3.13 -41.64
C VAL A 902 -6.26 4.58 -42.02
N ASN A 903 -6.65 4.99 -43.23
CA ASN A 903 -6.56 6.38 -43.67
C ASN A 903 -5.11 6.84 -43.82
N LEU A 904 -4.24 5.90 -44.21
CA LEU A 904 -2.86 6.25 -44.56
C LEU A 904 -2.70 6.61 -46.03
N GLU A 905 -3.76 6.51 -46.81
CA GLU A 905 -3.71 6.85 -48.22
C GLU A 905 -4.73 7.96 -48.53
N PRO A 906 -4.48 8.77 -49.54
CA PRO A 906 -5.41 9.85 -49.88
C PRO A 906 -6.77 9.28 -50.27
N SER A 907 -7.79 9.64 -49.49
CA SER A 907 -9.14 9.17 -49.70
C SER A 907 -10.11 10.34 -49.59
N ASP A 908 -11.26 10.20 -50.24
CA ASP A 908 -12.26 11.26 -50.25
C ASP A 908 -13.24 11.16 -49.09
N VAL A 909 -13.36 9.98 -48.50
CA VAL A 909 -14.30 9.76 -47.39
C VAL A 909 -13.58 8.99 -46.30
N PRO A 910 -13.79 9.32 -45.03
CA PRO A 910 -13.12 8.57 -43.95
C PRO A 910 -13.48 7.09 -43.98
N GLN A 911 -12.49 6.27 -43.64
CA GLN A 911 -12.65 4.82 -43.58
C GLN A 911 -12.15 4.32 -42.24
N ASP A 912 -12.92 3.46 -41.59
CA ASP A 912 -12.52 2.85 -40.33
C ASP A 912 -12.87 1.36 -40.33
N VAL A 913 -12.07 0.58 -39.62
CA VAL A 913 -12.30 -0.86 -39.53
C VAL A 913 -13.50 -1.18 -38.65
N TYR A 914 -13.72 -0.37 -37.61
CA TYR A 914 -14.70 -0.71 -36.59
C TYR A 914 -16.10 -0.80 -37.17
N SER A 915 -16.45 0.13 -38.06
CA SER A 915 -17.77 0.08 -38.70
C SER A 915 -17.93 -1.16 -39.57
N GLY A 916 -16.88 -1.55 -40.29
CA GLY A 916 -16.96 -2.77 -41.08
C GLY A 916 -17.16 -4.00 -40.22
N VAL A 917 -16.45 -4.08 -39.10
CA VAL A 917 -16.65 -5.20 -38.17
C VAL A 917 -18.06 -5.20 -37.62
N ALA A 918 -18.58 -4.02 -37.28
CA ALA A 918 -19.95 -3.93 -36.77
C ALA A 918 -20.95 -4.40 -37.82
N ALA A 919 -20.73 -4.02 -39.08
CA ALA A 919 -21.62 -4.45 -40.15
C ALA A 919 -21.59 -5.96 -40.33
N GLN A 920 -20.41 -6.55 -40.30
CA GLN A 920 -20.31 -8.00 -40.45
C GLN A 920 -20.97 -8.73 -39.27
N VAL A 921 -20.77 -8.22 -38.05
CA VAL A 921 -21.39 -8.84 -36.88
C VAL A 921 -22.90 -8.74 -36.99
N GLU A 922 -23.41 -7.60 -37.45
CA GLU A 922 -24.86 -7.45 -37.61
C GLU A 922 -25.40 -8.39 -38.66
N VAL A 923 -24.66 -8.61 -39.75
CA VAL A 923 -25.10 -9.55 -40.78
C VAL A 923 -25.19 -10.96 -40.21
N PHE A 924 -24.17 -11.37 -39.45
CA PHE A 924 -24.21 -12.69 -38.81
C PHE A 924 -25.38 -12.79 -37.85
N ARG A 925 -25.65 -11.72 -37.09
CA ARG A 925 -26.78 -11.72 -36.17
C ARG A 925 -28.09 -11.85 -36.91
N ARG A 926 -28.23 -11.18 -38.05
CA ARG A 926 -29.45 -11.28 -38.84
C ARG A 926 -29.67 -12.70 -39.33
N GLN A 927 -28.62 -13.32 -39.87
CA GLN A 927 -28.75 -14.70 -40.34
C GLN A 927 -29.11 -15.64 -39.20
N ASP A 928 -28.49 -15.44 -38.03
CA ASP A 928 -28.78 -16.30 -36.89
C ASP A 928 -30.21 -16.11 -36.40
N ALA A 929 -30.68 -14.86 -36.37
CA ALA A 929 -32.03 -14.58 -35.90
C ALA A 929 -33.08 -15.11 -36.88
N GLN A 930 -32.71 -15.23 -38.16
CA GLN A 930 -33.62 -15.85 -39.12
C GLN A 930 -33.98 -17.27 -38.70
N ARG A 931 -33.02 -17.99 -38.12
CA ARG A 931 -33.23 -19.38 -37.70
C ARG A 931 -33.87 -19.51 -36.33
N GLY A 932 -34.10 -18.44 -35.58
CA GLY A 932 -34.88 -18.54 -34.36
C GLY A 932 -34.12 -18.61 -33.06
N MET A 933 -33.06 -17.82 -32.90
CA MET A 933 -32.38 -17.72 -31.61
C MET A 933 -32.89 -16.51 -30.85
N ARG A 934 -33.22 -16.71 -29.57
CA ARG A 934 -33.81 -15.64 -28.77
C ARG A 934 -32.82 -14.49 -28.57
N VAL A 935 -31.57 -14.81 -28.25
CA VAL A 935 -30.58 -13.77 -27.98
C VAL A 935 -30.28 -12.99 -29.25
N ALA A 936 -30.35 -13.64 -30.41
CA ALA A 936 -30.16 -12.93 -31.66
C ALA A 936 -31.27 -11.92 -31.89
N GLN A 937 -32.51 -12.28 -31.54
CA GLN A 937 -33.63 -11.39 -31.78
C GLN A 937 -33.70 -10.25 -30.78
N VAL A 938 -33.29 -10.49 -29.53
CA VAL A 938 -33.48 -9.47 -28.49
C VAL A 938 -32.63 -8.24 -28.79
N LEU A 939 -31.40 -8.44 -29.25
CA LEU A 939 -30.50 -7.33 -29.59
C LEU A 939 -30.56 -7.07 -31.10
N GLU A 940 -31.76 -6.67 -31.54
CA GLU A 940 -32.01 -6.51 -32.97
C GLU A 940 -31.16 -5.40 -33.58
N GLY A 941 -31.09 -4.24 -32.94
CA GLY A 941 -30.38 -3.12 -33.51
C GLY A 941 -29.46 -2.42 -32.54
N PHE A 942 -29.14 -3.08 -31.41
CA PHE A 942 -28.27 -2.48 -30.42
C PHE A 942 -26.80 -2.65 -30.76
N ILE A 943 -26.49 -3.38 -31.83
CA ILE A 943 -25.09 -3.56 -32.23
C ILE A 943 -24.59 -2.26 -32.86
N THR A 944 -23.46 -1.78 -32.37
CA THR A 944 -22.96 -0.45 -32.74
C THR A 944 -21.44 -0.51 -32.72
N ARG A 945 -20.81 0.50 -33.31
CA ARG A 945 -19.35 0.63 -33.25
C ARG A 945 -18.85 0.66 -31.81
N LYS A 946 -19.68 1.17 -30.90
CA LYS A 946 -19.25 1.35 -29.51
C LYS A 946 -18.92 0.01 -28.84
N VAL A 947 -19.75 -1.01 -29.07
CA VAL A 947 -19.56 -2.26 -28.34
C VAL A 947 -18.33 -3.02 -28.83
N VAL A 948 -18.04 -2.95 -30.14
CA VAL A 948 -16.95 -3.73 -30.71
C VAL A 948 -15.66 -2.94 -30.84
N LYS A 949 -15.68 -1.63 -30.57
CA LYS A 949 -14.50 -0.80 -30.75
C LYS A 949 -13.31 -1.34 -29.96
N GLN A 950 -13.45 -1.43 -28.64
CA GLN A 950 -12.31 -1.79 -27.80
C GLN A 950 -11.85 -3.22 -28.07
N THR A 951 -12.79 -4.13 -28.31
CA THR A 951 -12.42 -5.52 -28.56
C THR A 951 -11.59 -5.64 -29.84
N VAL A 952 -12.08 -5.07 -30.94
CA VAL A 952 -11.31 -5.18 -32.18
C VAL A 952 -10.06 -4.31 -32.14
N MET A 953 -10.00 -3.33 -31.23
CA MET A 953 -8.77 -2.57 -31.06
C MET A 953 -7.70 -3.40 -30.36
N THR A 954 -8.07 -4.11 -29.30
CA THR A 954 -7.13 -4.86 -28.49
C THR A 954 -6.94 -6.30 -28.95
N VAL A 955 -7.61 -6.72 -30.02
CA VAL A 955 -7.43 -8.10 -30.50
C VAL A 955 -5.99 -8.32 -30.94
N VAL A 956 -5.35 -7.30 -31.52
CA VAL A 956 -3.96 -7.46 -31.96
C VAL A 956 -2.99 -7.27 -30.81
N TYR A 957 -3.43 -6.67 -29.70
CA TYR A 957 -2.53 -6.47 -28.58
C TYR A 957 -2.39 -7.74 -27.75
N GLY A 958 -3.31 -8.68 -27.91
CA GLY A 958 -3.22 -9.94 -27.21
C GLY A 958 -4.32 -10.17 -26.19
N VAL A 959 -5.52 -9.65 -26.46
CA VAL A 959 -6.63 -9.89 -25.56
C VAL A 959 -7.18 -11.30 -25.79
N THR A 960 -7.65 -11.92 -24.71
CA THR A 960 -8.27 -13.23 -24.76
C THR A 960 -9.79 -13.09 -24.76
N ARG A 961 -10.47 -14.23 -24.92
CA ARG A 961 -11.93 -14.20 -24.96
C ARG A 961 -12.52 -13.73 -23.63
N TYR A 962 -11.82 -13.98 -22.52
CA TYR A 962 -12.27 -13.49 -21.23
C TYR A 962 -12.35 -11.97 -21.20
N GLY A 963 -11.27 -11.31 -21.63
CA GLY A 963 -11.25 -9.85 -21.64
C GLY A 963 -12.27 -9.26 -22.59
N GLY A 964 -12.40 -9.84 -23.78
CA GLY A 964 -13.39 -9.36 -24.72
C GLY A 964 -14.80 -9.51 -24.19
N ARG A 965 -15.09 -10.65 -23.55
CA ARG A 965 -16.41 -10.85 -22.98
C ARG A 965 -16.69 -9.82 -21.88
N LEU A 966 -15.70 -9.55 -21.02
CA LEU A 966 -15.90 -8.55 -19.98
C LEU A 966 -16.13 -7.16 -20.56
N GLN A 967 -15.38 -6.79 -21.60
CA GLN A 967 -15.58 -5.48 -22.21
C GLN A 967 -16.97 -5.36 -22.82
N ILE A 968 -17.40 -6.39 -23.54
CA ILE A 968 -18.73 -6.35 -24.16
C ILE A 968 -19.81 -6.32 -23.10
N GLU A 969 -19.63 -7.05 -21.99
CA GLU A 969 -20.58 -6.99 -20.89
C GLU A 969 -20.65 -5.59 -20.29
N LYS A 970 -19.51 -4.93 -20.14
CA LYS A 970 -19.52 -3.57 -19.62
C LYS A 970 -20.29 -2.63 -20.53
N ARG A 971 -20.05 -2.71 -21.84
CA ARG A 971 -20.78 -1.85 -22.77
C ARG A 971 -22.28 -2.13 -22.75
N LEU A 972 -22.66 -3.41 -22.73
CA LEU A 972 -24.08 -3.75 -22.70
C LEU A 972 -24.74 -3.28 -21.42
N ARG A 973 -24.05 -3.39 -20.28
CA ARG A 973 -24.59 -2.85 -19.04
C ARG A 973 -24.74 -1.34 -19.12
N GLU A 974 -23.82 -0.67 -19.81
CA GLU A 974 -23.88 0.78 -19.95
C GLU A 974 -24.89 1.24 -21.00
N LEU A 975 -25.46 0.33 -21.79
CA LEU A 975 -26.47 0.73 -22.76
C LEU A 975 -27.69 1.35 -22.07
N SER A 976 -28.15 0.74 -20.99
CA SER A 976 -29.25 1.16 -20.12
C SER A 976 -30.63 0.96 -20.77
N ASP A 977 -30.70 0.57 -22.03
CA ASP A 977 -31.97 0.21 -22.66
C ASP A 977 -32.05 -1.25 -23.06
N PHE A 978 -30.91 -1.92 -23.22
CA PHE A 978 -30.90 -3.34 -23.52
C PHE A 978 -31.47 -4.13 -22.33
N PRO A 979 -32.33 -5.10 -22.57
CA PRO A 979 -32.85 -5.93 -21.47
C PRO A 979 -31.71 -6.55 -20.67
N GLN A 980 -31.59 -6.14 -19.42
CA GLN A 980 -30.44 -6.49 -18.60
C GLN A 980 -30.42 -7.96 -18.19
N GLU A 981 -31.49 -8.70 -18.44
CA GLU A 981 -31.51 -10.12 -18.08
C GLU A 981 -30.64 -10.95 -19.01
N PHE A 982 -30.43 -10.48 -20.24
CA PHE A 982 -29.73 -11.24 -21.26
C PHE A 982 -28.28 -10.82 -21.42
N VAL A 983 -27.70 -10.14 -20.44
CA VAL A 983 -26.36 -9.57 -20.61
C VAL A 983 -25.32 -10.67 -20.81
N TRP A 984 -25.41 -11.74 -20.02
CA TRP A 984 -24.43 -12.82 -20.12
C TRP A 984 -24.45 -13.48 -21.48
N GLU A 985 -25.64 -13.90 -21.92
CA GLU A 985 -25.76 -14.56 -23.21
C GLU A 985 -25.39 -13.62 -24.35
N ALA A 986 -25.78 -12.35 -24.25
CA ALA A 986 -25.45 -11.38 -25.28
C ALA A 986 -23.94 -11.18 -25.38
N SER A 987 -23.25 -11.08 -24.24
CA SER A 987 -21.80 -10.91 -24.26
C SER A 987 -21.12 -12.12 -24.89
N HIS A 988 -21.56 -13.33 -24.51
CA HIS A 988 -20.98 -14.53 -25.11
C HIS A 988 -21.18 -14.55 -26.62
N TYR A 989 -22.42 -14.29 -27.07
CA TYR A 989 -22.71 -14.32 -28.49
C TYR A 989 -21.88 -13.27 -29.24
N LEU A 990 -21.82 -12.06 -28.69
CA LEU A 990 -21.11 -10.98 -29.36
C LEU A 990 -19.61 -11.26 -29.45
N VAL A 991 -19.00 -11.76 -28.38
CA VAL A 991 -17.57 -12.01 -28.43
C VAL A 991 -17.26 -13.16 -29.38
N ARG A 992 -18.12 -14.18 -29.40
CA ARG A 992 -17.93 -15.27 -30.35
C ARG A 992 -18.00 -14.75 -31.79
N GLN A 993 -19.00 -13.93 -32.10
CA GLN A 993 -19.15 -13.44 -33.45
C GLN A 993 -17.99 -12.51 -33.85
N VAL A 994 -17.51 -11.69 -32.91
CA VAL A 994 -16.42 -10.77 -33.22
C VAL A 994 -15.14 -11.55 -33.51
N PHE A 995 -14.82 -12.55 -32.68
CA PHE A 995 -13.63 -13.34 -32.93
C PHE A 995 -13.76 -14.18 -34.19
N LYS A 996 -14.98 -14.57 -34.55
CA LYS A 996 -15.19 -15.27 -35.82
C LYS A 996 -15.00 -14.33 -37.01
N SER A 997 -15.44 -13.08 -36.87
CA SER A 997 -15.31 -12.13 -37.97
C SER A 997 -13.86 -11.72 -38.19
N LEU A 998 -13.09 -11.59 -37.12
CA LEU A 998 -11.70 -11.17 -37.22
C LEU A 998 -10.74 -12.31 -37.52
N GLN A 999 -11.23 -13.41 -38.12
CA GLN A 999 -10.39 -14.58 -38.29
C GLN A 999 -9.29 -14.36 -39.34
N GLU A 1000 -9.58 -13.54 -40.35
CA GLU A 1000 -8.64 -13.34 -41.46
C GLU A 1000 -8.47 -11.89 -41.85
N MET A 1001 -8.75 -10.94 -40.96
CA MET A 1001 -8.68 -9.53 -41.32
C MET A 1001 -7.25 -9.03 -41.41
N PHE A 1002 -6.53 -9.05 -40.29
CA PHE A 1002 -5.18 -8.51 -40.22
C PHE A 1002 -4.17 -9.64 -40.39
N SER A 1003 -3.18 -9.44 -41.27
CA SER A 1003 -2.15 -10.43 -41.52
C SER A 1003 -0.77 -9.95 -41.10
N GLY A 1004 -0.31 -8.82 -41.64
CA GLY A 1004 1.01 -8.32 -41.27
C GLY A 1004 1.07 -7.89 -39.81
N THR A 1005 -0.02 -7.28 -39.31
CA THR A 1005 -0.08 -6.93 -37.92
C THR A 1005 0.07 -8.16 -37.03
N ARG A 1006 -0.61 -9.25 -37.38
CA ARG A 1006 -0.50 -10.47 -36.59
C ARG A 1006 0.88 -11.10 -36.72
N ALA A 1007 1.50 -11.00 -37.89
CA ALA A 1007 2.87 -11.51 -38.03
C ALA A 1007 3.83 -10.77 -37.12
N ILE A 1008 3.74 -9.44 -37.10
CA ILE A 1008 4.60 -8.65 -36.24
C ILE A 1008 4.32 -8.96 -34.77
N GLN A 1009 3.04 -9.07 -34.41
CA GLN A 1009 2.69 -9.39 -33.03
C GLN A 1009 3.24 -10.74 -32.61
N HIS A 1010 3.15 -11.74 -33.47
CA HIS A 1010 3.69 -13.06 -33.15
C HIS A 1010 5.20 -13.01 -32.98
N TRP A 1011 5.89 -12.29 -33.87
CA TRP A 1011 7.34 -12.18 -33.74
C TRP A 1011 7.73 -11.54 -32.42
N LEU A 1012 7.07 -10.44 -32.08
CA LEU A 1012 7.37 -9.76 -30.82
C LEU A 1012 7.10 -10.66 -29.62
N THR A 1013 5.97 -11.36 -29.62
CA THR A 1013 5.62 -12.20 -28.48
C THR A 1013 6.59 -13.36 -28.33
N GLU A 1014 6.96 -14.01 -29.43
CA GLU A 1014 7.89 -15.13 -29.35
C GLU A 1014 9.26 -14.66 -28.86
N SER A 1015 9.75 -13.53 -29.38
CA SER A 1015 11.03 -13.00 -28.91
C SER A 1015 10.99 -12.68 -27.42
N ALA A 1016 9.90 -12.05 -26.98
CA ALA A 1016 9.78 -11.70 -25.56
C ALA A 1016 9.75 -12.94 -24.69
N ARG A 1017 9.01 -13.97 -25.11
CA ARG A 1017 8.95 -15.20 -24.34
C ARG A 1017 10.32 -15.86 -24.23
N LEU A 1018 11.02 -16.01 -25.36
CA LEU A 1018 12.32 -16.67 -25.34
C LEU A 1018 13.32 -15.88 -24.51
N ILE A 1019 13.26 -14.55 -24.57
CA ILE A 1019 14.14 -13.73 -23.73
C ILE A 1019 13.81 -13.93 -22.26
N SER A 1020 12.51 -13.99 -21.92
CA SER A 1020 12.12 -14.02 -20.52
C SER A 1020 12.35 -15.39 -19.89
N HIS A 1021 12.49 -16.44 -20.71
CA HIS A 1021 12.77 -17.76 -20.14
C HIS A 1021 14.08 -17.78 -19.36
N MET A 1022 15.11 -17.17 -19.91
CA MET A 1022 16.45 -17.27 -19.32
C MET A 1022 16.67 -16.33 -18.14
N GLY A 1023 15.63 -15.73 -17.55
CA GLY A 1023 15.80 -14.95 -16.35
C GLY A 1023 16.11 -13.48 -16.56
N SER A 1024 15.93 -12.96 -17.77
CA SER A 1024 16.23 -11.58 -18.08
C SER A 1024 14.98 -10.86 -18.57
N VAL A 1025 14.68 -9.71 -17.99
CA VAL A 1025 13.52 -8.92 -18.39
C VAL A 1025 13.82 -8.20 -19.70
N VAL A 1026 12.78 -7.91 -20.46
CA VAL A 1026 12.92 -7.34 -21.79
C VAL A 1026 13.27 -5.86 -21.69
N GLU A 1027 14.17 -5.42 -22.56
CA GLU A 1027 14.55 -4.01 -22.66
C GLU A 1027 14.60 -3.61 -24.13
N TRP A 1028 14.35 -2.33 -24.39
CA TRP A 1028 14.49 -1.78 -25.72
C TRP A 1028 14.69 -0.27 -25.60
N VAL A 1029 15.08 0.35 -26.69
CA VAL A 1029 15.34 1.78 -26.73
C VAL A 1029 14.43 2.42 -27.78
N THR A 1030 13.77 3.51 -27.40
CA THR A 1030 12.88 4.22 -28.29
C THR A 1030 13.69 4.91 -29.40
N PRO A 1031 13.06 5.20 -30.54
CA PRO A 1031 13.82 5.85 -31.63
C PRO A 1031 14.41 7.19 -31.24
N LEU A 1032 13.80 7.91 -30.28
CA LEU A 1032 14.42 9.14 -29.81
C LEU A 1032 15.66 8.86 -28.97
N GLY A 1033 15.59 7.88 -28.08
CA GLY A 1033 16.75 7.53 -27.27
C GLY A 1033 16.42 7.21 -25.83
N VAL A 1034 15.16 7.32 -25.44
CA VAL A 1034 14.79 7.02 -24.04
C VAL A 1034 14.83 5.51 -23.82
N PRO A 1035 15.53 5.02 -22.79
CA PRO A 1035 15.55 3.57 -22.55
C PRO A 1035 14.35 3.08 -21.74
N VAL A 1036 13.83 1.91 -22.10
CA VAL A 1036 12.62 1.36 -21.50
C VAL A 1036 12.91 -0.06 -21.03
N ILE A 1037 12.39 -0.41 -19.84
CA ILE A 1037 12.56 -1.74 -19.26
C ILE A 1037 11.20 -2.20 -18.71
N GLN A 1038 10.94 -3.50 -18.78
CA GLN A 1038 9.69 -4.04 -18.27
C GLN A 1038 9.88 -4.57 -16.85
N PRO A 1039 9.11 -4.09 -15.84
CA PRO A 1039 9.35 -4.48 -14.45
C PRO A 1039 8.56 -5.68 -13.92
N TYR A 1040 8.21 -6.65 -14.77
CA TYR A 1040 7.33 -7.76 -14.33
C TYR A 1040 8.18 -8.91 -13.79
N ARG A 1041 8.04 -9.26 -12.51
CA ARG A 1041 8.83 -10.34 -11.88
C ARG A 1041 7.94 -11.10 -10.91
N LEU A 1042 8.36 -12.30 -10.47
CA LEU A 1042 7.59 -13.13 -9.55
C LEU A 1042 8.13 -12.96 -8.14
N ASP A 1043 7.25 -12.58 -7.21
CA ASP A 1043 7.61 -12.41 -5.80
C ASP A 1043 7.17 -13.65 -5.04
N SER A 1044 8.13 -14.53 -4.75
CA SER A 1044 7.80 -15.79 -4.09
C SER A 1044 7.49 -15.58 -2.62
N LYS A 1045 8.32 -14.77 -1.94
CA LYS A 1045 8.17 -14.54 -0.48
C LYS A 1045 7.78 -13.09 -0.21
N VAL A 1046 6.88 -12.85 0.75
CA VAL A 1046 6.39 -11.52 1.12
C VAL A 1046 6.81 -11.23 2.56
N LYS A 1047 7.19 -9.99 2.80
CA LYS A 1047 7.74 -9.61 4.09
C LYS A 1047 6.63 -9.18 5.06
N GLN A 1048 6.98 -9.11 6.33
CA GLN A 1048 6.05 -8.71 7.38
C GLN A 1048 6.78 -7.86 8.41
N ILE A 1049 6.01 -7.06 9.15
CA ILE A 1049 6.54 -6.24 10.24
C ILE A 1049 5.81 -6.62 11.52
N GLY A 1050 6.53 -7.31 12.42
CA GLY A 1050 5.96 -7.60 13.72
C GLY A 1050 5.77 -6.32 14.53
N GLY A 1051 4.62 -6.19 15.18
CA GLY A 1051 4.32 -4.98 15.90
C GLY A 1051 3.15 -5.18 16.84
N GLY A 1052 2.66 -4.05 17.36
CA GLY A 1052 1.59 -4.12 18.35
C GLY A 1052 0.27 -4.55 17.77
N ILE A 1053 -0.33 -3.69 16.93
CA ILE A 1053 -1.69 -3.93 16.48
C ILE A 1053 -1.76 -5.16 15.57
N GLN A 1054 -0.87 -5.22 14.57
CA GLN A 1054 -0.93 -6.29 13.59
C GLN A 1054 0.37 -6.30 12.81
N SER A 1055 0.52 -7.30 11.93
CA SER A 1055 1.72 -7.46 11.11
C SER A 1055 1.33 -7.19 9.65
N ILE A 1056 1.85 -6.10 9.10
CA ILE A 1056 1.54 -5.74 7.71
C ILE A 1056 2.34 -6.60 6.76
N THR A 1057 1.66 -7.14 5.76
CA THR A 1057 2.29 -7.86 4.66
C THR A 1057 2.43 -6.91 3.47
N TYR A 1058 3.70 -6.70 3.05
CA TYR A 1058 3.99 -5.77 1.94
C TYR A 1058 4.75 -6.52 0.86
N THR A 1059 4.97 -5.91 -0.30
CA THR A 1059 5.74 -6.54 -1.40
C THR A 1059 7.08 -5.83 -1.53
N HIS A 1060 8.18 -6.57 -1.52
CA HIS A 1060 9.51 -5.92 -1.54
C HIS A 1060 9.90 -5.65 -2.99
N ASN A 1061 9.43 -4.54 -3.56
CA ASN A 1061 9.85 -4.18 -4.93
C ASN A 1061 11.30 -3.73 -4.82
N GLY A 1062 12.06 -3.83 -5.90
CA GLY A 1062 13.49 -3.48 -5.80
C GLY A 1062 14.30 -4.72 -5.48
N ASP A 1063 13.80 -5.89 -5.85
CA ASP A 1063 14.57 -7.11 -5.67
C ASP A 1063 14.84 -7.72 -7.04
N ILE A 1064 16.11 -7.77 -7.43
CA ILE A 1064 16.47 -8.32 -8.73
C ILE A 1064 16.71 -9.82 -8.71
N SER A 1065 16.77 -10.43 -7.53
CA SER A 1065 16.97 -11.87 -7.46
C SER A 1065 15.72 -12.64 -7.90
N ARG A 1066 14.56 -12.00 -7.81
CA ARG A 1066 13.31 -12.65 -8.16
C ARG A 1066 13.27 -12.98 -9.65
N LYS A 1067 12.68 -14.12 -9.98
CA LYS A 1067 12.61 -14.57 -11.36
C LYS A 1067 11.58 -13.75 -12.14
N PRO A 1068 11.80 -13.56 -13.45
CA PRO A 1068 10.82 -12.84 -14.26
C PRO A 1068 9.51 -13.59 -14.39
N ASN A 1069 8.43 -12.83 -14.58
CA ASN A 1069 7.09 -13.40 -14.75
C ASN A 1069 6.86 -13.59 -16.24
N THR A 1070 7.10 -14.82 -16.72
CA THR A 1070 7.08 -15.07 -18.16
C THR A 1070 5.71 -14.79 -18.76
N ARG A 1071 4.65 -14.94 -17.99
CA ARG A 1071 3.30 -14.61 -18.51
C ARG A 1071 3.23 -13.10 -18.78
N LYS A 1072 3.49 -12.28 -17.78
CA LYS A 1072 3.33 -10.81 -17.96
C LYS A 1072 4.31 -10.29 -19.02
N GLN A 1073 5.54 -10.79 -19.06
CA GLN A 1073 6.55 -10.27 -20.01
C GLN A 1073 6.12 -10.54 -21.45
N LYS A 1074 5.61 -11.73 -21.76
CA LYS A 1074 5.12 -11.97 -23.15
C LYS A 1074 3.85 -11.17 -23.43
N ASN A 1075 2.94 -11.07 -22.47
CA ASN A 1075 1.64 -10.41 -22.72
C ASN A 1075 1.83 -8.93 -23.00
N GLY A 1076 2.69 -8.25 -22.25
CA GLY A 1076 2.83 -6.79 -22.40
C GLY A 1076 3.85 -6.32 -23.42
N PHE A 1077 4.70 -7.18 -23.97
CA PHE A 1077 5.66 -6.62 -24.95
C PHE A 1077 4.96 -6.09 -26.19
N PRO A 1078 4.00 -6.77 -26.85
CA PRO A 1078 3.37 -6.18 -28.03
C PRO A 1078 2.62 -4.86 -27.77
N PRO A 1079 1.76 -4.69 -26.74
CA PRO A 1079 1.12 -3.40 -26.48
C PRO A 1079 2.09 -2.30 -26.11
N ASN A 1080 3.06 -2.57 -25.24
CA ASN A 1080 3.98 -1.52 -24.75
C ASN A 1080 4.83 -0.96 -25.88
N PHE A 1081 5.29 -1.78 -26.80
CA PHE A 1081 6.16 -1.21 -27.85
C PHE A 1081 5.37 -0.16 -28.64
N ILE A 1082 4.12 -0.43 -29.01
CA ILE A 1082 3.37 0.54 -29.87
C ILE A 1082 3.18 1.85 -29.10
N HIS A 1083 2.92 1.79 -27.79
CA HIS A 1083 2.71 3.01 -26.97
C HIS A 1083 3.96 3.89 -26.95
N SER A 1084 5.15 3.29 -26.94
CA SER A 1084 6.42 4.05 -26.97
C SER A 1084 6.57 4.75 -28.32
N LEU A 1085 6.17 4.10 -29.41
CA LEU A 1085 6.21 4.68 -30.75
C LEU A 1085 5.26 5.87 -30.88
N ASP A 1086 4.08 5.80 -30.26
CA ASP A 1086 3.14 6.91 -30.31
C ASP A 1086 3.66 8.12 -29.53
N SER A 1087 4.22 7.88 -28.34
CA SER A 1087 4.75 8.98 -27.55
C SER A 1087 5.89 9.68 -28.27
N SER A 1088 6.73 8.92 -28.98
CA SER A 1088 7.81 9.54 -29.73
C SER A 1088 7.28 10.47 -30.83
N HIS A 1089 6.24 10.03 -31.53
CA HIS A 1089 5.63 10.87 -32.57
C HIS A 1089 5.08 12.15 -31.97
N MET A 1090 4.40 12.04 -30.83
CA MET A 1090 3.86 13.22 -30.19
C MET A 1090 4.97 14.19 -29.80
N MET A 1091 6.07 13.65 -29.25
CA MET A 1091 7.17 14.51 -28.81
C MET A 1091 7.82 15.22 -29.99
N LEU A 1092 8.05 14.50 -31.09
CA LEU A 1092 8.62 15.14 -32.28
C LEU A 1092 7.72 16.24 -32.80
N THR A 1093 6.41 15.97 -32.86
CA THR A 1093 5.49 16.98 -33.35
C THR A 1093 5.49 18.23 -32.47
N ALA A 1094 5.50 18.03 -31.15
CA ALA A 1094 5.53 19.17 -30.25
C ALA A 1094 6.80 20.00 -30.41
N LEU A 1095 7.94 19.31 -30.54
CA LEU A 1095 9.20 20.03 -30.68
C LEU A 1095 9.26 20.83 -31.97
N HIS A 1096 8.75 20.26 -33.07
CA HIS A 1096 8.83 21.00 -34.33
C HIS A 1096 7.72 22.03 -34.45
N CYS A 1097 6.68 21.94 -33.62
CA CYS A 1097 5.67 23.00 -33.60
C CYS A 1097 6.12 24.18 -32.77
N TYR A 1098 6.90 23.93 -31.71
CA TYR A 1098 7.31 25.02 -30.83
C TYR A 1098 8.15 26.06 -31.56
N ARG A 1099 8.87 25.66 -32.61
CA ARG A 1099 9.71 26.61 -33.33
C ARG A 1099 8.89 27.61 -34.11
N LYS A 1100 7.67 27.27 -34.50
CA LYS A 1100 6.85 28.13 -35.33
C LYS A 1100 5.95 29.05 -34.52
N GLY A 1101 6.05 29.04 -33.19
CA GLY A 1101 5.24 29.90 -32.35
C GLY A 1101 3.88 29.36 -32.02
N LEU A 1102 3.66 28.05 -32.13
CA LEU A 1102 2.35 27.47 -31.86
C LEU A 1102 2.23 27.07 -30.40
N THR A 1103 0.98 26.98 -29.94
CA THR A 1103 0.65 26.45 -28.62
C THR A 1103 0.16 25.02 -28.80
N PHE A 1104 0.88 24.08 -28.20
CA PHE A 1104 0.63 22.66 -28.41
C PHE A 1104 0.54 21.94 -27.07
N VAL A 1105 -0.63 21.38 -26.78
CA VAL A 1105 -0.80 20.43 -25.68
C VAL A 1105 -1.52 19.21 -26.24
N SER A 1106 -1.21 18.05 -25.68
CA SER A 1106 -1.65 16.79 -26.27
C SER A 1106 -2.24 15.87 -25.21
N VAL A 1107 -3.14 15.01 -25.65
CA VAL A 1107 -3.65 13.91 -24.83
C VAL A 1107 -3.42 12.61 -25.58
N HIS A 1108 -2.24 12.01 -25.37
CA HIS A 1108 -1.91 10.70 -25.91
C HIS A 1108 -1.92 10.67 -27.43
N ASP A 1109 -3.11 10.76 -28.03
CA ASP A 1109 -3.24 10.79 -29.48
C ASP A 1109 -4.11 11.94 -29.97
N CYS A 1110 -4.56 12.83 -29.09
CA CYS A 1110 -5.33 14.01 -29.46
C CYS A 1110 -4.46 15.24 -29.25
N TYR A 1111 -4.40 16.11 -30.26
CA TYR A 1111 -3.56 17.29 -30.24
C TYR A 1111 -4.43 18.54 -30.20
N TRP A 1112 -4.14 19.45 -29.26
CA TRP A 1112 -4.91 20.67 -29.08
C TRP A 1112 -4.09 21.86 -29.54
N THR A 1113 -4.77 22.83 -30.15
CA THR A 1113 -4.13 24.07 -30.56
C THR A 1113 -5.20 25.11 -30.82
N HIS A 1114 -4.77 26.35 -31.09
CA HIS A 1114 -5.71 27.40 -31.40
C HIS A 1114 -6.38 27.12 -32.74
N ALA A 1115 -7.44 27.89 -33.02
CA ALA A 1115 -8.23 27.64 -34.23
C ALA A 1115 -7.43 27.99 -35.48
N ALA A 1116 -6.58 29.01 -35.42
CA ALA A 1116 -5.93 29.51 -36.63
C ALA A 1116 -4.73 28.67 -37.04
N ASP A 1117 -4.19 27.85 -36.13
CA ASP A 1117 -2.95 27.13 -36.37
C ASP A 1117 -3.16 25.66 -36.71
N VAL A 1118 -4.40 25.25 -36.97
CA VAL A 1118 -4.69 23.83 -37.17
C VAL A 1118 -4.03 23.31 -38.44
N SER A 1119 -4.01 24.12 -39.50
CA SER A 1119 -3.39 23.68 -40.75
C SER A 1119 -1.91 23.43 -40.57
N VAL A 1120 -1.21 24.35 -39.90
CA VAL A 1120 0.23 24.18 -39.66
C VAL A 1120 0.47 22.96 -38.79
N MET A 1121 -0.36 22.77 -37.75
CA MET A 1121 -0.16 21.62 -36.90
C MET A 1121 -0.37 20.31 -37.66
N ASN A 1122 -1.36 20.27 -38.56
CA ASN A 1122 -1.58 19.07 -39.37
C ASN A 1122 -0.40 18.81 -40.30
N GLN A 1123 0.13 19.85 -40.93
CA GLN A 1123 1.30 19.67 -41.79
C GLN A 1123 2.47 19.09 -41.01
N VAL A 1124 2.73 19.66 -39.81
CA VAL A 1124 3.84 19.16 -39.00
C VAL A 1124 3.59 17.72 -38.58
N CYS A 1125 2.35 17.38 -38.23
CA CYS A 1125 2.04 16.01 -37.83
C CYS A 1125 2.36 15.03 -38.95
N ARG A 1126 1.89 15.33 -40.16
CA ARG A 1126 2.13 14.40 -41.27
C ARG A 1126 3.62 14.28 -41.57
N GLU A 1127 4.34 15.40 -41.62
CA GLU A 1127 5.76 15.35 -41.94
C GLU A 1127 6.54 14.58 -40.89
N GLN A 1128 6.22 14.78 -39.61
CA GLN A 1128 6.95 14.10 -38.55
C GLN A 1128 6.63 12.62 -38.51
N PHE A 1129 5.39 12.24 -38.81
CA PHE A 1129 5.08 10.82 -38.92
C PHE A 1129 5.90 10.17 -40.04
N VAL A 1130 5.96 10.81 -41.20
CA VAL A 1130 6.74 10.24 -42.30
C VAL A 1130 8.22 10.14 -41.93
N ARG A 1131 8.78 11.18 -41.33
CA ARG A 1131 10.19 11.15 -40.96
C ARG A 1131 10.47 10.09 -39.90
N LEU A 1132 9.58 9.95 -38.92
CA LEU A 1132 9.77 8.95 -37.89
C LEU A 1132 9.74 7.54 -38.45
N HIS A 1133 8.79 7.25 -39.34
CA HIS A 1133 8.69 5.89 -39.84
C HIS A 1133 9.51 5.64 -41.09
N SER A 1134 10.28 6.63 -41.56
CA SER A 1134 11.25 6.36 -42.60
C SER A 1134 12.42 5.52 -42.08
N GLU A 1135 12.72 5.64 -40.79
CA GLU A 1135 13.81 4.88 -40.20
C GLU A 1135 13.42 3.41 -40.01
N PRO A 1136 14.38 2.50 -40.08
CA PRO A 1136 14.11 1.05 -39.88
C PRO A 1136 14.04 0.67 -38.40
N ILE A 1137 12.85 0.82 -37.82
CA ILE A 1137 12.68 0.57 -36.39
C ILE A 1137 12.86 -0.90 -36.06
N LEU A 1138 12.26 -1.80 -36.84
CA LEU A 1138 12.28 -3.21 -36.51
C LEU A 1138 13.70 -3.78 -36.58
N GLN A 1139 14.45 -3.42 -37.62
CA GLN A 1139 15.81 -3.94 -37.75
C GLN A 1139 16.69 -3.44 -36.62
N ASP A 1140 16.56 -2.17 -36.25
CA ASP A 1140 17.33 -1.63 -35.14
C ASP A 1140 16.97 -2.32 -33.83
N LEU A 1141 15.68 -2.59 -33.63
CA LEU A 1141 15.25 -3.31 -32.44
C LEU A 1141 15.85 -4.71 -32.40
N SER A 1142 15.85 -5.40 -33.53
CA SER A 1142 16.41 -6.75 -33.58
C SER A 1142 17.90 -6.71 -33.29
N ARG A 1143 18.63 -5.75 -33.88
CA ARG A 1143 20.06 -5.65 -33.64
C ARG A 1143 20.35 -5.35 -32.17
N PHE A 1144 19.60 -4.44 -31.56
CA PHE A 1144 19.81 -4.14 -30.15
C PHE A 1144 19.53 -5.36 -29.29
N LEU A 1145 18.45 -6.08 -29.57
CA LEU A 1145 18.12 -7.25 -28.77
C LEU A 1145 19.18 -8.33 -28.90
N VAL A 1146 19.72 -8.52 -30.11
CA VAL A 1146 20.79 -9.50 -30.30
C VAL A 1146 22.05 -9.07 -29.54
N LYS A 1147 22.40 -7.79 -29.61
CA LYS A 1147 23.61 -7.34 -28.94
C LYS A 1147 23.48 -7.42 -27.43
N ARG A 1148 22.28 -7.19 -26.90
CA ARG A 1148 22.10 -7.14 -25.46
C ARG A 1148 21.95 -8.53 -24.85
N PHE A 1149 20.98 -9.31 -25.32
CA PHE A 1149 20.69 -10.60 -24.70
C PHE A 1149 21.44 -11.73 -25.37
N CYS A 1150 21.39 -11.78 -26.71
CA CYS A 1150 21.96 -12.92 -27.43
C CYS A 1150 23.47 -12.97 -27.29
N SER A 1151 24.12 -11.82 -27.14
CA SER A 1151 25.58 -11.78 -27.11
C SER A 1151 26.16 -12.36 -25.83
N GLU A 1152 25.34 -12.56 -24.80
CA GLU A 1152 25.84 -13.10 -23.55
C GLU A 1152 26.31 -14.55 -23.75
N PRO A 1153 27.52 -14.89 -23.29
CA PRO A 1153 28.05 -16.24 -23.54
C PRO A 1153 27.73 -17.23 -22.43
N GLN A 1154 26.46 -17.39 -22.07
CA GLN A 1154 26.11 -18.35 -21.03
C GLN A 1154 26.03 -19.77 -21.59
N LYS A 1155 25.14 -19.98 -22.56
CA LYS A 1155 24.99 -21.28 -23.20
C LYS A 1155 24.91 -21.06 -24.71
N ILE A 1156 25.59 -21.93 -25.47
CA ILE A 1156 25.62 -21.78 -26.92
C ILE A 1156 24.26 -22.08 -27.52
N LEU A 1157 23.56 -23.10 -27.00
CA LEU A 1157 22.27 -23.48 -27.57
C LEU A 1157 21.22 -22.41 -27.33
N GLU A 1158 21.17 -21.85 -26.12
CA GLU A 1158 20.19 -20.81 -25.82
C GLU A 1158 20.43 -19.58 -26.67
N ALA A 1159 21.69 -19.16 -26.79
CA ALA A 1159 22.01 -18.01 -27.64
C ALA A 1159 21.69 -18.32 -29.09
N SER A 1160 21.92 -19.55 -29.53
CA SER A 1160 21.58 -19.93 -30.90
C SER A 1160 20.08 -19.82 -31.15
N GLN A 1161 19.28 -20.30 -30.19
CA GLN A 1161 17.83 -20.20 -30.34
C GLN A 1161 17.38 -18.75 -30.39
N LEU A 1162 17.92 -17.92 -29.51
CA LEU A 1162 17.60 -16.49 -29.56
C LEU A 1162 18.01 -15.87 -30.88
N LYS A 1163 19.18 -16.25 -31.41
CA LYS A 1163 19.61 -15.68 -32.68
C LYS A 1163 18.72 -16.08 -33.83
N GLU A 1164 18.32 -17.36 -33.88
CA GLU A 1164 17.44 -17.80 -34.96
C GLU A 1164 16.08 -17.12 -34.87
N THR A 1165 15.56 -16.94 -33.65
CA THR A 1165 14.26 -16.30 -33.52
C THR A 1165 14.33 -14.81 -33.83
N LEU A 1166 15.33 -14.12 -33.30
CA LEU A 1166 15.41 -12.67 -33.42
C LEU A 1166 15.81 -12.24 -34.83
N GLN A 1167 16.77 -12.94 -35.43
CA GLN A 1167 17.31 -12.53 -36.72
C GLN A 1167 16.29 -12.63 -37.85
N ALA A 1168 15.19 -13.35 -37.65
CA ALA A 1168 14.13 -13.47 -38.64
C ALA A 1168 13.05 -12.44 -38.31
N VAL A 1169 13.02 -11.35 -39.07
CA VAL A 1169 12.02 -10.29 -38.92
C VAL A 1169 11.08 -10.36 -40.11
N PRO A 1170 9.81 -9.99 -39.96
CA PRO A 1170 8.88 -10.01 -41.10
C PRO A 1170 9.36 -9.10 -42.23
N LYS A 1171 9.17 -9.55 -43.47
CA LYS A 1171 9.58 -8.75 -44.61
C LYS A 1171 8.70 -7.50 -44.76
N PRO A 1172 9.28 -6.39 -45.17
CA PRO A 1172 8.46 -5.21 -45.47
C PRO A 1172 7.61 -5.42 -46.70
N GLY A 1173 6.51 -4.66 -46.77
CA GLY A 1173 5.60 -4.78 -47.89
C GLY A 1173 5.89 -3.79 -49.00
N ALA A 1174 4.86 -3.33 -49.69
CA ALA A 1174 4.98 -2.40 -50.81
C ALA A 1174 4.06 -1.21 -50.53
N PHE A 1175 4.62 -0.17 -49.90
CA PHE A 1175 3.85 1.02 -49.55
C PHE A 1175 4.81 2.16 -49.30
N ASP A 1176 4.69 3.23 -50.10
CA ASP A 1176 5.53 4.41 -49.93
C ASP A 1176 4.86 5.34 -48.91
N LEU A 1177 5.63 5.76 -47.91
CA LEU A 1177 5.07 6.57 -46.83
C LEU A 1177 4.86 8.02 -47.22
N GLU A 1178 5.33 8.45 -48.39
CA GLU A 1178 5.19 9.85 -48.78
C GLU A 1178 3.74 10.22 -49.06
N GLN A 1179 2.88 9.23 -49.32
CA GLN A 1179 1.48 9.52 -49.57
C GLN A 1179 0.74 9.98 -48.32
N VAL A 1180 1.31 9.76 -47.13
CA VAL A 1180 0.66 10.19 -45.90
C VAL A 1180 0.54 11.71 -45.86
N LYS A 1181 1.43 12.42 -46.56
CA LYS A 1181 1.43 13.87 -46.50
C LYS A 1181 0.16 14.45 -47.10
N ARG A 1182 -0.43 13.76 -48.08
CA ARG A 1182 -1.63 14.25 -48.75
C ARG A 1182 -2.92 13.72 -48.14
N SER A 1183 -2.83 12.88 -47.11
CA SER A 1183 -4.02 12.26 -46.52
C SER A 1183 -4.78 13.28 -45.69
N THR A 1184 -6.02 13.58 -46.09
CA THR A 1184 -6.82 14.55 -45.36
C THR A 1184 -7.32 14.00 -44.04
N TYR A 1185 -7.67 12.71 -44.00
CA TYR A 1185 -8.30 12.11 -42.83
C TYR A 1185 -7.34 11.23 -42.04
N PHE A 1186 -6.03 11.46 -42.15
CA PHE A 1186 -5.07 10.76 -41.30
C PHE A 1186 -5.28 11.14 -39.84
N PHE A 1187 -5.29 12.44 -39.56
CA PHE A 1187 -5.87 12.99 -38.33
C PHE A 1187 -7.08 13.84 -38.70
N SER A 1188 -8.18 13.64 -38.00
CA SER A 1188 -9.40 14.39 -38.28
C SER A 1188 -10.36 14.35 -37.10
N PHE D 12 -16.33 -35.86 -7.99
CA PHE D 12 -16.72 -37.13 -8.59
C PHE D 12 -17.91 -37.75 -7.85
N LYS D 13 -18.93 -38.12 -8.60
CA LYS D 13 -20.15 -38.65 -8.01
C LYS D 13 -19.90 -40.05 -7.45
N ARG D 14 -20.65 -40.40 -6.41
CA ARG D 14 -20.58 -41.72 -5.77
C ARG D 14 -22.02 -42.18 -5.52
N TYR D 15 -22.59 -42.87 -6.49
CA TYR D 15 -23.93 -43.40 -6.34
C TYR D 15 -23.90 -44.71 -5.55
N VAL D 16 -25.08 -45.18 -5.18
CA VAL D 16 -25.23 -46.45 -4.47
C VAL D 16 -25.62 -47.52 -5.47
N THR D 17 -24.98 -48.69 -5.37
CA THR D 17 -25.24 -49.81 -6.27
C THR D 17 -25.27 -51.14 -5.53
N ASP D 18 -25.40 -51.11 -4.20
CA ASP D 18 -25.49 -52.31 -3.39
C ASP D 18 -26.94 -52.50 -2.94
N ARG D 19 -27.48 -53.70 -3.15
CA ARG D 19 -28.89 -53.92 -2.88
C ARG D 19 -29.20 -53.88 -1.39
N ARG D 20 -28.40 -54.56 -0.57
CA ARG D 20 -28.65 -54.55 0.86
C ARG D 20 -28.45 -53.14 1.44
N LEU D 21 -27.42 -52.43 0.96
CA LEU D 21 -27.22 -51.05 1.40
C LEU D 21 -28.40 -50.18 0.99
N ALA D 22 -28.92 -50.38 -0.22
CA ALA D 22 -30.07 -49.61 -0.67
C ALA D 22 -31.29 -49.89 0.20
N GLU D 23 -31.50 -51.17 0.55
CA GLU D 23 -32.64 -51.50 1.40
C GLU D 23 -32.50 -50.88 2.79
N THR D 24 -31.31 -50.97 3.38
CA THR D 24 -31.11 -50.38 4.70
C THR D 24 -31.28 -48.87 4.67
N LEU D 25 -30.77 -48.21 3.62
CA LEU D 25 -30.93 -46.77 3.50
C LEU D 25 -32.40 -46.40 3.32
N ALA D 26 -33.14 -47.19 2.55
CA ALA D 26 -34.56 -46.94 2.40
C ALA D 26 -35.29 -47.07 3.73
N GLN D 27 -34.95 -48.09 4.51
CA GLN D 27 -35.58 -48.25 5.82
C GLN D 27 -35.24 -47.10 6.75
N ILE D 28 -34.00 -46.63 6.71
CA ILE D 28 -33.61 -45.51 7.57
C ILE D 28 -34.32 -44.23 7.14
N TYR D 29 -34.40 -43.99 5.83
CA TYR D 29 -35.11 -42.80 5.34
C TYR D 29 -36.58 -42.84 5.73
N LEU D 30 -37.22 -43.99 5.57
CA LEU D 30 -38.60 -44.18 6.03
C LEU D 30 -38.65 -44.75 7.44
N GLY D 31 -37.94 -44.09 8.36
CA GLY D 31 -37.86 -44.56 9.73
C GLY D 31 -38.97 -44.00 10.60
N LYS D 32 -40.01 -43.47 9.96
CA LYS D 32 -41.13 -42.88 10.69
C LYS D 32 -42.37 -43.73 10.47
N PRO D 33 -42.72 -44.63 11.40
CA PRO D 33 -43.99 -45.36 11.25
C PRO D 33 -45.20 -44.44 11.20
N SER D 34 -45.17 -43.34 11.93
CA SER D 34 -46.22 -42.33 11.85
C SER D 34 -45.90 -41.35 10.72
N ARG D 35 -46.93 -40.64 10.27
CA ARG D 35 -46.85 -39.76 9.11
C ARG D 35 -46.28 -40.53 7.91
N PRO D 36 -47.05 -41.42 7.31
CA PRO D 36 -46.53 -42.24 6.20
C PRO D 36 -46.07 -41.40 5.02
N PRO D 37 -46.91 -40.50 4.45
CA PRO D 37 -46.51 -39.88 3.19
C PRO D 37 -45.55 -38.72 3.35
N HIS D 38 -44.26 -39.02 3.48
CA HIS D 38 -43.20 -38.03 3.37
C HIS D 38 -42.77 -37.95 1.91
N LEU D 39 -43.00 -36.81 1.27
CA LEU D 39 -42.51 -36.62 -0.08
C LEU D 39 -41.00 -36.46 -0.05
N LEU D 40 -40.30 -37.39 -0.72
CA LEU D 40 -38.84 -37.47 -0.64
C LEU D 40 -38.24 -36.76 -1.84
N LEU D 41 -37.45 -35.72 -1.58
CA LEU D 41 -36.69 -35.07 -2.64
C LEU D 41 -35.31 -35.70 -2.73
N GLU D 42 -35.04 -36.37 -3.84
CA GLU D 42 -33.79 -37.08 -4.04
C GLU D 42 -32.91 -36.35 -5.04
N CYS D 43 -31.60 -36.45 -4.83
CA CYS D 43 -30.61 -35.83 -5.70
C CYS D 43 -29.79 -36.92 -6.39
N ASN D 44 -29.25 -36.59 -7.55
CA ASN D 44 -28.36 -37.43 -8.34
C ASN D 44 -28.67 -38.95 -8.33
N PRO D 45 -29.86 -39.34 -8.78
CA PRO D 45 -30.28 -40.75 -8.64
C PRO D 45 -29.33 -41.74 -9.28
N GLY D 46 -28.62 -41.36 -10.33
CA GLY D 46 -27.63 -42.22 -10.95
C GLY D 46 -28.24 -43.42 -11.64
N PRO D 47 -27.89 -44.62 -11.17
CA PRO D 47 -28.44 -45.82 -11.80
C PRO D 47 -29.92 -46.00 -11.51
N GLY D 48 -30.37 -45.67 -10.31
CA GLY D 48 -31.78 -45.79 -9.97
C GLY D 48 -32.11 -47.01 -9.15
N ILE D 49 -31.16 -47.47 -8.33
CA ILE D 49 -31.42 -48.62 -7.48
C ILE D 49 -32.03 -48.20 -6.15
N LEU D 50 -31.45 -47.18 -5.51
CA LEU D 50 -32.07 -46.61 -4.33
C LEU D 50 -33.46 -46.09 -4.64
N THR D 51 -33.66 -45.58 -5.86
CA THR D 51 -34.99 -45.13 -6.26
C THR D 51 -35.98 -46.28 -6.29
N GLN D 52 -35.58 -47.42 -6.88
CA GLN D 52 -36.48 -48.57 -6.90
C GLN D 52 -36.78 -49.04 -5.49
N ALA D 53 -35.76 -49.08 -4.63
CA ALA D 53 -35.98 -49.48 -3.24
C ALA D 53 -36.93 -48.52 -2.53
N LEU D 54 -36.82 -47.21 -2.82
CA LEU D 54 -37.69 -46.24 -2.17
C LEU D 54 -39.14 -46.40 -2.61
N LEU D 55 -39.36 -46.64 -3.91
CA LEU D 55 -40.73 -46.91 -4.36
C LEU D 55 -41.24 -48.23 -3.80
N GLU D 56 -40.34 -49.20 -3.54
CA GLU D 56 -40.77 -50.47 -3.00
C GLU D 56 -41.50 -50.29 -1.66
N ALA D 57 -40.98 -49.43 -0.80
CA ALA D 57 -41.59 -49.22 0.50
C ALA D 57 -42.87 -48.40 0.44
N GLY D 58 -43.15 -47.74 -0.69
CA GLY D 58 -44.41 -47.06 -0.90
C GLY D 58 -44.38 -45.56 -0.85
N ALA D 59 -43.28 -44.96 -0.39
CA ALA D 59 -43.22 -43.51 -0.30
C ALA D 59 -43.06 -42.88 -1.67
N LYS D 60 -43.61 -41.68 -1.82
CA LYS D 60 -43.46 -40.94 -3.07
C LYS D 60 -42.04 -40.43 -3.21
N VAL D 61 -41.60 -40.24 -4.45
CA VAL D 61 -40.24 -39.80 -4.75
C VAL D 61 -40.31 -38.69 -5.79
N VAL D 62 -39.37 -37.76 -5.72
CA VAL D 62 -39.13 -36.77 -6.77
C VAL D 62 -37.63 -36.74 -7.02
N ALA D 63 -37.23 -36.94 -8.26
CA ALA D 63 -35.81 -37.03 -8.61
C ALA D 63 -35.32 -35.72 -9.19
N LEU D 64 -34.37 -35.10 -8.52
CA LEU D 64 -33.74 -33.87 -9.01
C LEU D 64 -32.43 -34.22 -9.72
N GLU D 65 -32.58 -34.83 -10.90
CA GLU D 65 -31.42 -35.32 -11.64
C GLU D 65 -30.59 -34.17 -12.17
N SER D 66 -29.29 -34.22 -11.91
CA SER D 66 -28.37 -33.18 -12.36
C SER D 66 -27.80 -33.43 -13.74
N ASP D 67 -27.99 -34.61 -14.31
CA ASP D 67 -27.46 -34.95 -15.63
C ASP D 67 -28.53 -35.68 -16.43
N LYS D 68 -28.53 -35.46 -17.75
CA LYS D 68 -29.57 -36.02 -18.60
C LYS D 68 -29.21 -37.36 -19.23
N THR D 69 -28.00 -37.87 -19.00
CA THR D 69 -27.60 -39.12 -19.65
C THR D 69 -28.43 -40.29 -19.15
N PHE D 70 -28.87 -40.24 -17.90
CA PHE D 70 -29.62 -41.32 -17.28
C PHE D 70 -31.05 -40.94 -16.91
N ILE D 71 -31.57 -39.82 -17.43
CA ILE D 71 -32.98 -39.49 -17.20
C ILE D 71 -33.95 -40.48 -17.86
N PRO D 72 -33.75 -40.94 -19.11
CA PRO D 72 -34.82 -41.74 -19.72
C PRO D 72 -35.01 -43.10 -19.05
N HIS D 73 -33.94 -43.66 -18.48
CA HIS D 73 -34.09 -44.93 -17.75
C HIS D 73 -34.98 -44.76 -16.54
N LEU D 74 -34.79 -43.69 -15.76
CA LEU D 74 -35.67 -43.44 -14.63
C LEU D 74 -37.10 -43.17 -15.10
N GLU D 75 -37.25 -42.43 -16.19
CA GLU D 75 -38.60 -42.17 -16.71
C GLU D 75 -39.29 -43.47 -17.11
N SER D 76 -38.56 -44.38 -17.77
CA SER D 76 -39.13 -45.67 -18.15
C SER D 76 -39.47 -46.51 -16.93
N LEU D 77 -38.59 -46.51 -15.92
CA LEU D 77 -38.87 -47.23 -14.69
C LEU D 77 -40.09 -46.67 -13.98
N GLY D 78 -40.38 -45.39 -14.15
CA GLY D 78 -41.54 -44.76 -13.56
C GLY D 78 -42.82 -44.88 -14.35
N LYS D 79 -42.82 -45.60 -15.46
CA LYS D 79 -44.04 -45.78 -16.24
C LYS D 79 -45.04 -46.64 -15.48
N ASN D 80 -46.32 -46.26 -15.56
CA ASN D 80 -47.41 -46.96 -14.88
C ASN D 80 -47.19 -47.00 -13.37
N LEU D 81 -46.57 -45.97 -12.81
CA LEU D 81 -46.36 -45.86 -11.37
C LEU D 81 -47.45 -45.07 -10.67
N ASP D 82 -48.42 -44.54 -11.42
CA ASP D 82 -49.53 -43.76 -10.86
C ASP D 82 -49.02 -42.56 -10.06
N GLY D 83 -48.01 -41.88 -10.62
CA GLY D 83 -47.52 -40.65 -10.03
C GLY D 83 -46.53 -40.80 -8.90
N LYS D 84 -46.12 -42.02 -8.56
CA LYS D 84 -45.12 -42.20 -7.50
C LYS D 84 -43.79 -41.60 -7.89
N LEU D 85 -43.38 -41.74 -9.15
CA LEU D 85 -42.08 -41.28 -9.62
C LEU D 85 -42.28 -40.12 -10.58
N ARG D 86 -41.73 -38.96 -10.22
CA ARG D 86 -41.78 -37.76 -11.05
C ARG D 86 -40.37 -37.21 -11.17
N VAL D 87 -39.89 -37.04 -12.40
CA VAL D 87 -38.52 -36.59 -12.64
C VAL D 87 -38.53 -35.13 -13.04
N ILE D 88 -37.82 -34.31 -12.27
CA ILE D 88 -37.63 -32.90 -12.56
C ILE D 88 -36.15 -32.66 -12.78
N HIS D 89 -35.78 -32.23 -13.99
CA HIS D 89 -34.38 -32.02 -14.32
C HIS D 89 -33.89 -30.76 -13.60
N CYS D 90 -33.13 -30.96 -12.52
CA CYS D 90 -32.69 -29.85 -11.70
C CYS D 90 -31.47 -30.28 -10.90
N ASP D 91 -30.70 -29.29 -10.45
CA ASP D 91 -29.58 -29.51 -9.55
C ASP D 91 -29.90 -28.84 -8.22
N PHE D 92 -29.96 -29.63 -7.15
CA PHE D 92 -30.38 -29.10 -5.86
C PHE D 92 -29.45 -28.02 -5.34
N PHE D 93 -28.16 -28.09 -5.66
CA PHE D 93 -27.20 -27.13 -5.16
C PHE D 93 -27.06 -25.90 -6.05
N LYS D 94 -27.84 -25.80 -7.11
CA LYS D 94 -27.88 -24.61 -7.95
C LYS D 94 -29.21 -23.88 -7.88
N LEU D 95 -30.08 -24.24 -6.94
CA LEU D 95 -31.38 -23.60 -6.82
C LEU D 95 -31.22 -22.11 -6.49
N ASP D 96 -32.03 -21.29 -7.14
CA ASP D 96 -32.03 -19.85 -6.95
C ASP D 96 -30.64 -19.23 -7.12
N PRO D 97 -30.11 -19.19 -8.34
CA PRO D 97 -28.84 -18.50 -8.55
C PRO D 97 -28.97 -17.01 -8.26
N ARG D 98 -27.91 -16.43 -7.72
CA ARG D 98 -27.92 -15.03 -7.33
C ARG D 98 -27.38 -14.10 -8.41
N SER D 99 -27.04 -14.63 -9.59
CA SER D 99 -26.62 -13.78 -10.69
C SER D 99 -27.69 -12.76 -11.08
N GLY D 100 -28.95 -13.18 -11.09
CA GLY D 100 -30.05 -12.32 -11.44
C GLY D 100 -30.52 -12.42 -12.87
N GLY D 101 -29.81 -13.14 -13.73
CA GLY D 101 -30.22 -13.30 -15.10
C GLY D 101 -31.24 -14.40 -15.27
N VAL D 102 -31.48 -14.75 -16.54
CA VAL D 102 -32.41 -15.84 -16.85
C VAL D 102 -31.83 -17.14 -16.31
N ILE D 103 -32.72 -18.06 -15.92
CA ILE D 103 -32.31 -19.31 -15.30
C ILE D 103 -32.20 -20.39 -16.36
N LYS D 104 -31.01 -20.97 -16.49
CA LYS D 104 -30.78 -22.07 -17.41
C LYS D 104 -31.35 -23.35 -16.84
N PRO D 105 -31.62 -24.36 -17.67
CA PRO D 105 -32.33 -25.56 -17.20
C PRO D 105 -31.61 -26.35 -16.11
N PRO D 106 -30.27 -26.37 -16.02
CA PRO D 106 -29.68 -27.09 -14.87
C PRO D 106 -30.12 -26.54 -13.52
N ALA D 107 -30.29 -25.22 -13.41
CA ALA D 107 -30.81 -24.62 -12.19
C ALA D 107 -32.30 -24.32 -12.34
N MET D 108 -32.95 -24.10 -11.20
CA MET D 108 -34.36 -23.70 -11.19
C MET D 108 -34.62 -22.73 -10.05
N SER D 109 -35.68 -21.94 -10.21
CA SER D 109 -36.16 -21.10 -9.13
C SER D 109 -36.97 -21.95 -8.16
N SER D 110 -36.74 -21.74 -6.86
CA SER D 110 -37.42 -22.56 -5.86
C SER D 110 -38.92 -22.39 -5.92
N ARG D 111 -39.39 -21.16 -6.14
CA ARG D 111 -40.83 -20.93 -6.22
C ARG D 111 -41.44 -21.72 -7.37
N GLY D 112 -40.82 -21.68 -8.54
CA GLY D 112 -41.34 -22.41 -9.68
C GLY D 112 -41.35 -23.91 -9.46
N LEU D 113 -40.27 -24.45 -8.89
CA LEU D 113 -40.19 -25.88 -8.63
C LEU D 113 -41.24 -26.32 -7.63
N PHE D 114 -41.42 -25.55 -6.55
CA PHE D 114 -42.36 -25.97 -5.51
C PHE D 114 -43.80 -25.74 -5.95
N LYS D 115 -44.04 -24.82 -6.88
CA LYS D 115 -45.36 -24.69 -7.47
C LYS D 115 -45.64 -25.86 -8.42
N ASN D 116 -44.62 -26.28 -9.17
CA ASN D 116 -44.76 -27.44 -10.04
C ASN D 116 -45.05 -28.70 -9.23
N LEU D 117 -44.34 -28.89 -8.12
CA LEU D 117 -44.55 -30.06 -7.27
C LEU D 117 -45.82 -29.95 -6.45
N GLY D 118 -46.42 -28.77 -6.34
CA GLY D 118 -47.61 -28.61 -5.56
C GLY D 118 -47.36 -28.65 -4.06
N ILE D 119 -46.43 -27.83 -3.58
CA ILE D 119 -46.11 -27.73 -2.16
C ILE D 119 -46.53 -26.35 -1.68
N GLU D 120 -47.33 -26.31 -0.63
CA GLU D 120 -47.85 -25.07 -0.08
C GLU D 120 -47.05 -24.67 1.16
N ALA D 121 -46.82 -23.37 1.31
CA ALA D 121 -45.98 -22.87 2.40
C ALA D 121 -46.64 -23.10 3.75
N VAL D 122 -45.80 -23.31 4.76
CA VAL D 122 -46.25 -23.48 6.15
C VAL D 122 -45.44 -22.52 7.02
N PRO D 123 -45.93 -22.15 8.19
CA PRO D 123 -45.15 -21.26 9.07
C PRO D 123 -43.91 -21.95 9.62
N TRP D 124 -43.08 -21.16 10.29
CA TRP D 124 -41.82 -21.69 10.81
C TRP D 124 -42.06 -22.65 11.97
N THR D 125 -43.07 -22.39 12.79
CA THR D 125 -43.31 -23.23 13.96
C THR D 125 -44.07 -24.52 13.62
N ALA D 126 -44.52 -24.67 12.39
CA ALA D 126 -45.32 -25.83 12.01
C ALA D 126 -44.42 -27.05 11.85
N ASP D 127 -44.97 -28.14 11.29
CA ASP D 127 -44.25 -29.39 11.14
C ASP D 127 -43.34 -29.38 9.92
N ILE D 128 -42.68 -30.50 9.66
CA ILE D 128 -41.68 -30.60 8.60
C ILE D 128 -42.40 -31.00 7.31
N PRO D 129 -42.41 -30.17 6.27
CA PRO D 129 -43.09 -30.56 5.03
C PRO D 129 -42.38 -31.69 4.28
N LEU D 130 -41.09 -31.56 4.03
CA LEU D 130 -40.38 -32.45 3.12
C LEU D 130 -39.17 -33.06 3.79
N LYS D 131 -38.53 -33.97 3.07
CA LYS D 131 -37.25 -34.56 3.47
C LYS D 131 -36.39 -34.72 2.22
N VAL D 132 -35.15 -34.24 2.29
CA VAL D 132 -34.23 -34.28 1.16
C VAL D 132 -33.19 -35.36 1.46
N VAL D 133 -33.08 -36.33 0.58
CA VAL D 133 -32.10 -37.40 0.73
C VAL D 133 -31.11 -37.32 -0.43
N GLY D 134 -29.82 -37.37 -0.12
CA GLY D 134 -28.82 -37.27 -1.14
C GLY D 134 -27.42 -37.36 -0.57
N MET D 135 -26.46 -36.87 -1.33
CA MET D 135 -25.05 -36.88 -0.93
C MET D 135 -24.43 -35.51 -1.19
N PHE D 136 -23.50 -35.11 -0.33
CA PHE D 136 -22.84 -33.82 -0.48
C PHE D 136 -21.85 -33.87 -1.65
N PRO D 137 -21.49 -32.71 -2.19
CA PRO D 137 -20.47 -32.70 -3.25
C PRO D 137 -19.15 -33.26 -2.75
N SER D 138 -18.41 -33.89 -3.65
CA SER D 138 -17.17 -34.57 -3.25
C SER D 138 -16.13 -33.57 -2.75
N ARG D 139 -15.95 -32.46 -3.45
CA ARG D 139 -14.91 -31.50 -3.14
C ARG D 139 -15.46 -30.14 -2.71
N GLY D 140 -16.78 -30.00 -2.60
CA GLY D 140 -17.35 -28.72 -2.27
C GLY D 140 -18.25 -28.76 -1.06
N GLU D 141 -17.87 -29.53 -0.04
CA GLU D 141 -18.68 -29.61 1.17
C GLU D 141 -18.66 -28.29 1.93
N LYS D 142 -17.50 -27.64 2.00
CA LYS D 142 -17.41 -26.36 2.70
C LYS D 142 -18.11 -25.24 1.94
N ARG D 143 -18.39 -25.42 0.65
CA ARG D 143 -19.21 -24.44 -0.07
C ARG D 143 -20.69 -24.71 0.15
N ALA D 144 -21.09 -25.99 0.08
CA ALA D 144 -22.49 -26.34 0.26
C ALA D 144 -22.97 -25.99 1.66
N LEU D 145 -22.15 -26.25 2.68
CA LEU D 145 -22.54 -25.91 4.04
C LEU D 145 -22.75 -24.42 4.21
N TRP D 146 -21.85 -23.60 3.64
CA TRP D 146 -22.00 -22.16 3.75
C TRP D 146 -23.25 -21.67 3.02
N LYS D 147 -23.50 -22.19 1.82
CA LYS D 147 -24.68 -21.77 1.08
C LYS D 147 -25.97 -22.15 1.82
N LEU D 148 -26.01 -23.37 2.37
CA LEU D 148 -27.18 -23.78 3.12
C LEU D 148 -27.36 -22.93 4.38
N ALA D 149 -26.26 -22.57 5.04
CA ALA D 149 -26.37 -21.71 6.22
C ALA D 149 -26.92 -20.33 5.85
N TYR D 150 -26.42 -19.76 4.76
CA TYR D 150 -26.91 -18.44 4.33
C TYR D 150 -28.39 -18.51 3.96
N ASP D 151 -28.82 -19.60 3.32
CA ASP D 151 -30.23 -19.74 3.00
C ASP D 151 -31.08 -19.98 4.25
N LEU D 152 -30.53 -20.67 5.25
CA LEU D 152 -31.30 -20.97 6.46
C LEU D 152 -31.49 -19.73 7.31
N TYR D 153 -30.42 -18.96 7.55
CA TYR D 153 -30.53 -17.83 8.45
C TYR D 153 -31.39 -16.72 7.86
N SER D 154 -31.29 -16.49 6.55
CA SER D 154 -32.06 -15.43 5.93
C SER D 154 -33.47 -15.84 5.55
N CYS D 155 -33.83 -17.11 5.72
CA CYS D 155 -35.14 -17.63 5.31
C CYS D 155 -35.42 -17.31 3.84
N THR D 156 -34.58 -17.86 2.98
CA THR D 156 -34.65 -17.66 1.54
C THR D 156 -34.52 -19.02 0.85
N SER D 157 -35.04 -19.11 -0.36
CA SER D 157 -34.99 -20.34 -1.18
C SER D 157 -35.85 -21.40 -0.51
N ILE D 158 -35.40 -22.65 -0.43
CA ILE D 158 -36.26 -23.74 0.01
C ILE D 158 -36.69 -23.57 1.45
N TYR D 159 -35.94 -22.79 2.24
CA TYR D 159 -36.30 -22.61 3.64
C TYR D 159 -37.42 -21.59 3.81
N LYS D 160 -37.80 -20.92 2.73
CA LYS D 160 -38.95 -20.02 2.75
C LYS D 160 -40.22 -20.79 3.02
N PHE D 161 -40.33 -22.01 2.48
CA PHE D 161 -41.57 -22.76 2.60
C PHE D 161 -41.69 -23.47 3.95
N GLY D 162 -40.63 -23.51 4.73
CA GLY D 162 -40.72 -24.09 6.06
C GLY D 162 -39.39 -24.69 6.48
N ARG D 163 -39.46 -25.58 7.46
CA ARG D 163 -38.30 -26.28 7.99
C ARG D 163 -38.16 -27.61 7.25
N ILE D 164 -37.07 -27.75 6.50
CA ILE D 164 -36.84 -28.92 5.63
C ILE D 164 -35.62 -29.67 6.15
N GLU D 165 -35.78 -30.96 6.40
CA GLU D 165 -34.64 -31.80 6.74
C GLU D 165 -33.81 -32.08 5.51
N VAL D 166 -32.50 -32.10 5.68
CA VAL D 166 -31.58 -32.46 4.59
C VAL D 166 -30.66 -33.58 5.07
N ASN D 167 -30.95 -34.80 4.63
CA ASN D 167 -30.16 -35.95 5.07
C ASN D 167 -29.13 -36.30 4.00
N MET D 168 -27.85 -36.08 4.31
CA MET D 168 -26.82 -36.25 3.30
C MET D 168 -25.58 -36.89 3.91
N PHE D 169 -24.79 -37.53 3.06
CA PHE D 169 -23.55 -38.18 3.44
C PHE D 169 -22.42 -37.16 3.42
N ILE D 170 -21.59 -37.16 4.46
CA ILE D 170 -20.49 -36.21 4.57
C ILE D 170 -19.21 -36.96 4.90
N GLY D 171 -18.08 -36.38 4.51
CA GLY D 171 -16.80 -37.01 4.75
C GLY D 171 -16.38 -36.95 6.20
N GLU D 172 -15.35 -37.73 6.53
CA GLU D 172 -14.95 -37.88 7.93
C GLU D 172 -14.34 -36.60 8.48
N LYS D 173 -13.40 -35.99 7.76
CA LYS D 173 -12.71 -34.82 8.28
C LYS D 173 -13.67 -33.63 8.44
N GLU D 174 -14.55 -33.43 7.46
CA GLU D 174 -15.51 -32.34 7.57
C GLU D 174 -16.55 -32.62 8.64
N PHE D 175 -16.87 -33.90 8.86
CA PHE D 175 -17.77 -34.24 9.96
C PHE D 175 -17.14 -33.91 11.30
N GLN D 176 -15.86 -34.23 11.47
CA GLN D 176 -15.18 -33.90 12.71
C GLN D 176 -15.03 -32.39 12.90
N LYS D 177 -14.78 -31.64 11.83
CA LYS D 177 -14.73 -30.19 11.95
C LYS D 177 -16.09 -29.59 12.26
N LEU D 178 -17.17 -30.20 11.75
CA LEU D 178 -18.51 -29.67 11.97
C LEU D 178 -19.00 -29.93 13.39
N MET D 179 -18.67 -31.09 13.95
CA MET D 179 -19.13 -31.46 15.28
C MET D 179 -18.11 -31.14 16.37
N ALA D 180 -17.24 -30.15 16.13
CA ALA D 180 -16.25 -29.78 17.12
C ALA D 180 -16.94 -29.11 18.32
N ASP D 181 -16.28 -29.21 19.47
CA ASP D 181 -16.78 -28.70 20.73
C ASP D 181 -15.63 -27.99 21.44
N PRO D 182 -15.89 -27.08 22.39
CA PRO D 182 -14.79 -26.48 23.15
C PRO D 182 -13.83 -27.50 23.76
N GLY D 183 -14.27 -28.73 23.96
CA GLY D 183 -13.39 -29.80 24.39
C GLY D 183 -12.26 -30.04 23.40
N ASN D 184 -12.55 -29.90 22.11
CA ASN D 184 -11.57 -30.06 21.06
C ASN D 184 -11.24 -28.71 20.45
N PRO D 185 -10.18 -28.04 20.92
CA PRO D 185 -9.95 -26.65 20.49
C PRO D 185 -9.41 -26.51 19.08
N ASP D 186 -8.76 -27.56 18.55
CA ASP D 186 -8.08 -27.42 17.26
C ASP D 186 -9.07 -27.27 16.12
N LEU D 187 -10.18 -28.00 16.15
CA LEU D 187 -11.13 -28.02 15.05
C LEU D 187 -12.33 -27.10 15.25
N TYR D 188 -12.40 -26.39 16.37
CA TYR D 188 -13.55 -25.54 16.65
C TYR D 188 -13.46 -24.24 15.88
N HIS D 189 -14.47 -23.95 15.07
CA HIS D 189 -14.38 -22.82 14.15
C HIS D 189 -15.81 -22.30 13.91
N VAL D 190 -15.95 -21.34 12.99
CA VAL D 190 -17.21 -20.61 12.81
C VAL D 190 -18.33 -21.53 12.32
N LEU D 191 -18.03 -22.34 11.31
CA LEU D 191 -19.08 -23.15 10.67
C LEU D 191 -19.70 -24.11 11.67
N SER D 192 -18.89 -24.64 12.58
CA SER D 192 -19.41 -25.50 13.65
C SER D 192 -20.40 -24.73 14.51
N VAL D 193 -20.07 -23.50 14.88
CA VAL D 193 -20.94 -22.70 15.74
C VAL D 193 -22.27 -22.46 15.05
N ILE D 194 -22.23 -22.04 13.78
CA ILE D 194 -23.49 -21.68 13.13
C ILE D 194 -24.35 -22.92 12.87
N TRP D 195 -23.75 -24.04 12.48
CA TRP D 195 -24.53 -25.24 12.22
C TRP D 195 -24.95 -25.97 13.48
N GLN D 196 -24.36 -25.67 14.64
CA GLN D 196 -24.87 -26.18 15.90
C GLN D 196 -25.93 -25.28 16.52
N LEU D 197 -25.88 -23.98 16.22
CA LEU D 197 -26.95 -23.10 16.68
C LEU D 197 -28.21 -23.25 15.83
N ALA D 198 -28.06 -23.51 14.54
CA ALA D 198 -29.18 -23.48 13.61
C ALA D 198 -29.88 -24.82 13.44
N CYS D 199 -29.26 -25.92 13.82
CA CYS D 199 -29.85 -27.23 13.56
C CYS D 199 -29.46 -28.21 14.65
N GLU D 200 -30.19 -29.31 14.70
CA GLU D 200 -29.85 -30.45 15.56
C GLU D 200 -29.27 -31.54 14.67
N ILE D 201 -27.98 -31.82 14.84
CA ILE D 201 -27.27 -32.76 13.99
C ILE D 201 -27.20 -34.10 14.70
N LYS D 202 -27.59 -35.16 14.01
CA LYS D 202 -27.61 -36.51 14.55
C LYS D 202 -26.97 -37.46 13.56
N VAL D 203 -26.24 -38.45 14.06
CA VAL D 203 -25.54 -39.41 13.21
C VAL D 203 -26.45 -40.64 13.10
N LEU D 204 -26.81 -40.97 11.87
CA LEU D 204 -27.78 -42.03 11.65
C LEU D 204 -27.10 -43.32 11.19
N HIS D 205 -26.05 -43.22 10.37
CA HIS D 205 -25.44 -44.41 9.80
C HIS D 205 -23.97 -44.14 9.51
N MET D 206 -23.20 -45.22 9.40
CA MET D 206 -21.79 -45.19 9.06
C MET D 206 -21.52 -46.17 7.93
N GLU D 207 -20.61 -45.81 7.03
CA GLU D 207 -20.33 -46.69 5.90
C GLU D 207 -18.98 -46.38 5.29
N PRO D 208 -18.20 -47.39 4.93
CA PRO D 208 -16.92 -47.12 4.26
C PRO D 208 -17.12 -46.59 2.85
N TRP D 209 -16.02 -46.10 2.27
CA TRP D 209 -16.09 -45.47 0.96
C TRP D 209 -16.31 -46.50 -0.16
N SER D 210 -15.73 -47.69 -0.02
CA SER D 210 -15.78 -48.67 -1.11
C SER D 210 -17.18 -49.20 -1.35
N SER D 211 -18.13 -48.93 -0.46
CA SER D 211 -19.49 -49.40 -0.65
C SER D 211 -20.14 -48.77 -1.88
N PHE D 212 -19.72 -47.57 -2.25
CA PHE D 212 -20.24 -46.88 -3.43
C PHE D 212 -19.30 -47.07 -4.61
N ASP D 213 -19.86 -47.01 -5.81
CA ASP D 213 -19.07 -47.13 -7.04
C ASP D 213 -18.87 -45.74 -7.63
N ILE D 214 -17.60 -45.32 -7.70
CA ILE D 214 -17.27 -43.99 -8.22
C ILE D 214 -17.61 -43.91 -9.71
N TYR D 215 -18.28 -42.83 -10.09
CA TYR D 215 -18.60 -42.54 -11.48
C TYR D 215 -17.82 -41.32 -11.93
N THR D 216 -17.10 -41.45 -13.04
CA THR D 216 -16.39 -40.33 -13.62
C THR D 216 -17.19 -39.75 -14.79
N ARG D 217 -16.62 -38.72 -15.41
CA ARG D 217 -17.29 -38.08 -16.55
C ARG D 217 -17.43 -39.06 -17.71
N LYS D 218 -16.39 -39.83 -17.99
CA LYS D 218 -16.47 -40.84 -19.06
C LYS D 218 -17.44 -41.95 -18.67
N GLY D 219 -17.39 -42.40 -17.43
CA GLY D 219 -18.22 -43.49 -16.98
C GLY D 219 -17.72 -44.09 -15.69
N PRO D 220 -18.05 -45.36 -15.44
CA PRO D 220 -17.62 -46.01 -14.20
C PRO D 220 -16.10 -46.06 -14.10
N LEU D 221 -15.59 -45.91 -12.88
CA LEU D 221 -14.16 -45.98 -12.61
C LEU D 221 -13.80 -47.43 -12.36
N GLU D 222 -13.59 -48.18 -13.44
CA GLU D 222 -13.40 -49.62 -13.38
C GLU D 222 -11.94 -50.05 -13.37
N ASN D 223 -11.00 -49.12 -13.37
CA ASN D 223 -9.60 -49.48 -13.38
C ASN D 223 -9.15 -49.98 -12.01
N PRO D 224 -8.62 -51.21 -11.90
CA PRO D 224 -8.15 -51.68 -10.59
C PRO D 224 -7.00 -50.87 -10.04
N LYS D 225 -6.25 -50.17 -10.89
CA LYS D 225 -5.14 -49.35 -10.39
C LYS D 225 -5.64 -48.24 -9.48
N ARG D 226 -6.72 -47.56 -9.87
CA ARG D 226 -7.30 -46.54 -9.00
C ARG D 226 -8.07 -47.17 -7.84
N ARG D 227 -8.47 -48.43 -7.96
CA ARG D 227 -9.10 -49.13 -6.84
C ARG D 227 -8.13 -49.25 -5.68
N GLU D 228 -6.86 -49.56 -5.96
CA GLU D 228 -5.84 -49.49 -4.93
C GLU D 228 -5.65 -48.06 -4.45
N LEU D 229 -5.70 -47.10 -5.37
CA LEU D 229 -5.66 -45.69 -4.99
C LEU D 229 -6.92 -45.30 -4.21
N LEU D 230 -8.04 -45.94 -4.50
CA LEU D 230 -9.26 -45.69 -3.74
C LEU D 230 -9.10 -46.10 -2.28
N ASP D 231 -8.30 -47.15 -2.04
CA ASP D 231 -7.98 -47.52 -0.66
C ASP D 231 -7.22 -46.41 0.03
N GLN D 232 -6.31 -45.74 -0.68
CA GLN D 232 -5.61 -44.60 -0.11
C GLN D 232 -6.56 -43.44 0.15
N LEU D 233 -7.60 -43.32 -0.65
CA LEU D 233 -8.61 -42.28 -0.50
C LEU D 233 -9.79 -42.72 0.35
N GLN D 234 -9.75 -43.92 0.93
CA GLN D 234 -10.88 -44.45 1.67
C GLN D 234 -11.06 -43.69 2.98
N GLN D 235 -12.29 -43.25 3.24
CA GLN D 235 -12.64 -42.59 4.49
C GLN D 235 -14.12 -42.87 4.75
N LYS D 236 -14.46 -43.16 6.01
CA LYS D 236 -15.83 -43.49 6.35
C LYS D 236 -16.74 -42.29 6.10
N LEU D 237 -17.88 -42.56 5.46
CA LEU D 237 -18.84 -41.51 5.09
C LEU D 237 -20.01 -41.58 6.06
N TYR D 238 -20.13 -40.57 6.93
CA TYR D 238 -21.22 -40.53 7.88
C TYR D 238 -22.48 -39.96 7.26
N LEU D 239 -23.62 -40.51 7.65
CA LEU D 239 -24.92 -40.00 7.26
C LEU D 239 -25.50 -39.20 8.42
N ILE D 240 -25.76 -37.92 8.19
CA ILE D 240 -26.16 -37.01 9.24
C ILE D 240 -27.53 -36.43 8.91
N GLN D 241 -28.23 -35.97 9.94
CA GLN D 241 -29.58 -35.43 9.82
C GLN D 241 -29.60 -34.04 10.43
N MET D 242 -30.15 -33.08 9.69
CA MET D 242 -30.26 -31.70 10.16
C MET D 242 -31.72 -31.29 10.12
N ILE D 243 -32.32 -31.11 11.29
CA ILE D 243 -33.67 -30.55 11.42
C ILE D 243 -33.53 -29.16 12.01
N PRO D 244 -33.93 -28.10 11.30
CA PRO D 244 -33.76 -26.74 11.83
C PRO D 244 -34.49 -26.56 13.15
N ARG D 245 -33.88 -25.79 14.05
CA ARG D 245 -34.44 -25.59 15.38
C ARG D 245 -35.61 -24.63 15.34
N GLN D 246 -36.65 -24.94 16.13
CA GLN D 246 -37.84 -24.12 16.18
C GLN D 246 -37.62 -22.77 16.84
N ASN D 247 -36.76 -22.70 17.86
CA ASN D 247 -36.53 -21.49 18.62
C ASN D 247 -35.30 -20.72 18.15
N LEU D 248 -34.90 -20.89 16.89
CA LEU D 248 -33.71 -20.21 16.40
C LEU D 248 -33.88 -18.70 16.40
N PHE D 249 -35.03 -18.21 15.95
CA PHE D 249 -35.25 -16.78 15.78
C PHE D 249 -35.92 -16.21 17.01
N THR D 250 -35.30 -15.17 17.59
CA THR D 250 -35.86 -14.44 18.71
C THR D 250 -36.09 -12.99 18.28
N LYS D 251 -36.45 -12.16 19.27
CA LYS D 251 -36.71 -10.76 18.97
C LYS D 251 -35.44 -10.04 18.51
N ASN D 252 -34.28 -10.44 19.04
CA ASN D 252 -33.04 -9.72 18.75
C ASN D 252 -32.30 -10.33 17.58
N LEU D 253 -32.32 -11.65 17.44
CA LEU D 253 -31.72 -12.33 16.30
C LEU D 253 -32.82 -12.57 15.26
N THR D 254 -32.75 -11.83 14.16
CA THR D 254 -33.76 -11.84 13.11
C THR D 254 -33.07 -11.95 11.76
N PRO D 255 -33.81 -12.28 10.71
CA PRO D 255 -33.19 -12.33 9.37
C PRO D 255 -32.53 -11.03 8.94
N MET D 256 -32.76 -9.93 9.66
CA MET D 256 -32.08 -8.68 9.32
C MET D 256 -30.71 -8.58 9.96
N ASN D 257 -30.53 -9.19 11.13
CA ASN D 257 -29.31 -9.02 11.92
C ASN D 257 -28.29 -10.13 11.70
N TYR D 258 -28.56 -11.10 10.82
CA TYR D 258 -27.70 -12.27 10.75
C TYR D 258 -26.32 -11.92 10.21
N ASN D 259 -26.22 -10.88 9.38
CA ASN D 259 -24.92 -10.48 8.86
C ASN D 259 -23.98 -10.03 9.97
N ILE D 260 -24.50 -9.26 10.94
CA ILE D 260 -23.67 -8.79 12.03
C ILE D 260 -23.19 -9.96 12.88
N PHE D 261 -24.07 -10.94 13.10
CA PHE D 261 -23.67 -12.13 13.85
C PHE D 261 -22.60 -12.91 13.12
N PHE D 262 -22.74 -13.06 11.80
CA PHE D 262 -21.72 -13.76 11.04
C PHE D 262 -20.37 -13.05 11.12
N HIS D 263 -20.38 -11.72 11.00
CA HIS D 263 -19.13 -10.97 11.10
C HIS D 263 -18.53 -11.05 12.49
N LEU D 264 -19.36 -11.02 13.53
CA LEU D 264 -18.85 -11.17 14.89
C LEU D 264 -18.18 -12.53 15.07
N LEU D 265 -18.81 -13.59 14.56
CA LEU D 265 -18.23 -14.91 14.68
C LEU D 265 -16.92 -15.02 13.90
N LYS D 266 -16.86 -14.44 12.70
CA LYS D 266 -15.63 -14.50 11.92
C LYS D 266 -14.52 -13.70 12.57
N HIS D 267 -14.84 -12.55 13.16
CA HIS D 267 -13.84 -11.74 13.83
C HIS D 267 -13.33 -12.40 15.10
N CYS D 268 -14.22 -13.06 15.84
CA CYS D 268 -13.81 -13.68 17.09
C CYS D 268 -12.84 -14.83 16.85
N PHE D 269 -12.95 -15.50 15.71
CA PHE D 269 -12.03 -16.57 15.34
C PHE D 269 -10.89 -16.09 14.46
N GLY D 270 -10.83 -14.79 14.16
CA GLY D 270 -9.68 -14.27 13.43
C GLY D 270 -8.40 -14.37 14.22
N ARG D 271 -8.48 -14.20 15.54
CA ARG D 271 -7.35 -14.33 16.46
C ARG D 271 -7.80 -15.28 17.57
N ARG D 272 -7.59 -16.58 17.37
CA ARG D 272 -8.12 -17.58 18.30
C ARG D 272 -7.52 -17.44 19.69
N SER D 273 -6.20 -17.24 19.77
CA SER D 273 -5.54 -17.19 21.07
C SER D 273 -5.69 -15.81 21.70
N ALA D 274 -6.92 -15.39 21.95
CA ALA D 274 -7.19 -14.09 22.54
C ALA D 274 -8.48 -14.17 23.36
N THR D 275 -8.63 -13.23 24.27
CA THR D 275 -9.82 -13.21 25.12
C THR D 275 -11.01 -12.61 24.37
N VAL D 276 -12.17 -12.70 25.00
CA VAL D 276 -13.39 -12.14 24.41
C VAL D 276 -13.34 -10.63 24.42
N ILE D 277 -12.84 -10.05 25.51
CA ILE D 277 -12.82 -8.59 25.65
C ILE D 277 -11.91 -7.97 24.59
N ASP D 278 -10.81 -8.65 24.25
CA ASP D 278 -9.91 -8.12 23.24
C ASP D 278 -10.58 -7.99 21.88
N HIS D 279 -11.66 -8.75 21.65
CA HIS D 279 -12.41 -8.60 20.41
C HIS D 279 -13.58 -7.63 20.59
N LEU D 280 -14.19 -7.62 21.77
CA LEU D 280 -15.29 -6.68 22.02
C LEU D 280 -14.81 -5.25 21.97
N ARG D 281 -13.54 -5.01 22.30
CA ARG D 281 -13.00 -3.66 22.20
C ARG D 281 -12.90 -3.20 20.76
N SER D 282 -12.59 -4.12 19.85
CA SER D 282 -12.49 -3.78 18.44
C SER D 282 -13.83 -3.83 17.71
N LEU D 283 -14.87 -4.41 18.32
CA LEU D 283 -16.15 -4.55 17.64
C LEU D 283 -17.19 -3.52 18.07
N THR D 284 -17.35 -3.25 19.36
CA THR D 284 -18.43 -2.39 19.81
C THR D 284 -17.91 -1.29 20.73
N PRO D 285 -18.53 -0.11 20.73
CA PRO D 285 -18.10 0.95 21.66
C PRO D 285 -18.67 0.81 23.07
N LEU D 286 -19.53 -0.18 23.30
CA LEU D 286 -20.12 -0.37 24.62
C LEU D 286 -19.09 -0.93 25.59
N ASP D 287 -19.45 -0.92 26.88
CA ASP D 287 -18.55 -1.40 27.92
C ASP D 287 -18.47 -2.92 27.86
N ALA D 288 -17.30 -3.44 27.47
CA ALA D 288 -17.14 -4.88 27.31
C ALA D 288 -17.27 -5.61 28.64
N ARG D 289 -16.71 -5.04 29.71
CA ARG D 289 -16.79 -5.69 31.02
C ARG D 289 -18.23 -5.84 31.47
N ASP D 290 -19.06 -4.83 31.20
CA ASP D 290 -20.47 -4.92 31.56
C ASP D 290 -21.16 -6.06 30.83
N ILE D 291 -20.86 -6.24 29.54
CA ILE D 291 -21.50 -7.31 28.78
C ILE D 291 -21.04 -8.67 29.28
N LEU D 292 -19.73 -8.82 29.56
CA LEU D 292 -19.25 -10.08 30.11
C LEU D 292 -19.90 -10.37 31.46
N MET D 293 -20.07 -9.35 32.30
CA MET D 293 -20.74 -9.56 33.57
C MET D 293 -22.20 -9.98 33.37
N GLN D 294 -22.88 -9.36 32.40
CA GLN D 294 -24.28 -9.67 32.17
C GLN D 294 -24.47 -11.10 31.64
N ILE D 295 -23.58 -11.56 30.75
CA ILE D 295 -23.70 -12.92 30.25
C ILE D 295 -23.13 -13.95 31.22
N GLY D 296 -22.71 -13.54 32.41
CA GLY D 296 -22.25 -14.47 33.42
C GLY D 296 -20.93 -15.15 33.13
N LYS D 297 -19.93 -14.40 32.69
CA LYS D 297 -18.62 -14.95 32.38
C LYS D 297 -17.53 -14.12 33.05
N GLN D 298 -16.43 -14.78 33.38
CA GLN D 298 -15.29 -14.09 33.97
C GLN D 298 -14.59 -13.24 32.91
N GLU D 299 -13.85 -12.23 33.38
CA GLU D 299 -13.19 -11.31 32.45
C GLU D 299 -12.13 -12.02 31.62
N ASP D 300 -11.38 -12.94 32.23
CA ASP D 300 -10.33 -13.67 31.52
C ASP D 300 -10.92 -14.94 30.90
N GLU D 301 -11.76 -14.73 29.89
CA GLU D 301 -12.44 -15.80 29.18
C GLU D 301 -11.94 -15.85 27.75
N LYS D 302 -11.46 -17.03 27.33
CA LYS D 302 -10.99 -17.20 25.97
C LYS D 302 -12.17 -17.36 25.02
N VAL D 303 -11.90 -17.15 23.73
CA VAL D 303 -12.96 -17.32 22.73
C VAL D 303 -13.14 -18.80 22.40
N VAL D 304 -12.16 -19.62 22.78
CA VAL D 304 -12.18 -21.03 22.42
C VAL D 304 -12.91 -21.81 23.51
N ASN D 305 -13.29 -21.12 24.58
CA ASN D 305 -13.98 -21.76 25.70
C ASN D 305 -15.46 -21.40 25.73
N MET D 306 -16.01 -20.87 24.64
CA MET D 306 -17.39 -20.42 24.59
C MET D 306 -18.21 -21.39 23.74
N HIS D 307 -19.26 -21.95 24.34
CA HIS D 307 -20.20 -22.77 23.60
C HIS D 307 -21.04 -21.90 22.67
N PRO D 308 -21.65 -22.49 21.64
CA PRO D 308 -22.48 -21.68 20.74
C PRO D 308 -23.58 -20.91 21.43
N GLN D 309 -24.19 -21.48 22.48
CA GLN D 309 -25.21 -20.77 23.22
C GLN D 309 -24.64 -19.52 23.87
N ASP D 310 -23.38 -19.59 24.34
CA ASP D 310 -22.73 -18.41 24.89
C ASP D 310 -22.59 -17.33 23.82
N PHE D 311 -22.22 -17.71 22.59
CA PHE D 311 -22.10 -16.73 21.52
C PHE D 311 -23.42 -16.07 21.21
N LYS D 312 -24.51 -16.85 21.13
CA LYS D 312 -25.80 -16.25 20.83
C LYS D 312 -26.27 -15.37 21.98
N THR D 313 -26.01 -15.77 23.22
CA THR D 313 -26.35 -14.94 24.36
C THR D 313 -25.56 -13.63 24.34
N LEU D 314 -24.29 -13.68 23.95
CA LEU D 314 -23.49 -12.47 23.82
C LEU D 314 -24.08 -11.53 22.78
N PHE D 315 -24.42 -12.07 21.60
CA PHE D 315 -24.98 -11.23 20.55
C PHE D 315 -26.30 -10.60 20.98
N GLU D 316 -27.18 -11.39 21.60
CA GLU D 316 -28.46 -10.86 22.04
C GLU D 316 -28.28 -9.84 23.15
N THR D 317 -27.31 -10.05 24.05
CA THR D 317 -27.06 -9.11 25.12
C THR D 317 -26.58 -7.77 24.58
N ILE D 318 -25.69 -7.80 23.59
CA ILE D 318 -25.24 -6.55 22.99
C ILE D 318 -26.40 -5.88 22.26
N GLU D 319 -27.23 -6.66 21.57
CA GLU D 319 -28.29 -6.07 20.77
C GLU D 319 -29.41 -5.50 21.63
N ARG D 320 -29.66 -6.07 22.81
CA ARG D 320 -30.72 -5.59 23.68
C ARG D 320 -30.40 -4.27 24.36
N SER D 321 -29.14 -3.83 24.31
CA SER D 321 -28.78 -2.57 24.95
C SER D 321 -29.53 -1.41 24.31
N LYS D 322 -30.12 -0.56 25.15
CA LYS D 322 -30.86 0.60 24.69
C LYS D 322 -30.17 1.92 25.03
N ASP D 323 -29.02 1.87 25.70
CA ASP D 323 -28.38 3.10 26.17
C ASP D 323 -27.77 3.88 25.01
N CYS D 324 -27.07 3.20 24.11
CA CYS D 324 -26.34 3.85 23.03
C CYS D 324 -27.09 3.68 21.72
N ALA D 325 -27.14 4.76 20.93
CA ALA D 325 -27.74 4.68 19.60
C ALA D 325 -26.86 3.90 18.64
N TYR D 326 -25.55 4.10 18.73
CA TYR D 326 -24.58 3.38 17.91
C TYR D 326 -23.96 2.28 18.77
N LYS D 327 -24.21 1.02 18.43
CA LYS D 327 -23.72 -0.10 19.21
C LYS D 327 -22.85 -1.06 18.41
N TRP D 328 -22.73 -0.88 17.10
CA TRP D 328 -21.91 -1.75 16.28
C TRP D 328 -21.07 -0.91 15.32
N LEU D 329 -19.93 -1.46 14.92
CA LEU D 329 -19.11 -0.86 13.88
C LEU D 329 -19.23 -1.56 12.55
N TYR D 330 -19.92 -2.71 12.49
CA TYR D 330 -20.10 -3.39 11.22
C TYR D 330 -21.02 -2.56 10.32
N ASP D 331 -20.67 -2.49 9.04
CA ASP D 331 -21.46 -1.77 8.07
C ASP D 331 -21.22 -2.39 6.71
N GLU D 332 -22.14 -2.14 5.78
CA GLU D 332 -22.04 -2.75 4.46
C GLU D 332 -20.77 -2.33 3.73
N THR D 333 -20.15 -1.22 4.14
CA THR D 333 -18.89 -0.81 3.54
C THR D 333 -17.76 -1.77 3.87
N LEU D 334 -17.87 -2.46 5.01
CA LEU D 334 -16.86 -3.46 5.37
C LEU D 334 -16.86 -4.62 4.40
N GLU D 335 -18.04 -5.02 3.92
CA GLU D 335 -18.12 -6.11 2.96
C GLU D 335 -17.54 -5.69 1.62
N ASP D 336 -16.94 -6.65 0.94
CA ASP D 336 -16.37 -6.44 -0.40
C ASP D 336 -15.33 -5.33 -0.39
N ARG D 337 -14.38 -5.43 0.54
CA ARG D 337 -13.29 -4.47 0.60
C ARG D 337 -12.06 -5.09 1.27
PG GTP E 1 -14.74 7.19 -21.26
O1G GTP E 1 -14.13 6.39 -22.39
O2G GTP E 1 -16.25 7.15 -21.27
O3G GTP E 1 -14.20 8.59 -21.18
O3B GTP E 1 -14.29 6.45 -19.90
PB GTP E 1 -14.85 6.46 -18.40
O1B GTP E 1 -14.23 5.34 -17.64
O2B GTP E 1 -16.34 6.58 -18.44
O3A GTP E 1 -14.24 7.83 -17.84
PA GTP E 1 -14.21 9.34 -18.38
O1A GTP E 1 -14.03 10.24 -17.21
O2A GTP E 1 -15.39 9.57 -19.27
O5' GTP E 1 -12.87 9.34 -19.26
C5' GTP E 1 -12.28 10.61 -19.59
C4' GTP E 1 -10.80 10.42 -19.83
O4' GTP E 1 -10.20 9.72 -18.72
C3' GTP E 1 -10.39 9.59 -21.05
O3' GTP E 1 -10.46 10.37 -22.25
C2' GTP E 1 -8.94 9.24 -20.68
O2' GTP E 1 -8.06 10.29 -20.97
C1' GTP E 1 -9.04 9.05 -19.17
N9 GTP E 1 -9.11 7.66 -18.73
C8 GTP E 1 -10.22 7.00 -18.26
N7 GTP E 1 -9.98 5.74 -17.95
C5 GTP E 1 -8.63 5.57 -18.24
C6 GTP E 1 -7.81 4.42 -18.12
O6 GTP E 1 -8.13 3.30 -17.70
N1 GTP E 1 -6.50 4.67 -18.54
C2 GTP E 1 -6.05 5.88 -19.01
N2 GTP E 1 -4.76 5.93 -19.36
N3 GTP E 1 -6.82 6.96 -19.13
C4 GTP E 1 -8.08 6.74 -18.74
N SER F 28 8.71 -23.46 48.97
CA SER F 28 7.93 -24.15 50.01
C SER F 28 8.74 -25.27 50.64
N SER F 29 8.19 -25.87 51.70
CA SER F 29 8.81 -27.06 52.28
C SER F 29 8.77 -28.22 51.29
N VAL F 30 7.78 -28.21 50.41
CA VAL F 30 7.70 -29.27 49.36
C VAL F 30 8.84 -29.04 48.35
N LEU F 31 9.23 -27.78 48.16
CA LEU F 31 10.36 -27.48 47.24
C LEU F 31 11.62 -28.13 47.81
N ALA F 32 11.80 -28.06 49.12
CA ALA F 32 12.96 -28.71 49.76
C ALA F 32 12.86 -30.21 49.51
N SER F 33 11.64 -30.75 49.50
CA SER F 33 11.42 -32.19 49.24
C SER F 33 11.92 -32.58 47.84
N CYS F 34 11.75 -31.72 46.82
CA CYS F 34 12.28 -32.03 45.47
C CYS F 34 13.81 -32.15 45.54
N PRO F 35 14.43 -33.18 44.90
CA PRO F 35 15.88 -33.37 44.94
C PRO F 35 16.66 -32.34 44.13
N LYS F 36 17.93 -32.10 44.49
CA LYS F 36 18.75 -31.08 43.80
C LYS F 36 19.62 -31.73 42.71
N LYS F 37 20.06 -30.93 41.74
CA LYS F 37 20.90 -31.45 40.61
C LYS F 37 22.28 -31.85 41.15
N PRO F 38 23.00 -32.76 40.48
CA PRO F 38 24.33 -33.17 40.91
C PRO F 38 25.34 -32.01 40.87
N VAL F 39 26.24 -31.96 41.84
CA VAL F 39 27.25 -30.85 41.91
C VAL F 39 28.22 -30.98 40.73
N SER F 40 28.67 -29.85 40.17
CA SER F 40 29.55 -29.95 39.02
C SER F 40 30.91 -30.50 39.43
N SER F 41 31.66 -30.96 38.42
CA SER F 41 33.00 -31.57 38.66
C SER F 41 33.94 -30.61 39.39
N TYR F 42 34.02 -29.36 38.96
CA TYR F 42 35.01 -28.45 39.59
C TYR F 42 34.67 -28.32 41.07
N LEU F 43 33.38 -28.19 41.39
CA LEU F 43 32.98 -27.99 42.80
C LEU F 43 33.36 -29.23 43.61
N ARG F 44 33.17 -30.43 43.06
CA ARG F 44 33.46 -31.65 43.87
C ARG F 44 34.94 -31.59 44.20
N PHE F 45 35.76 -31.20 43.24
CA PHE F 45 37.23 -31.12 43.45
C PHE F 45 37.49 -30.09 44.54
N SER F 46 36.79 -28.95 44.49
CA SER F 46 36.97 -27.89 45.51
C SER F 46 36.54 -28.38 46.90
N LYS F 47 35.42 -29.10 46.97
CA LYS F 47 34.91 -29.62 48.26
C LYS F 47 35.84 -30.74 48.76
N GLU F 48 36.16 -31.70 47.90
CA GLU F 48 36.96 -32.83 48.35
C GLU F 48 38.34 -32.38 48.81
N GLN F 49 38.92 -31.41 48.13
CA GLN F 49 40.27 -30.96 48.42
C GLN F 49 40.33 -29.89 49.51
N LEU F 50 39.18 -29.42 49.98
CA LEU F 50 39.15 -28.42 51.04
C LEU F 50 39.77 -28.92 52.35
N PRO F 51 39.44 -30.11 52.87
CA PRO F 51 40.02 -30.53 54.16
C PRO F 51 41.53 -30.67 54.14
N ILE F 52 42.14 -30.92 52.97
CA ILE F 52 43.59 -30.88 52.85
C ILE F 52 44.10 -29.47 53.16
N PHE F 53 43.35 -28.46 52.69
CA PHE F 53 43.81 -27.09 52.70
C PHE F 53 43.59 -26.43 54.05
N LYS F 54 42.64 -26.93 54.84
CA LYS F 54 42.58 -26.55 56.25
C LYS F 54 43.81 -27.07 56.98
N ALA F 55 44.38 -28.18 56.52
CA ALA F 55 45.64 -28.67 57.08
C ALA F 55 46.82 -27.81 56.61
N GLN F 56 46.83 -27.43 55.33
CA GLN F 56 47.93 -26.61 54.83
C GLN F 56 47.99 -25.25 55.52
N ASN F 57 46.96 -24.44 55.35
CA ASN F 57 46.90 -23.12 55.97
C ASN F 57 45.45 -22.78 56.28
N PRO F 58 44.98 -23.02 57.51
CA PRO F 58 43.57 -22.74 57.81
C PRO F 58 43.29 -21.27 58.08
N ASP F 59 44.31 -20.47 58.40
CA ASP F 59 44.04 -19.07 58.75
C ASP F 59 43.87 -18.21 57.50
N ALA F 60 44.27 -18.72 56.33
CA ALA F 60 44.20 -17.92 55.12
C ALA F 60 42.77 -17.69 54.68
N LYS F 61 42.55 -16.57 53.99
CA LYS F 61 41.22 -16.24 53.48
C LYS F 61 40.78 -17.27 52.44
N THR F 62 39.54 -17.76 52.58
CA THR F 62 39.03 -18.83 51.68
C THR F 62 39.13 -18.42 50.21
N THR F 63 38.98 -17.13 49.91
CA THR F 63 38.96 -16.68 48.49
C THR F 63 40.31 -17.02 47.84
N GLU F 64 41.41 -16.77 48.55
CA GLU F 64 42.75 -17.07 48.03
C GLU F 64 42.87 -18.58 47.84
N LEU F 65 42.36 -19.34 48.82
CA LEU F 65 42.48 -20.81 48.78
C LEU F 65 41.71 -21.34 47.57
N ILE F 66 40.53 -20.77 47.31
CA ILE F 66 39.74 -21.20 46.13
C ILE F 66 40.62 -21.06 44.89
N ARG F 67 41.36 -19.95 44.79
CA ARG F 67 42.16 -19.69 43.57
C ARG F 67 43.23 -20.77 43.39
N ARG F 68 43.94 -21.14 44.45
CA ARG F 68 45.04 -22.14 44.31
C ARG F 68 44.46 -23.51 43.92
N ILE F 69 43.32 -23.89 44.49
CA ILE F 69 42.67 -25.17 44.08
C ILE F 69 42.32 -25.03 42.60
N ALA F 70 41.80 -23.88 42.21
CA ALA F 70 41.50 -23.62 40.77
C ALA F 70 42.81 -23.62 39.98
N GLN F 71 43.87 -23.06 40.55
CA GLN F 71 45.18 -22.99 39.85
C GLN F 71 45.64 -24.43 39.59
N ARG F 72 45.42 -25.34 40.54
CA ARG F 72 45.79 -26.71 40.24
C ARG F 72 44.68 -27.41 39.47
N TRP F 73 43.50 -26.81 39.41
CA TRP F 73 42.45 -27.41 38.55
C TRP F 73 42.90 -27.07 37.14
N ARG F 74 43.56 -25.92 37.00
CA ARG F 74 44.14 -25.54 35.69
C ARG F 74 45.25 -26.52 35.35
N GLU F 75 46.05 -26.94 36.35
CA GLU F 75 47.24 -27.79 36.06
C GLU F 75 46.93 -29.29 36.21
N LEU F 76 45.73 -29.65 36.69
CA LEU F 76 45.36 -31.03 36.91
C LEU F 76 45.47 -31.84 35.62
N PRO F 77 45.68 -33.15 35.73
CA PRO F 77 45.70 -33.99 34.53
C PRO F 77 44.29 -34.20 33.97
N ASP F 78 44.24 -34.63 32.71
CA ASP F 78 42.96 -34.82 32.05
C ASP F 78 42.23 -36.05 32.55
N SER F 79 42.96 -37.03 33.09
CA SER F 79 42.32 -38.27 33.56
C SER F 79 41.43 -38.01 34.77
N LYS F 80 41.89 -37.14 35.68
CA LYS F 80 41.05 -36.77 36.82
C LYS F 80 39.77 -36.07 36.36
N LYS F 81 39.89 -35.17 35.39
CA LYS F 81 38.71 -34.53 34.83
C LYS F 81 37.79 -35.55 34.20
N LYS F 82 38.36 -36.55 33.52
CA LYS F 82 37.54 -37.58 32.87
C LYS F 82 36.77 -38.40 33.91
N ILE F 83 37.42 -38.80 35.00
CA ILE F 83 36.73 -39.62 35.99
C ILE F 83 35.68 -38.80 36.72
N TYR F 84 35.99 -37.53 37.02
CA TYR F 84 34.97 -36.66 37.62
C TYR F 84 33.78 -36.48 36.69
N GLN F 85 34.04 -36.34 35.39
CA GLN F 85 32.95 -36.17 34.43
C GLN F 85 32.10 -37.43 34.32
N ASP F 86 32.73 -38.60 34.37
CA ASP F 86 31.97 -39.86 34.35
C ASP F 86 31.07 -39.97 35.58
N ALA F 87 31.62 -39.67 36.76
CA ALA F 87 30.81 -39.71 37.97
C ALA F 87 29.67 -38.70 37.90
N TYR F 88 29.95 -37.50 37.38
CA TYR F 88 28.92 -36.48 37.26
C TYR F 88 27.81 -36.92 36.31
N ARG F 89 28.17 -37.56 35.19
CA ARG F 89 27.16 -38.05 34.26
C ARG F 89 26.30 -39.13 34.89
N ALA F 90 26.91 -40.06 35.62
CA ALA F 90 26.13 -41.09 36.29
C ALA F 90 25.16 -40.49 37.30
N GLU F 91 25.66 -39.57 38.15
CA GLU F 91 24.79 -38.94 39.13
C GLU F 91 23.73 -38.08 38.46
N TRP F 92 24.04 -37.52 37.29
CA TRP F 92 23.07 -36.73 36.55
C TRP F 92 21.91 -37.59 36.06
N GLN F 93 22.23 -38.74 35.47
CA GLN F 93 21.18 -39.66 35.05
C GLN F 93 20.34 -40.09 36.24
N VAL F 94 21.04 -40.45 37.32
CA VAL F 94 20.34 -40.86 38.57
C VAL F 94 19.38 -39.73 38.93
N TYR F 95 19.87 -38.51 39.10
CA TYR F 95 18.98 -37.41 39.56
C TYR F 95 17.84 -37.23 38.56
N LYS F 96 18.15 -37.28 37.26
CA LYS F 96 17.09 -37.17 36.22
C LYS F 96 15.97 -38.17 36.56
N GLU F 97 16.34 -39.32 37.12
CA GLU F 97 15.35 -40.35 37.41
C GLU F 97 14.53 -40.02 38.66
N GLU F 98 15.20 -39.69 39.78
CA GLU F 98 14.42 -39.40 40.99
C GLU F 98 13.57 -38.14 40.84
N ILE F 99 14.07 -37.10 40.16
CA ILE F 99 13.24 -35.92 40.02
C ILE F 99 12.03 -36.21 39.13
N SER F 100 12.23 -37.00 38.07
CA SER F 100 11.11 -37.35 37.20
C SER F 100 10.06 -38.13 37.97
N ARG F 101 10.49 -39.07 38.81
CA ARG F 101 9.52 -39.81 39.62
C ARG F 101 8.86 -38.92 40.68
N PHE F 102 9.62 -38.01 41.27
CA PHE F 102 9.11 -37.25 42.41
C PHE F 102 8.11 -36.18 41.99
N LYS F 103 8.34 -35.54 40.84
CA LYS F 103 7.42 -34.48 40.45
C LYS F 103 6.07 -35.04 40.01
N GLU F 104 5.95 -36.36 39.88
CA GLU F 104 4.68 -36.95 39.45
C GLU F 104 3.75 -37.18 40.64
N GLN F 105 4.28 -37.65 41.77
CA GLN F 105 3.45 -38.08 42.89
C GLN F 105 2.92 -36.91 43.71
N LEU F 106 3.42 -35.70 43.52
CA LEU F 106 3.02 -34.58 44.36
C LEU F 106 1.61 -34.10 44.00
N THR F 107 0.99 -33.39 44.94
CA THR F 107 -0.38 -32.93 44.81
C THR F 107 -0.45 -31.56 44.15
N PRO F 108 -1.59 -31.22 43.53
CA PRO F 108 -1.71 -29.89 42.89
C PRO F 108 -1.56 -28.74 43.86
N SER F 109 -1.98 -28.91 45.11
CA SER F 109 -1.79 -27.85 46.10
C SER F 109 -0.30 -27.56 46.29
N GLN F 110 0.53 -28.60 46.23
CA GLN F 110 1.98 -28.38 46.28
C GLN F 110 2.47 -27.68 45.02
N ILE F 111 1.85 -27.95 43.87
CA ILE F 111 2.19 -27.19 42.67
C ILE F 111 1.93 -25.70 42.89
N MET F 112 0.77 -25.38 43.46
CA MET F 112 0.46 -23.98 43.77
C MET F 112 1.46 -23.40 44.75
N SER F 113 1.83 -24.18 45.77
CA SER F 113 2.79 -23.69 46.76
C SER F 113 4.13 -23.35 46.10
N LEU F 114 4.66 -24.27 45.29
CA LEU F 114 5.95 -24.02 44.65
C LEU F 114 5.88 -22.84 43.68
N GLU F 115 4.82 -22.74 42.88
CA GLU F 115 4.76 -21.63 41.94
C GLU F 115 4.65 -20.30 42.67
N LYS F 116 3.84 -20.24 43.72
CA LYS F 116 3.73 -19.01 44.49
C LYS F 116 5.06 -18.63 45.12
N GLU F 117 5.77 -19.62 45.69
CA GLU F 117 7.04 -19.32 46.33
C GLU F 117 8.09 -18.86 45.33
N ILE F 118 8.14 -19.48 44.14
CA ILE F 118 9.16 -19.08 43.17
C ILE F 118 8.84 -17.69 42.62
N MET F 119 7.56 -17.40 42.37
CA MET F 119 7.21 -16.05 41.92
C MET F 119 7.55 -15.01 42.97
N ASP F 120 7.26 -15.31 44.24
CA ASP F 120 7.62 -14.41 45.32
C ASP F 120 9.12 -14.22 45.41
N LYS F 121 9.89 -15.29 45.20
CA LYS F 121 11.34 -15.21 45.27
C LYS F 121 11.89 -14.32 44.16
N HIS F 122 11.41 -14.49 42.93
CA HIS F 122 11.86 -13.62 41.84
C HIS F 122 11.47 -12.17 42.09
N LEU F 123 10.25 -11.94 42.58
CA LEU F 123 9.85 -10.56 42.88
C LEU F 123 10.72 -9.96 43.97
N LYS F 124 11.04 -10.73 45.01
CA LYS F 124 11.90 -10.24 46.08
C LYS F 124 13.30 -9.95 45.57
N ARG F 125 13.83 -10.80 44.69
CA ARG F 125 15.14 -10.55 44.10
C ARG F 125 15.14 -9.27 43.29
N LYS F 126 14.09 -9.07 42.48
CA LYS F 126 13.99 -7.84 41.69
C LYS F 126 13.93 -6.61 42.58
N ALA F 127 13.09 -6.67 43.61
CA ALA F 127 12.93 -5.52 44.53
C ALA F 127 14.26 -5.26 45.23
N MET F 128 14.92 -6.31 45.69
CA MET F 128 16.17 -6.10 46.48
C MET F 128 17.18 -5.37 45.60
N THR F 129 17.31 -5.78 44.34
CA THR F 129 18.30 -5.14 43.44
C THR F 129 17.90 -3.68 43.24
N LYS F 130 16.61 -3.41 43.07
CA LYS F 130 16.17 -2.02 42.78
C LYS F 130 16.52 -1.13 43.97
N LYS F 131 16.22 -1.62 45.18
CA LYS F 131 16.53 -0.83 46.40
C LYS F 131 18.04 -0.63 46.48
N LYS F 132 18.81 -1.66 46.13
CA LYS F 132 20.29 -1.55 46.26
C LYS F 132 20.83 -0.61 45.19
N GLU F 133 20.44 -0.78 43.93
CA GLU F 133 20.86 0.19 42.92
C GLU F 133 20.57 1.62 43.39
N LEU F 134 19.38 1.83 43.96
CA LEU F 134 19.03 3.17 44.45
C LEU F 134 19.96 3.61 45.57
N THR F 135 20.28 2.70 46.50
CA THR F 135 21.14 3.10 47.62
C THR F 135 22.59 3.25 47.17
N LEU F 136 22.98 2.58 46.08
CA LEU F 136 24.31 2.80 45.52
C LEU F 136 24.41 4.11 44.75
N LEU F 137 23.32 4.56 44.15
CA LEU F 137 23.31 5.83 43.42
C LEU F 137 23.22 7.03 44.35
N GLY F 138 23.26 6.83 45.66
CA GLY F 138 23.26 7.93 46.60
C GLY F 138 21.99 8.75 46.63
N LYS F 139 20.84 8.09 46.62
CA LYS F 139 19.57 8.80 46.70
C LYS F 139 19.43 9.44 48.08
N PRO F 140 18.94 10.66 48.17
CA PRO F 140 18.77 11.31 49.48
C PRO F 140 17.71 10.63 50.32
N LYS F 141 17.83 10.81 51.63
CA LYS F 141 16.89 10.24 52.58
C LYS F 141 15.62 11.07 52.68
N ARG F 142 14.56 10.42 53.16
CA ARG F 142 13.29 11.08 53.40
C ARG F 142 13.37 11.94 54.66
N PRO F 143 12.50 12.94 54.79
CA PRO F 143 12.51 13.78 55.99
C PRO F 143 12.24 12.99 57.26
N ARG F 144 12.91 13.37 58.35
CA ARG F 144 12.71 12.68 59.65
C ARG F 144 11.26 12.88 60.13
N SER F 145 10.84 12.14 61.15
CA SER F 145 9.41 12.22 61.58
C SER F 145 9.30 12.39 63.09
N ALA F 146 8.17 12.94 63.56
CA ALA F 146 7.94 13.12 65.00
C ALA F 146 8.16 11.80 65.74
N TYR F 147 7.68 10.70 65.17
CA TYR F 147 7.75 9.42 65.86
C TYR F 147 9.17 8.86 65.88
N ASN F 148 9.92 9.02 64.78
CA ASN F 148 11.31 8.59 64.77
C ASN F 148 12.13 9.36 65.79
N VAL F 149 11.87 10.66 65.94
CA VAL F 149 12.54 11.45 66.97
C VAL F 149 12.18 10.96 68.36
N TYR F 150 10.90 10.62 68.59
CA TYR F 150 10.49 10.09 69.88
C TYR F 150 11.20 8.78 70.20
N VAL F 151 11.31 7.90 69.19
CA VAL F 151 12.02 6.64 69.40
C VAL F 151 13.49 6.90 69.69
N ALA F 152 14.11 7.83 68.95
CA ALA F 152 15.52 8.13 69.17
C ALA F 152 15.75 8.67 70.58
N GLU F 153 14.84 9.52 71.07
CA GLU F 153 14.92 9.96 72.46
C GLU F 153 14.77 8.79 73.42
N ARG F 154 13.85 7.86 73.11
CA ARG F 154 13.66 6.69 73.96
C ARG F 154 14.91 5.82 74.00
N PHE F 155 15.55 5.63 72.85
CA PHE F 155 16.78 4.84 72.75
C PHE F 155 16.58 3.42 73.29
N GLN F 164 9.65 -3.87 68.83
CA GLN F 164 9.33 -4.81 69.93
C GLN F 164 9.29 -4.04 71.27
N GLU F 165 10.40 -4.05 72.02
CA GLU F 165 10.40 -3.40 73.34
C GLU F 165 10.14 -1.90 73.16
N LYS F 166 10.83 -1.28 72.20
CA LYS F 166 10.64 0.16 71.92
C LYS F 166 9.23 0.39 71.38
N LEU F 167 8.74 -0.52 70.53
CA LEU F 167 7.41 -0.34 69.91
C LEU F 167 6.38 -0.26 71.04
N LYS F 168 6.57 -1.07 72.09
CA LYS F 168 5.66 -1.04 73.25
C LYS F 168 5.77 0.32 73.95
N THR F 169 6.98 0.81 74.22
CA THR F 169 7.15 2.03 74.99
C THR F 169 6.65 3.25 74.24
N VAL F 170 6.97 3.35 72.95
CA VAL F 170 6.59 4.54 72.18
C VAL F 170 5.08 4.59 71.98
N LYS F 171 4.43 3.43 71.96
CA LYS F 171 2.97 3.39 71.70
C LYS F 171 2.25 4.27 72.72
N GLU F 172 2.38 3.94 74.01
CA GLU F 172 1.70 4.71 75.10
C GLU F 172 2.25 6.13 75.14
N ASN F 173 3.57 6.30 74.95
CA ASN F 173 4.21 7.63 75.06
C ASN F 173 3.69 8.57 73.96
N TRP F 174 3.15 8.02 72.87
CA TRP F 174 2.73 8.87 71.74
C TRP F 174 1.68 9.88 72.19
N LYS F 175 0.75 9.47 73.08
CA LYS F 175 -0.33 10.41 73.47
C LYS F 175 0.34 11.69 73.95
N ASN F 176 -0.08 12.85 73.44
CA ASN F 176 0.64 14.09 73.78
C ASN F 176 -0.24 15.09 74.52
N LEU F 177 0.25 15.63 75.64
CA LEU F 177 -0.50 16.69 76.37
C LEU F 177 0.08 18.05 76.00
N SER F 178 1.05 18.08 75.07
CA SER F 178 1.73 19.34 74.70
C SER F 178 1.47 19.70 73.24
N ASP F 179 0.87 20.87 72.97
CA ASP F 179 0.68 21.32 71.56
C ASP F 179 2.08 21.59 71.00
N SER F 180 2.99 22.10 71.83
CA SER F 180 4.37 22.44 71.38
C SER F 180 5.11 21.19 70.89
N GLU F 181 4.83 20.02 71.47
CA GLU F 181 5.63 18.82 71.07
C GLU F 181 5.45 18.60 69.57
N LYS F 182 4.22 18.72 69.05
CA LYS F 182 4.01 18.63 67.59
C LYS F 182 4.69 19.81 66.90
N GLU F 183 4.62 21.00 67.50
CA GLU F 183 5.18 22.24 66.87
C GLU F 183 6.70 22.13 66.72
N LEU F 184 7.44 21.88 67.81
CA LEU F 184 8.87 21.67 67.70
C LEU F 184 9.20 20.70 66.56
N TYR F 185 8.42 19.62 66.44
CA TYR F 185 8.65 18.64 65.39
C TYR F 185 8.48 19.25 64.01
N ILE F 186 7.50 20.14 63.85
CA ILE F 186 7.28 20.79 62.55
C ILE F 186 8.49 21.62 62.16
N GLN F 187 9.05 22.37 63.10
CA GLN F 187 10.26 23.13 62.81
C GLN F 187 11.40 22.22 62.42
N HIS F 188 11.58 21.11 63.13
CA HIS F 188 12.58 20.13 62.74
C HIS F 188 12.24 19.50 61.40
N ALA F 189 10.95 19.23 61.17
CA ALA F 189 10.52 18.72 59.87
C ALA F 189 10.78 19.76 58.77
N LYS F 190 10.49 21.03 59.05
CA LYS F 190 10.73 22.07 58.06
C LYS F 190 12.21 22.20 57.74
N GLU F 191 13.07 22.13 58.77
CA GLU F 191 14.51 22.22 58.54
C GLU F 191 15.01 21.03 57.72
N ASP F 192 14.57 19.83 58.06
CA ASP F 192 15.01 18.64 57.33
C ASP F 192 14.51 18.65 55.88
N GLU F 193 13.27 19.10 55.68
CA GLU F 193 12.69 19.12 54.34
C GLU F 193 13.47 20.03 53.41
N THR F 194 13.83 21.22 53.89
CA THR F 194 14.51 22.20 53.03
C THR F 194 15.85 21.68 52.56
N ARG F 195 16.63 21.09 53.47
CA ARG F 195 17.94 20.57 53.08
C ARG F 195 17.80 19.39 52.12
N TYR F 196 16.83 18.51 52.37
CA TYR F 196 16.66 17.34 51.52
C TYR F 196 16.16 17.71 50.13
N HIS F 197 15.27 18.70 50.06
CA HIS F 197 14.81 19.18 48.75
C HIS F 197 15.97 19.78 47.95
N ASN F 198 16.85 20.51 48.63
CA ASN F 198 18.04 21.01 47.98
C ASN F 198 18.92 19.87 47.49
N GLU F 199 19.03 18.80 48.29
CA GLU F 199 19.71 17.60 47.81
C GLU F 199 18.93 16.97 46.65
N MET F 200 17.60 16.96 46.74
CA MET F 200 16.80 16.32 45.70
C MET F 200 16.95 17.03 44.36
N LYS F 201 16.91 18.36 44.35
CA LYS F 201 17.15 19.08 43.11
C LYS F 201 18.59 18.91 42.66
N SER F 202 19.52 18.78 43.61
CA SER F 202 20.92 18.53 43.26
C SER F 202 21.11 17.11 42.73
N TRP F 203 20.51 16.13 43.39
CA TRP F 203 20.73 14.73 42.99
C TRP F 203 20.23 14.46 41.58
N GLU F 204 19.19 15.18 41.15
CA GLU F 204 18.66 14.98 39.81
C GLU F 204 19.68 15.36 38.74
N GLU F 205 20.64 16.21 39.10
CA GLU F 205 21.57 16.73 38.10
C GLU F 205 22.55 15.67 37.63
N GLN F 206 23.21 14.97 38.56
CA GLN F 206 24.20 13.98 38.17
C GLN F 206 23.58 12.80 37.45
N MET F 207 22.36 12.42 37.85
CA MET F 207 21.67 11.35 37.14
C MET F 207 21.47 11.71 35.68
N ILE F 208 21.18 12.98 35.40
CA ILE F 208 21.18 13.46 34.03
C ILE F 208 22.59 13.40 33.45
N GLU F 209 23.58 13.80 34.24
CA GLU F 209 24.97 13.77 33.77
C GLU F 209 25.42 12.35 33.47
N VAL F 210 25.09 11.41 34.36
CA VAL F 210 25.46 10.01 34.14
C VAL F 210 24.64 9.42 33.00
N GLY F 211 23.34 9.69 32.97
CA GLY F 211 22.49 9.17 31.92
C GLY F 211 21.20 8.55 32.44
N ARG F 212 21.08 8.44 33.76
CA ARG F 212 19.90 7.85 34.39
C ARG F 212 18.81 8.91 34.51
N LYS F 213 18.25 9.27 33.35
CA LYS F 213 17.22 10.30 33.31
C LYS F 213 15.87 9.76 33.78
N ASP F 214 15.69 8.43 33.72
CA ASP F 214 14.40 7.85 34.06
C ASP F 214 14.12 7.94 35.55
N LEU F 215 15.16 8.07 36.36
CA LEU F 215 14.97 8.05 37.81
C LEU F 215 14.38 9.37 38.32
N LEU F 216 14.34 10.39 37.46
CA LEU F 216 13.78 11.67 37.86
C LEU F 216 12.27 11.59 38.08
PG GTP G . -10.63 6.20 -32.96
O1G GTP G . -11.76 5.96 -32.00
O2G GTP G . -11.05 6.06 -34.39
O3G GTP G . -9.91 7.48 -32.68
O3B GTP G . -9.55 5.05 -32.69
PB GTP G . -8.33 4.94 -31.66
O1B GTP G . -7.87 3.53 -31.64
O2B GTP G . -7.36 6.02 -31.96
O3A GTP G . -9.05 5.29 -30.27
PA GTP G . -8.53 6.02 -28.94
O1A GTP G . -9.56 5.85 -27.87
O2A GTP G . -8.11 7.41 -29.28
O5' GTP G . -7.25 5.15 -28.58
C5' GTP G . -5.93 5.67 -28.87
C4' GTP G . -4.91 4.59 -28.64
O4' GTP G . -4.78 4.30 -27.24
C3' GTP G . -5.22 3.23 -29.27
O3' GTP G . -4.90 3.17 -30.65
C2' GTP G . -4.33 2.30 -28.44
O2' GTP G . -3.00 2.37 -28.89
C1' GTP G . -4.47 2.93 -27.05
N9 GTP G . -5.48 2.32 -26.22
C8 GTP G . -6.71 2.83 -25.88
N7 GTP G . -7.42 2.03 -25.12
C5 GTP G . -6.60 0.92 -24.95
C6 GTP G . -6.83 -0.28 -24.21
O6 GTP G . -7.83 -0.59 -23.57
N1 GTP G . -5.75 -1.14 -24.31
C2 GTP G . -4.59 -0.89 -25.01
N2 GTP G . -3.65 -1.84 -24.96
N3 GTP G . -4.36 0.22 -25.69
C4 GTP G . -5.41 1.08 -25.62
MG MG H . -8.01 8.30 -31.50
#